data_5GP4
#
_entry.id   5GP4
#
_cell.length_a   114.333
_cell.length_b   170.129
_cell.length_c   164.567
_cell.angle_alpha   90.00
_cell.angle_beta   90.00
_cell.angle_gamma   90.00
#
_symmetry.space_group_name_H-M   'C 2 2 21'
#
loop_
_entity.id
_entity.type
_entity.pdbx_description
1 polymer 'Glutamate decarboxylase'
2 non-polymer "PYRIDOXAL-5'-PHOSPHATE"
3 water water
#
_entity_poly.entity_id   1
_entity_poly.type   'polypeptide(L)'
_entity_poly.pdbx_seq_one_letter_code
;MAMLYGKHTHETDETLKPIFGASAERHDLPKYKLAKHALEPREADRLVRDQLLDEGNSRLNLATFCQTYMEPEAVELMKD
TLEKNAIDKSEYPRTAEIENRCVNIIANLWHAPEAESFTGTSTIGSSEACMLAGLAMKFAWRKRAKANGLDLTAHQPNIV
ISAGYQVCWEKFCVYWDIDMHVVPMDDDHMSLNVDHVLDYVDDYTIGIVGIMGITYTGQYDDLARLDAVVERYNRTTKFP
VYIHVDAASGGFYTPFIEPELKWDFRLNNVISINASGHKYGLVYPGVGWVIWRDQQYLPKELVFKVSYLGGELPTMAINF
SHSASQLIGQYYNFIRFGFDGYREIQEKTHDVARYLAKSLTKLGGFSLINDGHELPLICYELTADSDREWTLYDLSDRLL
MKGWQVPTYPLPKNMTDRVIQRIVVRADFGMSMAHDFIDDLTQAIHDLDQAHIVFHSDPQPKKYGFTH
;
_entity_poly.pdbx_strand_id   C,A,B
#
# COMPACT_ATOMS: atom_id res chain seq x y z
N GLU A 14 37.88 1.86 -5.53
CA GLU A 14 36.53 2.35 -6.02
C GLU A 14 35.47 2.51 -4.91
N THR A 15 35.32 1.50 -4.04
CA THR A 15 34.59 1.59 -2.71
C THR A 15 35.55 1.96 -1.55
N LEU A 16 36.86 1.94 -1.85
CA LEU A 16 37.88 2.47 -0.96
C LEU A 16 37.91 3.98 -0.94
N LYS A 17 37.56 4.64 -2.06
CA LYS A 17 37.66 6.10 -2.15
C LYS A 17 36.80 6.73 -1.05
N PRO A 18 37.34 7.78 -0.39
CA PRO A 18 36.49 8.64 0.39
C PRO A 18 35.45 9.29 -0.50
N ILE A 19 34.26 9.42 0.02
CA ILE A 19 33.19 10.10 -0.72
C ILE A 19 33.69 11.44 -1.34
N PHE A 20 34.35 12.29 -0.53
CA PHE A 20 34.83 13.58 -1.00
C PHE A 20 36.29 13.61 -1.51
N GLY A 21 36.84 12.41 -1.72
CA GLY A 21 38.11 12.20 -2.40
C GLY A 21 37.94 11.61 -3.79
N ALA A 22 36.70 11.29 -4.19
CA ALA A 22 36.43 10.55 -5.41
C ALA A 22 36.27 11.47 -6.63
N SER A 23 36.51 10.89 -7.79
CA SER A 23 36.41 11.59 -9.07
C SER A 23 35.08 12.36 -9.29
N ALA A 24 33.93 11.78 -8.92
CA ALA A 24 32.65 12.51 -9.13
C ALA A 24 32.55 13.83 -8.34
N GLU A 25 33.28 14.00 -7.25
CA GLU A 25 33.27 15.27 -6.53
C GLU A 25 34.32 16.26 -7.02
N ARG A 26 35.11 15.90 -8.05
CA ARG A 26 36.03 16.80 -8.80
C ARG A 26 35.33 17.38 -10.05
N HIS A 27 34.11 16.91 -10.36
CA HIS A 27 33.43 17.29 -11.63
C HIS A 27 32.01 17.76 -11.33
N ASP A 28 31.43 18.56 -12.23
CA ASP A 28 30.07 19.00 -12.13
C ASP A 28 29.12 17.80 -12.34
N LEU A 29 27.86 17.95 -11.89
CA LEU A 29 26.83 16.92 -12.17
C LEU A 29 26.29 17.09 -13.60
N PRO A 30 25.76 16.02 -14.20
CA PRO A 30 25.01 16.05 -15.44
C PRO A 30 23.85 16.96 -15.40
N LYS A 31 23.80 17.84 -16.39
CA LYS A 31 22.77 18.79 -16.55
C LYS A 31 22.04 18.69 -17.91
N TYR A 32 22.73 18.21 -18.94
CA TYR A 32 22.26 18.28 -20.33
C TYR A 32 22.23 16.91 -21.03
N LYS A 33 22.86 15.94 -20.41
CA LYS A 33 22.92 14.60 -20.94
C LYS A 33 23.43 13.62 -19.88
N LEU A 34 23.07 12.36 -20.03
CA LEU A 34 23.62 11.34 -19.16
C LEU A 34 25.12 11.24 -19.24
N ALA A 35 25.82 11.09 -18.10
CA ALA A 35 27.18 10.55 -18.17
C ALA A 35 27.15 9.13 -18.69
N LYS A 36 28.32 8.69 -19.15
CA LYS A 36 28.50 7.38 -19.73
C LYS A 36 28.46 6.30 -18.67
N HIS A 37 29.16 6.57 -17.58
CA HIS A 37 29.49 5.55 -16.58
C HIS A 37 28.60 5.65 -15.33
N ALA A 38 28.38 4.50 -14.72
CA ALA A 38 27.67 4.40 -13.45
C ALA A 38 28.54 4.98 -12.33
N LEU A 39 27.87 5.36 -11.24
CA LEU A 39 28.52 5.73 -9.99
C LEU A 39 28.11 4.73 -8.95
N GLU A 40 28.87 4.67 -7.86
CA GLU A 40 28.48 3.90 -6.67
C GLU A 40 27.26 4.56 -5.99
N PRO A 41 26.37 3.76 -5.35
CA PRO A 41 25.17 4.30 -4.71
C PRO A 41 25.43 5.41 -3.67
N ARG A 42 26.42 5.22 -2.82
CA ARG A 42 26.73 6.21 -1.79
C ARG A 42 27.16 7.55 -2.44
N GLU A 43 27.83 7.52 -3.57
CA GLU A 43 28.27 8.75 -4.24
C GLU A 43 27.12 9.53 -4.98
N ALA A 44 26.29 8.77 -5.70
CA ALA A 44 25.09 9.31 -6.33
C ALA A 44 24.19 9.92 -5.29
N ASP A 45 24.06 9.23 -4.17
CA ASP A 45 23.18 9.66 -3.09
C ASP A 45 23.67 10.98 -2.51
N ARG A 46 24.98 11.08 -2.29
CA ARG A 46 25.58 12.27 -1.71
C ARG A 46 25.46 13.46 -2.65
N LEU A 47 25.65 13.21 -3.96
CA LEU A 47 25.58 14.26 -4.97
C LEU A 47 24.19 14.78 -5.16
N VAL A 48 23.18 13.89 -5.14
CA VAL A 48 21.80 14.39 -5.28
C VAL A 48 21.36 15.13 -4.04
N ARG A 49 21.71 14.62 -2.86
CA ARG A 49 21.30 15.34 -1.64
C ARG A 49 21.98 16.69 -1.58
N ASP A 50 23.23 16.74 -2.00
CA ASP A 50 23.98 18.01 -1.95
C ASP A 50 23.42 19.09 -2.90
N GLN A 51 22.90 18.65 -4.00
CA GLN A 51 22.22 19.58 -4.93
C GLN A 51 21.01 20.22 -4.24
N LEU A 52 20.36 19.49 -3.30
CA LEU A 52 19.19 19.94 -2.59
C LEU A 52 19.41 20.74 -1.31
N LEU A 53 20.64 20.87 -0.85
CA LEU A 53 20.93 21.60 0.39
C LEU A 53 20.37 23.01 0.38
N ASP A 54 20.56 23.69 -0.76
CA ASP A 54 20.32 25.11 -0.80
C ASP A 54 18.91 25.51 -1.21
N GLU A 55 17.92 24.76 -0.74
CA GLU A 55 16.57 25.28 -0.74
C GLU A 55 16.13 25.43 0.72
N GLY A 56 15.09 26.24 0.88
CA GLY A 56 14.60 26.63 2.22
C GLY A 56 13.99 25.41 2.80
N ASN A 57 14.52 24.98 3.97
CA ASN A 57 13.88 24.00 4.81
C ASN A 57 12.35 24.26 4.76
N SER A 58 11.61 23.23 4.37
CA SER A 58 10.19 23.31 4.13
C SER A 58 9.36 23.76 5.29
N ARG A 59 9.76 23.46 6.52
CA ARG A 59 8.94 23.80 7.66
C ARG A 59 8.83 25.36 7.89
N LEU A 60 9.74 26.12 7.26
CA LEU A 60 9.81 27.58 7.39
C LEU A 60 9.19 28.25 6.13
N ASN A 61 8.69 27.46 5.23
CA ASN A 61 7.91 27.95 4.12
C ASN A 61 6.47 28.27 4.58
N LEU A 62 6.16 29.57 4.62
CA LEU A 62 4.86 30.03 5.07
C LEU A 62 3.95 30.47 3.93
N ALA A 63 4.28 30.16 2.69
CA ALA A 63 3.46 30.58 1.54
C ALA A 63 2.43 29.55 1.13
N THR A 64 2.53 28.33 1.67
CA THR A 64 1.85 27.20 1.12
C THR A 64 0.98 26.54 2.16
N PHE A 65 -0.12 25.92 1.70
CA PHE A 65 -0.96 25.09 2.50
C PHE A 65 -0.43 23.67 2.60
N CYS A 66 0.54 23.26 1.76
CA CYS A 66 0.95 21.88 1.66
C CYS A 66 1.76 21.40 2.89
N GLN A 67 1.50 20.19 3.32
CA GLN A 67 2.08 19.71 4.58
C GLN A 67 3.55 19.50 4.46
N THR A 68 4.24 19.92 5.51
CA THR A 68 5.69 19.85 5.51
C THR A 68 6.18 18.97 6.71
N TYR A 69 5.27 18.30 7.41
CA TYR A 69 5.60 17.34 8.46
C TYR A 69 4.57 16.24 8.48
N MET A 70 4.95 15.01 8.77
CA MET A 70 4.03 13.97 9.25
C MET A 70 4.71 13.25 10.38
N GLU A 71 3.95 12.51 11.15
CA GLU A 71 4.56 11.82 12.31
C GLU A 71 5.50 10.68 11.82
N PRO A 72 6.49 10.29 12.63
CA PRO A 72 7.46 9.29 12.02
C PRO A 72 6.84 7.98 11.57
N GLU A 73 5.76 7.52 12.22
CA GLU A 73 5.19 6.23 11.88
C GLU A 73 4.56 6.31 10.50
N ALA A 74 3.93 7.43 10.19
CA ALA A 74 3.35 7.66 8.83
C ALA A 74 4.44 7.76 7.76
N VAL A 75 5.56 8.40 8.08
CA VAL A 75 6.71 8.54 7.14
C VAL A 75 7.20 7.18 6.73
N GLU A 76 7.43 6.31 7.72
CA GLU A 76 7.91 4.97 7.51
C GLU A 76 6.87 4.15 6.76
N LEU A 77 5.60 4.31 7.07
CA LEU A 77 4.59 3.54 6.35
C LEU A 77 4.58 4.00 4.88
N MET A 78 4.69 5.31 4.64
CA MET A 78 4.75 5.84 3.25
C MET A 78 5.97 5.27 2.49
N LYS A 79 7.12 5.28 3.15
CA LYS A 79 8.31 4.69 2.60
C LYS A 79 8.07 3.25 2.19
N ASP A 80 7.53 2.47 3.11
CA ASP A 80 7.31 1.04 2.89
C ASP A 80 6.27 0.74 1.83
N THR A 81 5.42 1.72 1.48
CA THR A 81 4.43 1.49 0.43
C THR A 81 4.67 2.20 -0.93
N LEU A 82 5.88 2.73 -1.16
CA LEU A 82 6.20 3.42 -2.40
C LEU A 82 6.07 2.57 -3.66
N GLU A 83 6.23 1.28 -3.57
CA GLU A 83 6.08 0.44 -4.78
C GLU A 83 4.65 0.18 -5.16
N LYS A 84 3.68 0.58 -4.33
CA LYS A 84 2.26 0.24 -4.59
C LYS A 84 1.78 1.18 -5.62
N ASN A 85 0.82 0.74 -6.45
CA ASN A 85 0.30 1.52 -7.55
C ASN A 85 -1.17 1.67 -7.31
N ALA A 86 -1.55 2.87 -6.93
CA ALA A 86 -2.91 3.18 -6.56
C ALA A 86 -3.94 2.92 -7.62
N ILE A 87 -3.58 2.97 -8.89
CA ILE A 87 -4.56 2.68 -9.96
C ILE A 87 -4.89 1.20 -10.11
N ASP A 88 -3.96 0.35 -9.72
CA ASP A 88 -4.04 -1.02 -10.06
C ASP A 88 -4.85 -1.81 -8.94
N LYS A 89 -6.15 -1.66 -9.00
CA LYS A 89 -7.07 -2.27 -8.00
C LYS A 89 -7.01 -3.79 -7.91
N SER A 90 -6.79 -4.47 -9.02
CA SER A 90 -6.82 -5.92 -9.00
C SER A 90 -5.56 -6.51 -8.41
N GLU A 91 -4.45 -5.83 -8.57
CA GLU A 91 -3.20 -6.29 -7.97
C GLU A 91 -2.98 -5.74 -6.51
N TYR A 92 -3.60 -4.62 -6.18
CA TYR A 92 -3.49 -4.09 -4.82
C TYR A 92 -4.93 -3.86 -4.30
N PRO A 93 -5.70 -4.96 -4.09
CA PRO A 93 -7.09 -4.85 -3.63
C PRO A 93 -7.25 -4.35 -2.19
N ARG A 94 -6.25 -4.56 -1.36
CA ARG A 94 -6.24 -4.03 -0.02
C ARG A 94 -6.07 -2.50 -0.01
N THR A 95 -5.16 -2.02 -0.86
CA THR A 95 -4.98 -0.60 -1.06
C THR A 95 -6.28 0.06 -1.63
N ALA A 96 -6.92 -0.60 -2.57
CA ALA A 96 -8.21 -0.15 -3.12
C ALA A 96 -9.34 -0.14 -2.10
N GLU A 97 -9.34 -1.09 -1.18
CA GLU A 97 -10.30 -1.12 -0.08
C GLU A 97 -10.02 0.06 0.88
N ILE A 98 -8.76 0.34 1.17
CA ILE A 98 -8.45 1.47 2.01
C ILE A 98 -8.95 2.75 1.32
N GLU A 99 -8.80 2.82 0.01
CA GLU A 99 -9.26 3.98 -0.72
C GLU A 99 -10.75 4.15 -0.58
N ASN A 100 -11.51 3.07 -0.82
CA ASN A 100 -12.97 3.07 -0.63
C ASN A 100 -13.38 3.51 0.77
N ARG A 101 -12.64 3.04 1.77
CA ARG A 101 -12.90 3.44 3.15
C ARG A 101 -12.66 4.90 3.38
N CYS A 102 -11.55 5.45 2.87
CA CYS A 102 -11.37 6.93 2.94
C CYS A 102 -12.53 7.70 2.27
N VAL A 103 -12.98 7.28 1.08
CA VAL A 103 -14.15 7.97 0.41
C VAL A 103 -15.38 7.96 1.36
N ASN A 104 -15.70 6.81 1.95
CA ASN A 104 -16.81 6.70 2.91
C ASN A 104 -16.63 7.66 4.07
N ILE A 105 -15.44 7.64 4.65
CA ILE A 105 -15.13 8.42 5.82
C ILE A 105 -15.29 9.86 5.49
N ILE A 106 -14.78 10.26 4.34
CA ILE A 106 -14.80 11.66 4.03
C ILE A 106 -16.28 12.10 3.67
N ALA A 107 -16.98 11.24 2.94
CA ALA A 107 -18.38 11.49 2.60
C ALA A 107 -19.20 11.71 3.87
N ASN A 108 -19.07 10.80 4.85
CA ASN A 108 -19.67 10.98 6.17
C ASN A 108 -19.22 12.26 6.86
N LEU A 109 -17.95 12.57 6.81
CA LEU A 109 -17.52 13.81 7.43
C LEU A 109 -18.24 15.01 6.83
N TRP A 110 -18.51 14.95 5.53
CA TRP A 110 -19.19 16.05 4.83
C TRP A 110 -20.73 15.84 4.72
N HIS A 111 -21.28 14.94 5.54
CA HIS A 111 -22.74 14.76 5.74
C HIS A 111 -23.46 14.35 4.46
N ALA A 112 -22.81 13.50 3.66
CA ALA A 112 -23.42 12.88 2.48
C ALA A 112 -24.69 12.22 3.01
N PRO A 113 -25.82 12.43 2.34
CA PRO A 113 -27.06 11.93 2.95
C PRO A 113 -27.22 10.42 2.74
N GLU A 114 -27.62 9.72 3.81
CA GLU A 114 -27.90 8.28 3.76
C GLU A 114 -28.91 7.91 2.71
N ALA A 115 -29.90 8.77 2.47
CA ALA A 115 -30.97 8.49 1.49
C ALA A 115 -30.52 8.49 0.01
N GLU A 116 -29.34 9.08 -0.28
CA GLU A 116 -28.75 9.03 -1.60
C GLU A 116 -27.48 8.16 -1.49
N SER A 117 -26.92 7.83 -2.64
CA SER A 117 -25.77 6.94 -2.76
C SER A 117 -24.53 7.69 -3.27
N PHE A 118 -23.77 8.26 -2.37
CA PHE A 118 -22.52 8.97 -2.78
C PHE A 118 -21.49 8.08 -3.48
N THR A 119 -20.68 8.66 -4.37
CA THR A 119 -19.51 8.01 -4.94
C THR A 119 -18.42 9.07 -4.91
N GLY A 120 -17.21 8.61 -5.01
CA GLY A 120 -16.07 9.47 -5.17
C GLY A 120 -14.79 8.69 -5.34
N THR A 121 -13.66 9.39 -5.27
CA THR A 121 -12.36 8.78 -5.51
C THR A 121 -11.29 9.69 -4.92
N SER A 122 -10.13 9.07 -4.66
CA SER A 122 -8.91 9.82 -4.43
C SER A 122 -8.42 10.35 -5.79
N THR A 123 -7.68 11.43 -5.69
CA THR A 123 -7.04 12.08 -6.78
C THR A 123 -5.57 12.39 -6.36
N ILE A 124 -4.76 12.94 -7.27
CA ILE A 124 -3.43 13.53 -6.88
C ILE A 124 -3.51 14.76 -6.01
N GLY A 125 -4.54 15.57 -6.24
CA GLY A 125 -4.79 16.74 -5.52
C GLY A 125 -6.13 17.36 -5.89
N SER A 126 -6.39 18.53 -5.32
CA SER A 126 -7.62 19.19 -5.65
C SER A 126 -7.72 19.64 -7.14
N SER A 127 -6.62 19.92 -7.85
CA SER A 127 -6.73 20.21 -9.30
C SER A 127 -7.45 19.16 -10.07
N GLU A 128 -6.98 17.93 -9.99
CA GLU A 128 -7.65 16.82 -10.70
C GLU A 128 -9.11 16.65 -10.23
N ALA A 129 -9.33 16.72 -8.91
CA ALA A 129 -10.67 16.72 -8.31
C ALA A 129 -11.61 17.79 -8.89
N CYS A 130 -11.17 19.05 -8.87
CA CYS A 130 -11.93 20.17 -9.45
C CYS A 130 -12.25 19.92 -10.91
N MET A 131 -11.27 19.45 -11.65
CA MET A 131 -11.46 19.20 -13.06
C MET A 131 -12.48 18.07 -13.35
N LEU A 132 -12.43 16.99 -12.57
CA LEU A 132 -13.37 15.93 -12.73
C LEU A 132 -14.80 16.36 -12.30
N ALA A 133 -14.91 17.18 -11.24
CA ALA A 133 -16.21 17.81 -10.88
C ALA A 133 -16.80 18.77 -11.92
N GLY A 134 -15.94 19.61 -12.48
CA GLY A 134 -16.32 20.60 -13.48
C GLY A 134 -16.75 19.88 -14.74
N LEU A 135 -16.08 18.78 -15.04
CA LEU A 135 -16.41 18.01 -16.24
C LEU A 135 -17.73 17.26 -16.09
N ALA A 136 -17.98 16.70 -14.89
CA ALA A 136 -19.30 16.13 -14.54
C ALA A 136 -20.40 17.17 -14.74
N MET A 137 -20.17 18.39 -14.25
CA MET A 137 -21.12 19.45 -14.43
C MET A 137 -21.31 19.82 -15.91
N LYS A 138 -20.23 19.84 -16.71
CA LYS A 138 -20.33 20.21 -18.13
C LYS A 138 -21.17 19.18 -18.93
N PHE A 139 -20.89 17.89 -18.69
CA PHE A 139 -21.59 16.82 -19.37
C PHE A 139 -23.03 16.71 -18.95
N ALA A 140 -23.34 16.97 -17.69
CA ALA A 140 -24.71 16.94 -17.25
C ALA A 140 -25.49 18.16 -17.80
N TRP A 141 -24.85 19.34 -17.81
CA TRP A 141 -25.39 20.54 -18.42
C TRP A 141 -25.66 20.35 -19.93
N ARG A 142 -24.72 19.77 -20.62
CA ARG A 142 -24.89 19.47 -22.03
C ARG A 142 -26.15 18.62 -22.36
N LYS A 143 -26.43 17.57 -21.58
CA LYS A 143 -27.65 16.74 -21.80
C LYS A 143 -28.89 17.55 -21.60
N ARG A 144 -28.92 18.28 -20.49
CA ARG A 144 -30.03 19.16 -20.13
C ARG A 144 -30.24 20.26 -21.19
N ALA A 145 -29.15 20.82 -21.69
CA ALA A 145 -29.26 21.85 -22.70
C ALA A 145 -29.78 21.29 -24.06
N LYS A 146 -29.23 20.16 -24.51
CA LYS A 146 -29.75 19.44 -25.69
C LYS A 146 -31.25 19.20 -25.61
N ALA A 147 -31.69 18.64 -24.49
CA ALA A 147 -33.08 18.26 -24.25
C ALA A 147 -34.07 19.44 -24.17
N ASN A 148 -33.57 20.66 -23.88
CA ASN A 148 -34.33 21.90 -23.91
C ASN A 148 -34.07 22.67 -25.19
N GLY A 149 -33.38 22.08 -26.16
CA GLY A 149 -33.09 22.75 -27.45
C GLY A 149 -32.29 24.04 -27.45
N LEU A 150 -31.39 24.22 -26.49
CA LEU A 150 -30.50 25.38 -26.50
C LEU A 150 -29.55 25.28 -27.66
N ASP A 151 -29.25 26.42 -28.22
CA ASP A 151 -28.31 26.53 -29.31
C ASP A 151 -26.88 26.44 -28.73
N LEU A 152 -26.26 25.26 -28.85
CA LEU A 152 -24.92 25.03 -28.31
C LEU A 152 -23.81 25.74 -29.09
N THR A 153 -24.13 26.33 -30.24
CA THR A 153 -23.12 27.00 -31.07
C THR A 153 -22.99 28.49 -30.74
N ALA A 154 -23.95 29.04 -30.01
CA ALA A 154 -24.04 30.52 -29.81
C ALA A 154 -23.13 31.07 -28.72
N HIS A 155 -22.94 30.29 -27.64
CA HIS A 155 -22.09 30.72 -26.53
C HIS A 155 -21.42 29.46 -25.97
N GLN A 156 -20.22 29.62 -25.44
CA GLN A 156 -19.60 28.56 -24.70
C GLN A 156 -20.41 28.36 -23.44
N PRO A 157 -20.38 27.15 -22.87
CA PRO A 157 -20.83 27.00 -21.50
C PRO A 157 -20.01 27.90 -20.52
N ASN A 158 -20.59 28.20 -19.35
CA ASN A 158 -19.87 28.93 -18.34
C ASN A 158 -19.89 28.30 -17.00
N ILE A 159 -18.98 28.79 -16.16
CA ILE A 159 -19.13 28.55 -14.70
C ILE A 159 -18.95 29.88 -13.99
N VAL A 160 -19.56 29.94 -12.82
CA VAL A 160 -19.53 31.13 -12.00
C VAL A 160 -18.67 30.85 -10.79
N ILE A 161 -17.80 31.78 -10.41
CA ILE A 161 -16.88 31.61 -9.25
C ILE A 161 -16.35 32.95 -8.79
N SER A 162 -15.92 33.04 -7.54
CA SER A 162 -15.28 34.25 -7.01
C SER A 162 -13.99 34.47 -7.72
N ALA A 163 -13.62 35.73 -7.87
CA ALA A 163 -12.31 36.19 -8.30
C ALA A 163 -11.08 35.61 -7.54
N GLY A 164 -11.27 35.10 -6.32
CA GLY A 164 -10.18 34.41 -5.62
C GLY A 164 -10.01 32.94 -5.96
N TYR A 165 -10.45 32.53 -7.18
CA TYR A 165 -10.31 31.18 -7.63
C TYR A 165 -8.82 30.79 -7.65
N GLN A 166 -8.51 29.53 -7.33
CA GLN A 166 -7.19 29.05 -7.47
C GLN A 166 -7.01 28.68 -8.94
N VAL A 167 -5.76 28.76 -9.42
CA VAL A 167 -5.46 28.66 -10.85
C VAL A 167 -6.01 27.38 -11.51
N CYS A 168 -6.25 26.33 -10.73
CA CYS A 168 -6.79 25.16 -11.35
C CYS A 168 -8.16 25.38 -12.03
N TRP A 169 -8.98 26.30 -11.55
CA TRP A 169 -10.24 26.63 -12.27
C TRP A 169 -10.05 27.35 -13.59
N GLU A 170 -8.98 28.13 -13.69
CA GLU A 170 -8.64 28.79 -14.94
C GLU A 170 -8.13 27.78 -15.95
N LYS A 171 -7.34 26.84 -15.48
CA LYS A 171 -6.95 25.71 -16.33
C LYS A 171 -8.13 24.89 -16.78
N PHE A 172 -9.05 24.60 -15.86
CA PHE A 172 -10.22 23.86 -16.23
C PHE A 172 -10.92 24.62 -17.36
N CYS A 173 -11.06 25.92 -17.21
CA CYS A 173 -11.83 26.69 -18.20
C CYS A 173 -11.12 26.79 -19.54
N VAL A 174 -9.79 26.95 -19.52
CA VAL A 174 -9.06 27.00 -20.76
C VAL A 174 -9.14 25.65 -21.39
N TYR A 175 -8.82 24.57 -20.67
CA TYR A 175 -8.71 23.29 -21.33
C TYR A 175 -10.03 22.78 -21.94
N TRP A 176 -11.15 23.11 -21.30
CA TRP A 176 -12.45 22.55 -21.71
C TRP A 176 -13.40 23.58 -22.38
N ASP A 177 -12.85 24.72 -22.79
CA ASP A 177 -13.61 25.78 -23.47
C ASP A 177 -14.83 26.17 -22.64
N ILE A 178 -14.61 26.65 -21.42
CA ILE A 178 -15.72 27.12 -20.62
C ILE A 178 -15.43 28.57 -20.42
N ASP A 179 -16.42 29.45 -20.47
CA ASP A 179 -16.17 30.84 -20.04
C ASP A 179 -16.24 30.93 -18.54
N MET A 180 -15.32 31.67 -17.96
CA MET A 180 -15.33 31.94 -16.54
C MET A 180 -16.09 33.21 -16.31
N HIS A 181 -17.16 33.14 -15.52
CA HIS A 181 -17.87 34.31 -15.10
C HIS A 181 -17.41 34.59 -13.70
N VAL A 182 -16.57 35.58 -13.57
CA VAL A 182 -15.90 35.89 -12.37
C VAL A 182 -16.66 36.98 -11.55
N VAL A 183 -17.04 36.64 -10.30
CA VAL A 183 -17.65 37.56 -9.38
C VAL A 183 -16.52 38.29 -8.64
N PRO A 184 -16.45 39.64 -8.76
CA PRO A 184 -15.29 40.33 -8.14
C PRO A 184 -15.31 40.45 -6.63
N MET A 185 -14.11 40.56 -6.08
CA MET A 185 -13.93 40.96 -4.69
C MET A 185 -13.93 42.47 -4.57
N ASP A 186 -14.24 42.95 -3.36
CA ASP A 186 -13.97 44.36 -2.96
C ASP A 186 -13.71 44.42 -1.46
N ASP A 187 -13.32 45.61 -0.96
CA ASP A 187 -13.07 45.88 0.49
C ASP A 187 -14.05 45.26 1.47
N ASP A 188 -15.32 45.14 1.11
CA ASP A 188 -16.30 44.54 2.02
C ASP A 188 -16.64 43.06 1.73
N HIS A 189 -16.03 42.51 0.68
CA HIS A 189 -16.37 41.15 0.16
C HIS A 189 -15.08 40.44 -0.26
N MET A 190 -14.38 39.92 0.75
CA MET A 190 -13.15 39.15 0.55
C MET A 190 -13.46 37.63 0.31
N SER A 191 -14.75 37.35 0.09
CA SER A 191 -15.29 36.11 -0.35
C SER A 191 -16.44 36.43 -1.34
N LEU A 192 -16.99 35.38 -1.95
CA LEU A 192 -17.97 35.42 -3.04
C LEU A 192 -19.10 36.34 -2.63
N ASN A 193 -19.44 37.31 -3.47
CA ASN A 193 -20.64 38.13 -3.21
C ASN A 193 -21.88 37.38 -3.65
N VAL A 194 -22.44 36.64 -2.71
CA VAL A 194 -23.57 35.76 -2.96
C VAL A 194 -24.80 36.54 -3.47
N ASP A 195 -25.06 37.73 -2.92
CA ASP A 195 -26.18 38.56 -3.37
C ASP A 195 -26.14 38.93 -4.87
N HIS A 196 -24.94 39.01 -5.44
CA HIS A 196 -24.73 39.37 -6.85
C HIS A 196 -24.57 38.20 -7.79
N VAL A 197 -24.46 36.98 -7.27
CA VAL A 197 -24.08 35.83 -8.11
C VAL A 197 -25.05 35.58 -9.30
N LEU A 198 -26.35 35.75 -9.11
CA LEU A 198 -27.30 35.58 -10.22
C LEU A 198 -27.12 36.53 -11.41
N ASP A 199 -26.37 37.63 -11.26
CA ASP A 199 -26.02 38.42 -12.44
C ASP A 199 -25.20 37.65 -13.41
N TYR A 200 -24.48 36.63 -12.93
CA TYR A 200 -23.53 35.86 -13.74
C TYR A 200 -24.05 34.54 -14.30
N VAL A 201 -25.25 34.14 -13.89
CA VAL A 201 -25.86 32.86 -14.26
C VAL A 201 -26.80 33.04 -15.48
N ASP A 202 -26.76 32.11 -16.42
CA ASP A 202 -27.74 32.09 -17.51
C ASP A 202 -27.94 30.66 -17.92
N ASP A 203 -28.50 30.42 -19.09
CA ASP A 203 -28.79 29.06 -19.58
C ASP A 203 -27.54 28.24 -19.89
N TYR A 204 -26.43 28.93 -20.12
CA TYR A 204 -25.16 28.31 -20.41
C TYR A 204 -24.30 27.93 -19.16
N THR A 205 -24.80 28.24 -17.97
CA THR A 205 -24.05 28.04 -16.73
C THR A 205 -24.08 26.60 -16.30
N ILE A 206 -22.91 25.98 -16.26
CA ILE A 206 -22.85 24.56 -15.88
C ILE A 206 -22.89 24.36 -14.40
N GLY A 207 -22.66 25.42 -13.63
CA GLY A 207 -22.55 25.29 -12.18
C GLY A 207 -21.94 26.51 -11.57
N ILE A 208 -22.04 26.57 -10.24
CA ILE A 208 -21.45 27.63 -9.42
C ILE A 208 -20.47 26.94 -8.46
N VAL A 209 -19.29 27.56 -8.31
CA VAL A 209 -18.27 27.04 -7.46
C VAL A 209 -18.27 27.92 -6.22
N GLY A 210 -18.51 27.34 -5.07
CA GLY A 210 -18.32 28.03 -3.81
C GLY A 210 -17.00 27.53 -3.26
N ILE A 211 -16.17 28.44 -2.75
CA ILE A 211 -14.81 28.12 -2.25
C ILE A 211 -14.84 28.17 -0.74
N MET A 212 -14.57 27.02 -0.13
CA MET A 212 -14.61 26.91 1.31
C MET A 212 -13.19 27.05 1.82
N GLY A 213 -12.72 28.29 1.76
CA GLY A 213 -11.39 28.66 2.17
C GLY A 213 -10.64 29.17 0.96
N ILE A 214 -10.63 30.49 0.80
CA ILE A 214 -10.04 31.09 -0.37
C ILE A 214 -8.53 31.23 -0.22
N THR A 215 -7.77 30.84 -1.25
CA THR A 215 -6.31 30.82 -1.17
C THR A 215 -5.74 32.19 -0.84
N TYR A 216 -6.21 33.22 -1.54
CA TYR A 216 -5.69 34.58 -1.35
C TYR A 216 -6.07 35.21 -0.02
N THR A 217 -7.27 34.94 0.50
CA THR A 217 -7.80 35.73 1.63
C THR A 217 -8.08 34.97 2.88
N GLY A 218 -8.11 33.64 2.81
CA GLY A 218 -8.37 32.85 3.96
C GLY A 218 -9.81 32.73 4.39
N GLN A 219 -10.74 33.17 3.53
CA GLN A 219 -12.16 33.29 3.93
C GLN A 219 -13.03 32.28 3.25
N TYR A 220 -14.14 31.97 3.94
CA TYR A 220 -15.18 31.10 3.49
C TYR A 220 -16.19 31.86 2.64
N ASP A 221 -16.54 31.29 1.50
CA ASP A 221 -17.71 31.69 0.78
C ASP A 221 -18.87 31.31 1.65
N ASP A 222 -19.93 32.14 1.65
CA ASP A 222 -21.13 31.88 2.46
C ASP A 222 -21.96 30.83 1.69
N LEU A 223 -21.56 29.57 1.80
CA LEU A 223 -22.21 28.50 1.04
C LEU A 223 -23.70 28.33 1.42
N ALA A 224 -24.04 28.53 2.68
CA ALA A 224 -25.46 28.38 3.13
C ALA A 224 -26.39 29.39 2.43
N ARG A 225 -25.98 30.65 2.41
CA ARG A 225 -26.69 31.70 1.67
C ARG A 225 -26.79 31.39 0.14
N LEU A 226 -25.69 30.92 -0.45
CA LEU A 226 -25.67 30.58 -1.87
C LEU A 226 -26.66 29.47 -2.18
N ASP A 227 -26.68 28.45 -1.35
CA ASP A 227 -27.64 27.35 -1.47
C ASP A 227 -29.10 27.90 -1.50
N ALA A 228 -29.41 28.83 -0.59
CA ALA A 228 -30.77 29.39 -0.49
C ALA A 228 -31.07 30.25 -1.75
N VAL A 229 -30.06 30.96 -2.29
CA VAL A 229 -30.24 31.70 -3.51
C VAL A 229 -30.51 30.80 -4.68
N VAL A 230 -29.75 29.72 -4.75
CA VAL A 230 -29.88 28.76 -5.82
C VAL A 230 -31.22 28.04 -5.79
N GLU A 231 -31.64 27.63 -4.60
CA GLU A 231 -32.90 26.90 -4.45
C GLU A 231 -34.03 27.79 -5.05
N ARG A 232 -34.03 29.07 -4.74
CA ARG A 232 -35.04 30.02 -5.27
C ARG A 232 -34.95 30.13 -6.78
N TYR A 233 -33.75 30.40 -7.30
CA TYR A 233 -33.55 30.48 -8.75
C TYR A 233 -34.00 29.23 -9.48
N ASN A 234 -33.72 28.05 -8.90
CA ASN A 234 -34.02 26.78 -9.58
C ASN A 234 -35.53 26.47 -9.75
N ARG A 235 -36.40 27.06 -8.93
CA ARG A 235 -37.87 26.83 -9.08
C ARG A 235 -38.48 27.59 -10.26
N THR A 236 -37.74 28.55 -10.82
CA THR A 236 -38.20 29.44 -11.88
C THR A 236 -37.69 29.07 -13.25
N THR A 237 -36.99 27.94 -13.43
CA THR A 237 -36.27 27.73 -14.67
C THR A 237 -36.16 26.24 -15.00
N LYS A 238 -36.02 25.95 -16.28
CA LYS A 238 -35.73 24.59 -16.72
C LYS A 238 -34.21 24.42 -16.97
N PHE A 239 -33.43 25.45 -16.67
CA PHE A 239 -31.96 25.32 -16.62
C PHE A 239 -31.45 25.51 -15.18
N PRO A 240 -31.78 24.55 -14.28
CA PRO A 240 -31.26 24.65 -12.93
C PRO A 240 -29.73 24.64 -12.86
N VAL A 241 -29.24 25.18 -11.77
CA VAL A 241 -27.83 25.31 -11.50
C VAL A 241 -27.56 24.83 -10.09
N TYR A 242 -26.45 24.11 -9.95
CA TYR A 242 -26.05 23.54 -8.66
C TYR A 242 -24.63 23.97 -8.26
N ILE A 243 -24.24 23.64 -7.05
CA ILE A 243 -23.01 24.11 -6.45
C ILE A 243 -21.97 23.00 -6.34
N HIS A 244 -20.76 23.32 -6.78
CA HIS A 244 -19.64 22.51 -6.46
C HIS A 244 -18.77 23.25 -5.37
N VAL A 245 -18.38 22.57 -4.28
CA VAL A 245 -17.64 23.27 -3.23
C VAL A 245 -16.16 22.99 -3.40
N ASP A 246 -15.36 24.01 -3.69
CA ASP A 246 -13.91 23.84 -3.69
C ASP A 246 -13.45 23.98 -2.25
N ALA A 247 -13.35 22.83 -1.56
CA ALA A 247 -12.87 22.85 -0.17
C ALA A 247 -11.44 22.32 -0.07
N ALA A 248 -10.64 22.62 -1.08
CA ALA A 248 -9.25 22.21 -1.05
C ALA A 248 -8.67 22.34 0.36
N SER A 249 -8.80 23.49 0.95
CA SER A 249 -8.30 23.69 2.31
C SER A 249 -9.33 23.43 3.42
N GLY A 250 -10.50 24.06 3.34
CA GLY A 250 -11.48 23.96 4.40
C GLY A 250 -12.02 22.59 4.66
N GLY A 251 -12.00 21.69 3.66
CA GLY A 251 -12.65 20.39 3.83
C GLY A 251 -12.24 19.49 4.99
N PHE A 252 -10.98 19.69 5.44
CA PHE A 252 -10.38 18.92 6.50
C PHE A 252 -10.06 19.81 7.66
N TYR A 253 -10.48 21.07 7.62
CA TYR A 253 -10.28 22.00 8.73
C TYR A 253 -11.64 22.33 9.44
N THR A 254 -12.58 22.84 8.63
CA THR A 254 -13.79 23.34 9.20
C THR A 254 -14.67 22.30 9.87
N PRO A 255 -14.66 21.03 9.40
CA PRO A 255 -15.47 20.08 10.13
C PRO A 255 -15.07 19.86 11.58
N PHE A 256 -13.81 20.06 11.91
CA PHE A 256 -13.30 19.85 13.27
C PHE A 256 -13.34 21.14 14.16
N ILE A 257 -13.34 22.34 13.58
CA ILE A 257 -13.41 23.50 14.45
C ILE A 257 -14.74 24.25 14.44
N GLU A 258 -15.49 24.26 13.32
CA GLU A 258 -16.87 24.80 13.26
C GLU A 258 -17.77 23.74 12.71
N PRO A 259 -18.01 22.67 13.49
CA PRO A 259 -18.85 21.56 12.94
C PRO A 259 -20.29 21.97 12.57
N GLU A 260 -20.77 23.09 13.13
CA GLU A 260 -22.15 23.61 12.89
C GLU A 260 -22.26 24.50 11.67
N LEU A 261 -21.15 24.95 11.12
CA LEU A 261 -21.19 25.83 9.96
C LEU A 261 -21.65 24.99 8.80
N LYS A 262 -22.83 25.31 8.23
CA LYS A 262 -23.40 24.51 7.14
C LYS A 262 -22.84 24.93 5.78
N TRP A 263 -21.95 24.10 5.25
CA TRP A 263 -21.24 24.33 3.96
C TRP A 263 -21.22 23.13 2.99
N ASP A 264 -21.58 21.93 3.48
CA ASP A 264 -21.27 20.70 2.81
C ASP A 264 -22.54 20.06 2.28
N PHE A 265 -22.63 18.72 2.23
CA PHE A 265 -23.81 18.10 1.65
C PHE A 265 -25.09 18.28 2.52
N ARG A 266 -24.98 18.83 3.72
CA ARG A 266 -26.18 19.27 4.44
C ARG A 266 -26.97 20.28 3.55
N LEU A 267 -26.31 21.02 2.67
CA LEU A 267 -27.01 21.93 1.78
C LEU A 267 -27.50 21.16 0.59
N ASN A 268 -28.79 21.23 0.29
CA ASN A 268 -29.40 20.42 -0.79
C ASN A 268 -28.80 20.56 -2.15
N ASN A 269 -28.39 21.77 -2.52
CA ASN A 269 -27.89 22.00 -3.87
C ASN A 269 -26.37 21.86 -4.07
N VAL A 270 -25.65 21.48 -3.03
CA VAL A 270 -24.22 21.12 -3.12
C VAL A 270 -24.18 19.68 -3.65
N ILE A 271 -23.73 19.52 -4.87
CA ILE A 271 -23.77 18.21 -5.48
C ILE A 271 -22.37 17.54 -5.46
N SER A 272 -21.32 18.35 -5.29
CA SER A 272 -19.95 17.80 -5.20
C SER A 272 -19.02 18.67 -4.45
N ILE A 273 -17.97 18.04 -3.93
CA ILE A 273 -17.01 18.71 -3.04
C ILE A 273 -15.63 18.06 -3.28
N ASN A 274 -14.57 18.86 -3.30
CA ASN A 274 -13.21 18.38 -3.33
C ASN A 274 -12.48 18.94 -2.13
N ALA A 275 -11.44 18.23 -1.73
CA ALA A 275 -10.50 18.68 -0.72
C ALA A 275 -9.13 18.07 -0.96
N SER A 276 -8.10 18.81 -0.52
CA SER A 276 -6.76 18.35 -0.62
C SER A 276 -6.39 17.69 0.71
N GLY A 277 -6.13 16.38 0.66
CA GLY A 277 -5.51 15.67 1.77
C GLY A 277 -4.16 16.21 2.17
N HIS A 278 -3.45 16.77 1.20
CA HIS A 278 -2.17 17.41 1.51
C HIS A 278 -2.22 18.84 1.96
N LYS A 279 -3.44 19.35 2.21
CA LYS A 279 -3.61 20.69 2.80
C LYS A 279 -3.97 20.33 4.27
N TYR A 280 -5.18 20.62 4.78
CA TYR A 280 -5.46 20.42 6.21
C TYR A 280 -5.83 18.98 6.50
N GLY A 281 -5.84 18.11 5.47
CA GLY A 281 -5.94 16.65 5.69
C GLY A 281 -4.67 16.02 6.31
N LEU A 282 -3.58 16.78 6.34
CA LEU A 282 -2.32 16.49 7.06
C LEU A 282 -1.38 15.43 6.40
N VAL A 283 -1.51 15.24 5.08
CA VAL A 283 -0.64 14.33 4.35
C VAL A 283 0.40 15.14 3.53
N TYR A 284 1.57 14.55 3.32
CA TYR A 284 2.53 15.14 2.46
C TYR A 284 1.96 15.19 0.99
N PRO A 285 2.54 15.99 0.13
CA PRO A 285 1.89 16.16 -1.20
C PRO A 285 1.67 14.89 -2.00
N GLY A 286 0.51 14.88 -2.58
CA GLY A 286 0.10 13.86 -3.48
C GLY A 286 -1.28 13.20 -3.34
N VAL A 287 -2.17 13.69 -2.52
CA VAL A 287 -3.55 13.10 -2.43
C VAL A 287 -4.58 14.21 -2.27
N GLY A 288 -5.63 14.06 -3.08
CA GLY A 288 -6.82 14.86 -3.01
C GLY A 288 -8.03 13.92 -3.06
N TRP A 289 -9.22 14.50 -2.93
CA TRP A 289 -10.45 13.73 -2.83
C TRP A 289 -11.55 14.57 -3.51
N VAL A 290 -12.42 13.89 -4.22
CA VAL A 290 -13.67 14.45 -4.73
C VAL A 290 -14.78 13.48 -4.44
N ILE A 291 -15.91 14.02 -3.99
CA ILE A 291 -17.08 13.26 -3.65
C ILE A 291 -18.34 13.87 -4.31
N TRP A 292 -19.16 13.03 -4.92
CA TRP A 292 -20.49 13.44 -5.47
C TRP A 292 -21.60 13.03 -4.49
N ARG A 293 -22.64 13.85 -4.28
CA ARG A 293 -23.64 13.50 -3.26
C ARG A 293 -24.45 12.27 -3.64
N ASP A 294 -24.53 11.98 -4.91
CA ASP A 294 -25.31 10.83 -5.39
C ASP A 294 -24.75 10.47 -6.75
N GLN A 295 -24.80 9.20 -7.11
CA GLN A 295 -24.38 8.69 -8.46
C GLN A 295 -24.96 9.41 -9.67
N GLN A 296 -26.15 10.00 -9.53
CA GLN A 296 -26.78 10.65 -10.67
C GLN A 296 -26.02 11.91 -11.12
N TYR A 297 -25.25 12.54 -10.20
CA TYR A 297 -24.44 13.73 -10.54
C TYR A 297 -23.11 13.42 -11.23
N LEU A 298 -22.80 12.12 -11.45
CA LEU A 298 -21.64 11.68 -12.21
C LEU A 298 -22.07 11.03 -13.53
N PRO A 299 -21.90 11.73 -14.67
CA PRO A 299 -22.31 11.13 -15.95
C PRO A 299 -21.55 9.84 -16.30
N LYS A 300 -22.27 8.85 -16.78
CA LYS A 300 -21.68 7.49 -17.00
C LYS A 300 -20.54 7.50 -17.99
N GLU A 301 -20.50 8.45 -18.91
CA GLU A 301 -19.40 8.46 -19.91
C GLU A 301 -18.06 8.97 -19.36
N LEU A 302 -18.03 9.52 -18.13
CA LEU A 302 -16.75 9.81 -17.44
C LEU A 302 -16.27 8.63 -16.61
N VAL A 303 -17.07 7.57 -16.50
CA VAL A 303 -16.68 6.37 -15.72
C VAL A 303 -16.03 5.34 -16.64
N PHE A 304 -14.75 5.04 -16.41
CA PHE A 304 -14.02 4.00 -17.11
C PHE A 304 -13.86 2.85 -16.16
N LYS A 305 -14.05 1.63 -16.68
CA LYS A 305 -14.24 0.45 -15.79
C LYS A 305 -12.94 -0.40 -15.64
N VAL A 306 -12.68 -0.83 -14.40
CA VAL A 306 -11.49 -1.63 -14.04
C VAL A 306 -11.97 -2.96 -13.43
N SER A 307 -11.31 -4.06 -13.79
CA SER A 307 -11.54 -5.41 -13.20
C SER A 307 -11.15 -5.42 -11.71
N TYR A 308 -11.86 -6.25 -10.93
CA TYR A 308 -11.71 -6.38 -9.45
C TYR A 308 -12.48 -7.61 -8.97
N LEU A 309 -11.86 -8.51 -8.20
CA LEU A 309 -12.50 -9.79 -7.81
C LEU A 309 -13.17 -10.50 -9.01
N GLY A 310 -12.50 -10.46 -10.17
CA GLY A 310 -13.05 -10.95 -11.45
C GLY A 310 -14.41 -10.40 -11.87
N GLY A 311 -14.70 -9.16 -11.48
CA GLY A 311 -15.96 -8.46 -11.78
C GLY A 311 -15.66 -7.13 -12.46
N GLU A 312 -16.25 -6.04 -11.95
CA GLU A 312 -16.04 -4.67 -12.48
C GLU A 312 -16.20 -3.59 -11.40
N LEU A 313 -15.28 -2.60 -11.38
CA LEU A 313 -15.37 -1.40 -10.49
C LEU A 313 -15.30 -0.04 -11.26
N PRO A 314 -16.19 0.93 -10.86
CA PRO A 314 -16.18 2.25 -11.53
C PRO A 314 -15.03 3.19 -11.03
N THR A 315 -14.41 3.92 -11.97
CA THR A 315 -13.35 4.92 -11.66
C THR A 315 -13.57 6.22 -12.47
N MET A 316 -13.30 7.34 -11.82
CA MET A 316 -13.24 8.64 -12.40
C MET A 316 -11.79 9.02 -12.15
N ALA A 317 -11.07 9.38 -13.14
CA ALA A 317 -9.64 9.68 -12.88
C ALA A 317 -9.05 10.24 -14.08
N ILE A 318 -8.19 11.24 -13.89
CA ILE A 318 -7.44 11.79 -14.99
C ILE A 318 -6.11 11.04 -15.10
N ASN A 319 -5.36 10.99 -13.99
CA ASN A 319 -4.13 10.20 -13.95
C ASN A 319 -4.36 8.72 -14.01
N PHE A 320 -3.33 8.00 -14.36
CA PHE A 320 -3.41 6.51 -14.28
C PHE A 320 -2.42 6.03 -13.16
N SER A 321 -1.32 5.34 -13.44
CA SER A 321 -0.42 4.92 -12.40
C SER A 321 0.09 6.07 -11.56
N HIS A 322 0.15 5.86 -10.26
CA HIS A 322 0.79 6.82 -9.36
C HIS A 322 1.02 6.16 -8.00
N SER A 323 1.69 6.88 -7.12
CA SER A 323 1.92 6.33 -5.78
C SER A 323 0.66 6.19 -4.96
N ALA A 324 0.56 5.08 -4.25
CA ALA A 324 -0.45 4.86 -3.19
C ALA A 324 -0.03 5.37 -1.82
N SER A 325 1.19 5.83 -1.69
CA SER A 325 1.70 6.20 -0.42
C SER A 325 0.87 7.29 0.29
N GLN A 326 0.44 8.28 -0.47
CA GLN A 326 -0.25 9.41 0.13
C GLN A 326 -1.68 8.99 0.65
N LEU A 327 -2.35 8.14 -0.10
CA LEU A 327 -3.68 7.73 0.25
C LEU A 327 -3.65 6.80 1.47
N ILE A 328 -2.61 5.98 1.57
CA ILE A 328 -2.44 5.12 2.73
C ILE A 328 -2.10 6.03 3.90
N GLY A 329 -1.24 7.02 3.68
CA GLY A 329 -0.99 8.06 4.69
C GLY A 329 -2.23 8.75 5.24
N GLN A 330 -3.16 9.08 4.34
CA GLN A 330 -4.45 9.67 4.69
C GLN A 330 -5.27 8.74 5.63
N TYR A 331 -5.40 7.48 5.28
CA TYR A 331 -6.05 6.47 6.12
C TYR A 331 -5.30 6.26 7.46
N TYR A 332 -3.96 6.21 7.44
CA TYR A 332 -3.20 6.22 8.66
C TYR A 332 -3.64 7.37 9.53
N ASN A 333 -3.70 8.57 8.98
CA ASN A 333 -4.08 9.77 9.79
C ASN A 333 -5.53 9.63 10.35
N PHE A 334 -6.42 9.18 9.52
CA PHE A 334 -7.76 8.98 9.99
C PHE A 334 -7.77 8.05 11.22
N ILE A 335 -6.97 6.98 11.19
CA ILE A 335 -7.03 5.92 12.24
C ILE A 335 -6.30 6.40 13.48
N ARG A 336 -5.17 7.04 13.27
CA ARG A 336 -4.33 7.48 14.31
C ARG A 336 -4.94 8.64 15.07
N PHE A 337 -5.42 9.64 14.31
CA PHE A 337 -5.97 10.87 14.94
C PHE A 337 -7.42 10.81 15.34
N GLY A 338 -8.24 10.20 14.52
CA GLY A 338 -9.68 10.23 14.74
C GLY A 338 -10.18 11.67 14.74
N PHE A 339 -11.44 11.83 15.13
CA PHE A 339 -12.04 13.16 15.19
C PHE A 339 -11.33 14.02 16.16
N ASP A 340 -11.12 13.54 17.40
CA ASP A 340 -10.49 14.41 18.44
C ASP A 340 -9.07 14.78 18.14
N GLY A 341 -8.33 13.86 17.56
CA GLY A 341 -6.95 14.26 17.24
C GLY A 341 -6.90 15.36 16.18
N TYR A 342 -7.62 15.16 15.09
CA TYR A 342 -7.75 16.23 14.03
C TYR A 342 -8.20 17.54 14.67
N ARG A 343 -9.15 17.48 15.59
CA ARG A 343 -9.65 18.66 16.24
C ARG A 343 -8.56 19.36 17.04
N GLU A 344 -7.86 18.59 17.88
CA GLU A 344 -6.77 19.19 18.65
C GLU A 344 -5.72 19.84 17.72
N ILE A 345 -5.38 19.16 16.61
CA ILE A 345 -4.37 19.73 15.73
C ILE A 345 -4.85 21.06 15.08
N GLN A 346 -6.09 21.06 14.62
CA GLN A 346 -6.61 22.22 13.93
C GLN A 346 -6.82 23.38 14.91
N GLU A 347 -7.28 23.09 16.13
CA GLU A 347 -7.38 24.08 17.24
C GLU A 347 -6.05 24.73 17.52
N LYS A 348 -4.96 23.94 17.65
CA LYS A 348 -3.63 24.52 17.90
C LYS A 348 -3.22 25.41 16.77
N THR A 349 -3.42 24.91 15.56
CA THR A 349 -3.17 25.69 14.35
C THR A 349 -3.93 27.05 14.35
N HIS A 350 -5.20 26.99 14.62
CA HIS A 350 -6.02 28.20 14.84
C HIS A 350 -5.38 29.15 15.89
N ASP A 351 -4.95 28.58 17.02
CA ASP A 351 -4.33 29.35 18.12
C ASP A 351 -3.12 30.07 17.64
N VAL A 352 -2.32 29.41 16.78
CA VAL A 352 -1.08 30.04 16.31
C VAL A 352 -1.40 31.16 15.34
N ALA A 353 -2.38 30.94 14.43
CA ALA A 353 -2.77 31.98 13.48
C ALA A 353 -3.22 33.25 14.23
N ARG A 354 -4.06 33.07 15.24
CA ARG A 354 -4.57 34.16 16.10
C ARG A 354 -3.46 34.86 16.92
N TYR A 355 -2.49 34.10 17.43
CA TYR A 355 -1.26 34.67 17.98
C TYR A 355 -0.51 35.55 16.95
N LEU A 356 -0.36 35.09 15.70
CA LEU A 356 0.33 35.90 14.72
C LEU A 356 -0.45 37.22 14.38
N ALA A 357 -1.77 37.11 14.27
CA ALA A 357 -2.66 38.26 13.95
C ALA A 357 -2.55 39.30 15.07
N LYS A 358 -2.66 38.88 16.33
CA LYS A 358 -2.46 39.78 17.49
C LYS A 358 -1.08 40.36 17.62
N SER A 359 -0.04 39.62 17.24
CA SER A 359 1.33 40.15 17.32
C SER A 359 1.56 41.18 16.22
N LEU A 360 1.05 40.93 15.00
CA LEU A 360 1.16 41.96 13.94
C LEU A 360 0.43 43.25 14.37
N THR A 361 -0.72 43.13 15.04
CA THR A 361 -1.46 44.36 15.38
C THR A 361 -0.68 45.09 16.50
N LYS A 362 -0.23 44.39 17.54
CA LYS A 362 0.66 45.01 18.56
C LYS A 362 1.98 45.64 18.01
N LEU A 363 2.51 45.16 16.89
CA LEU A 363 3.72 45.78 16.32
C LEU A 363 3.45 47.17 15.70
N GLY A 364 2.19 47.43 15.35
CA GLY A 364 1.85 48.65 14.62
C GLY A 364 2.46 48.61 13.23
N GLY A 365 1.88 49.39 12.32
CA GLY A 365 2.43 49.58 10.98
C GLY A 365 1.88 48.63 9.96
N PHE A 366 0.87 47.87 10.38
CA PHE A 366 0.24 46.82 9.57
C PHE A 366 -1.29 46.94 9.63
N SER A 367 -1.95 46.65 8.51
CA SER A 367 -3.39 46.53 8.53
C SER A 367 -3.77 45.11 8.19
N LEU A 368 -4.57 44.49 9.02
CA LEU A 368 -4.96 43.12 8.78
C LEU A 368 -6.10 43.11 7.77
N ILE A 369 -5.88 42.47 6.62
CA ILE A 369 -6.95 42.11 5.67
C ILE A 369 -7.73 40.88 6.13
N ASN A 370 -7.01 39.89 6.67
CA ASN A 370 -7.66 38.73 7.27
C ASN A 370 -6.92 38.38 8.53
N ASP A 371 -7.67 38.09 9.58
CA ASP A 371 -7.08 38.04 10.94
C ASP A 371 -7.05 36.60 11.43
N GLY A 372 -7.26 35.64 10.52
CA GLY A 372 -7.27 34.23 10.87
C GLY A 372 -8.44 33.70 11.66
N HIS A 373 -9.62 34.29 11.54
CA HIS A 373 -10.81 33.69 12.23
C HIS A 373 -11.37 32.46 11.53
N GLU A 374 -11.11 32.37 10.23
CA GLU A 374 -11.64 31.28 9.40
C GLU A 374 -10.48 30.32 9.14
N LEU A 375 -9.96 30.21 7.93
CA LEU A 375 -8.76 29.41 7.75
C LEU A 375 -7.66 29.98 8.57
N PRO A 376 -6.72 29.14 9.00
CA PRO A 376 -5.57 29.68 9.73
C PRO A 376 -4.52 30.37 8.83
N LEU A 377 -4.91 31.52 8.33
CA LEU A 377 -4.14 32.28 7.42
C LEU A 377 -4.32 33.74 7.80
N ILE A 378 -3.22 34.46 7.74
CA ILE A 378 -3.15 35.87 8.03
C ILE A 378 -2.66 36.61 6.77
N CYS A 379 -3.42 37.66 6.39
CA CYS A 379 -3.23 38.57 5.24
C CYS A 379 -3.12 40.00 5.71
N TYR A 380 -2.11 40.71 5.22
CA TYR A 380 -1.87 42.06 5.68
C TYR A 380 -1.19 42.90 4.61
N GLU A 381 -1.35 44.21 4.72
CA GLU A 381 -0.61 45.21 3.89
C GLU A 381 0.03 46.23 4.83
N LEU A 382 1.00 46.96 4.33
CA LEU A 382 1.56 48.06 5.10
C LEU A 382 0.61 49.26 5.10
N THR A 383 0.41 49.89 6.27
CA THR A 383 -0.40 51.13 6.39
C THR A 383 0.33 52.26 5.70
N ALA A 384 -0.44 53.20 5.12
CA ALA A 384 0.09 54.40 4.42
C ALA A 384 1.15 55.15 5.26
N ASP A 385 2.26 55.54 4.64
CA ASP A 385 3.37 56.20 5.36
C ASP A 385 4.44 56.68 4.35
N SER A 386 4.50 57.99 4.10
CA SER A 386 5.48 58.60 3.12
C SER A 386 6.95 58.54 3.55
N ASP A 387 7.20 58.44 4.87
CA ASP A 387 8.56 58.34 5.46
C ASP A 387 9.23 56.95 5.23
N ARG A 388 8.42 55.87 5.25
CA ARG A 388 8.92 54.52 4.93
C ARG A 388 9.19 54.35 3.42
N GLU A 389 10.40 53.92 3.09
CA GLU A 389 10.86 53.79 1.71
C GLU A 389 10.81 52.33 1.20
N TRP A 390 10.74 51.37 2.12
CA TRP A 390 10.69 49.93 1.78
C TRP A 390 9.24 49.41 1.58
N THR A 391 9.12 48.29 0.85
CA THR A 391 7.82 47.63 0.56
C THR A 391 7.76 46.22 1.17
N LEU A 392 6.61 45.57 1.06
CA LEU A 392 6.48 44.21 1.51
C LEU A 392 7.42 43.26 0.78
N TYR A 393 7.80 43.59 -0.46
CA TYR A 393 8.78 42.83 -1.24
C TYR A 393 10.16 42.85 -0.57
N ASP A 394 10.52 44.01 -0.02
CA ASP A 394 11.75 44.13 0.72
C ASP A 394 11.64 43.33 1.99
N LEU A 395 10.49 43.36 2.67
CA LEU A 395 10.29 42.55 3.88
C LEU A 395 10.41 41.03 3.59
N SER A 396 9.86 40.55 2.46
CA SER A 396 9.99 39.15 2.00
C SER A 396 11.43 38.80 1.89
N ASP A 397 12.18 39.63 1.18
CA ASP A 397 13.63 39.41 1.01
C ASP A 397 14.43 39.29 2.34
N ARG A 398 14.15 40.14 3.33
CA ARG A 398 14.86 40.10 4.63
C ARG A 398 14.45 38.91 5.48
N LEU A 399 13.15 38.59 5.43
CA LEU A 399 12.64 37.47 6.19
C LEU A 399 13.30 36.24 5.61
N LEU A 400 13.58 36.24 4.30
CA LEU A 400 14.24 35.11 3.65
C LEU A 400 15.67 34.93 4.16
N MET A 401 16.34 36.04 4.44
CA MET A 401 17.72 35.97 5.00
C MET A 401 17.72 35.33 6.36
N LYS A 402 16.68 35.65 7.11
CA LYS A 402 16.40 35.02 8.40
C LYS A 402 15.66 33.71 8.26
N GLY A 403 15.74 33.02 7.11
CA GLY A 403 15.22 31.65 6.89
C GLY A 403 13.77 31.36 6.43
N TRP A 404 12.88 32.33 6.55
CA TRP A 404 11.44 32.19 6.24
C TRP A 404 11.03 32.56 4.81
N GLN A 405 10.08 31.81 4.23
CA GLN A 405 9.41 32.24 2.95
C GLN A 405 8.00 32.76 3.16
N VAL A 406 7.88 34.07 3.02
CA VAL A 406 6.64 34.79 3.14
C VAL A 406 6.41 35.51 1.76
N PRO A 407 5.38 35.09 1.02
CA PRO A 407 5.15 35.63 -0.34
C PRO A 407 4.51 37.01 -0.29
N THR A 408 4.81 37.86 -1.25
CA THR A 408 4.09 39.12 -1.42
C THR A 408 3.37 39.06 -2.77
N TYR A 409 2.11 39.46 -2.84
CA TYR A 409 1.31 39.36 -4.10
C TYR A 409 0.11 40.29 -4.16
N PRO A 410 -0.41 40.58 -5.39
CA PRO A 410 -1.58 41.44 -5.54
C PRO A 410 -2.89 40.68 -5.33
N LEU A 411 -3.86 41.33 -4.71
CA LEU A 411 -5.18 40.74 -4.52
C LEU A 411 -5.92 40.57 -5.86
N PRO A 412 -6.97 39.71 -5.88
CA PRO A 412 -7.67 39.50 -7.14
C PRO A 412 -8.63 40.66 -7.50
N LYS A 413 -9.05 40.62 -8.76
CA LYS A 413 -9.99 41.52 -9.39
C LYS A 413 -10.92 42.29 -8.47
N ASN A 414 -10.99 43.55 -8.93
CA ASN A 414 -11.24 44.86 -8.30
C ASN A 414 -10.43 45.19 -7.04
N MET A 415 -9.36 44.44 -6.77
CA MET A 415 -8.35 44.85 -5.79
C MET A 415 -6.94 44.59 -6.26
N THR A 416 -6.75 44.59 -7.57
CA THR A 416 -5.45 44.28 -8.19
C THR A 416 -4.36 45.37 -7.98
N ASP A 417 -4.75 46.54 -7.46
CA ASP A 417 -3.79 47.56 -6.98
C ASP A 417 -3.38 47.37 -5.46
N ARG A 418 -3.94 46.37 -4.77
CA ARG A 418 -3.64 46.15 -3.35
C ARG A 418 -2.56 45.09 -3.24
N VAL A 419 -1.43 45.42 -2.60
CA VAL A 419 -0.32 44.48 -2.41
C VAL A 419 -0.34 44.00 -0.97
N ILE A 420 -0.38 42.68 -0.79
CA ILE A 420 -0.45 42.08 0.55
C ILE A 420 0.62 41.00 0.73
N GLN A 421 0.78 40.61 1.99
CA GLN A 421 1.55 39.44 2.41
C GLN A 421 0.59 38.48 3.09
N ARG A 422 0.94 37.22 2.98
CA ARG A 422 0.17 36.16 3.55
C ARG A 422 1.09 35.24 4.36
N ILE A 423 0.63 34.79 5.50
CA ILE A 423 1.31 33.75 6.26
C ILE A 423 0.32 32.63 6.39
N VAL A 424 0.63 31.48 5.88
CA VAL A 424 -0.24 30.34 6.23
C VAL A 424 0.29 29.52 7.34
N VAL A 425 -0.61 29.22 8.28
CA VAL A 425 -0.35 28.35 9.39
C VAL A 425 -0.89 26.93 9.24
N ARG A 426 0.11 26.04 9.21
CA ARG A 426 -0.07 24.63 9.10
C ARG A 426 0.15 23.96 10.45
N ALA A 427 -0.14 22.67 10.53
CA ALA A 427 -0.06 21.89 11.74
C ALA A 427 1.30 21.94 12.41
N ASP A 428 2.36 22.07 11.60
CA ASP A 428 3.73 22.01 12.13
C ASP A 428 4.40 23.35 12.46
N PHE A 429 3.61 24.44 12.47
CA PHE A 429 4.04 25.74 12.90
C PHE A 429 3.67 25.85 14.36
N GLY A 430 4.55 25.37 15.22
CA GLY A 430 4.36 25.41 16.66
C GLY A 430 4.35 26.84 17.25
N MET A 431 3.73 27.01 18.42
CA MET A 431 3.67 28.33 19.02
C MET A 431 5.08 28.90 19.27
N SER A 432 5.99 28.05 19.77
CA SER A 432 7.45 28.31 19.90
C SER A 432 8.03 28.89 18.70
N MET A 433 7.83 28.18 17.59
CA MET A 433 8.36 28.62 16.32
C MET A 433 7.76 29.98 15.88
N ALA A 434 6.48 30.18 16.16
CA ALA A 434 5.82 31.43 15.85
C ALA A 434 6.32 32.58 16.71
N HIS A 435 6.59 32.35 17.99
CA HIS A 435 7.32 33.42 18.78
C HIS A 435 8.64 33.79 18.16
N ASP A 436 9.41 32.78 17.72
CA ASP A 436 10.64 33.02 17.02
C ASP A 436 10.37 33.77 15.70
N PHE A 437 9.33 33.42 14.96
CA PHE A 437 9.03 34.18 13.71
C PHE A 437 8.82 35.68 13.98
N ILE A 438 8.07 35.98 15.03
CA ILE A 438 7.77 37.34 15.37
C ILE A 438 9.04 38.11 15.82
N ASP A 439 9.98 37.45 16.54
CA ASP A 439 11.27 38.07 16.84
C ASP A 439 11.96 38.38 15.55
N ASP A 440 11.97 37.43 14.61
CA ASP A 440 12.64 37.65 13.34
C ASP A 440 12.01 38.76 12.52
N LEU A 441 10.69 38.85 12.54
CA LEU A 441 9.94 39.90 11.87
C LEU A 441 10.20 41.24 12.54
N THR A 442 10.16 41.31 13.88
CA THR A 442 10.61 42.50 14.60
C THR A 442 12.03 43.01 14.15
N GLN A 443 13.02 42.13 14.16
CA GLN A 443 14.35 42.50 13.73
C GLN A 443 14.42 42.99 12.27
N ALA A 444 13.73 42.33 11.34
CA ALA A 444 13.81 42.68 9.93
C ALA A 444 13.20 44.06 9.62
N ILE A 445 12.09 44.39 10.29
CA ILE A 445 11.52 45.75 10.31
C ILE A 445 12.58 46.80 10.75
N HIS A 446 13.13 46.63 11.94
CA HIS A 446 14.26 47.44 12.44
C HIS A 446 15.38 47.60 11.37
N ASP A 447 15.78 46.51 10.73
CA ASP A 447 16.84 46.54 9.72
C ASP A 447 16.45 47.37 8.50
N LEU A 448 15.20 47.25 8.07
CA LEU A 448 14.71 47.98 6.90
C LEU A 448 14.53 49.49 7.17
N ASP A 449 14.17 49.82 8.41
CA ASP A 449 14.03 51.21 8.88
C ASP A 449 15.34 52.04 8.87
N GLN A 450 16.51 51.39 8.76
CA GLN A 450 17.81 52.08 8.78
C GLN A 450 18.77 51.74 7.59
N ALA A 451 18.28 51.01 6.58
CA ALA A 451 19.13 50.59 5.45
C ALA A 451 18.92 51.48 4.22
N HIS A 452 19.73 51.24 3.17
CA HIS A 452 19.53 51.85 1.83
C HIS A 452 20.44 51.18 0.78
N GLU B 14 -2.60 2.91 29.02
CA GLU B 14 -2.88 3.17 27.56
C GLU B 14 -1.83 2.48 26.62
N THR B 15 -0.55 2.91 26.66
CA THR B 15 0.59 2.13 26.08
C THR B 15 0.95 0.88 26.92
N LEU B 16 0.44 0.81 28.17
CA LEU B 16 0.43 -0.45 28.95
C LEU B 16 -0.23 -1.60 28.18
N LYS B 17 -1.28 -1.30 27.40
CA LYS B 17 -1.98 -2.33 26.63
C LYS B 17 -1.00 -2.97 25.66
N PRO B 18 -0.96 -4.31 25.63
CA PRO B 18 -0.31 -5.01 24.53
C PRO B 18 -0.93 -4.64 23.17
N ILE B 19 -0.11 -4.52 22.13
CA ILE B 19 -0.62 -4.18 20.81
C ILE B 19 -1.80 -5.09 20.38
N PHE B 20 -1.67 -6.40 20.59
CA PHE B 20 -2.73 -7.37 20.25
C PHE B 20 -3.59 -7.81 21.47
N GLY B 21 -3.52 -7.00 22.54
CA GLY B 21 -4.45 -7.00 23.65
C GLY B 21 -5.26 -5.71 23.77
N ALA B 22 -5.08 -4.74 22.85
CA ALA B 22 -5.77 -3.44 22.99
C ALA B 22 -7.19 -3.58 22.45
N SER B 23 -8.08 -2.74 22.98
CA SER B 23 -9.43 -2.62 22.48
C SER B 23 -9.57 -2.56 20.92
N ALA B 24 -8.69 -1.83 20.24
CA ALA B 24 -8.81 -1.69 18.77
C ALA B 24 -8.60 -3.03 18.02
N GLU B 25 -7.84 -3.96 18.60
CA GLU B 25 -7.65 -5.30 18.00
C GLU B 25 -8.80 -6.29 18.23
N ARG B 26 -9.79 -5.86 19.00
CA ARG B 26 -10.99 -6.63 19.35
C ARG B 26 -12.13 -6.21 18.44
N HIS B 27 -11.99 -5.11 17.70
CA HIS B 27 -13.08 -4.61 16.83
C HIS B 27 -12.57 -4.45 15.42
N ASP B 28 -13.49 -4.41 14.49
CA ASP B 28 -13.17 -4.07 13.12
C ASP B 28 -12.58 -2.62 13.01
N LEU B 29 -11.92 -2.33 11.89
CA LEU B 29 -11.49 -0.99 11.57
C LEU B 29 -12.66 -0.13 11.12
N PRO B 30 -12.56 1.20 11.36
CA PRO B 30 -13.38 2.22 10.69
C PRO B 30 -13.42 2.02 9.17
N LYS B 31 -14.64 1.75 8.71
CA LYS B 31 -15.00 1.55 7.29
C LYS B 31 -15.93 2.61 6.69
N TYR B 32 -16.68 3.32 7.53
CA TYR B 32 -17.62 4.36 7.07
C TYR B 32 -17.45 5.68 7.74
N LYS B 33 -16.79 5.75 8.88
CA LYS B 33 -16.64 6.98 9.54
C LYS B 33 -15.47 7.01 10.45
N LEU B 34 -15.07 8.24 10.75
CA LEU B 34 -13.94 8.54 11.59
C LEU B 34 -14.36 8.15 13.00
N ALA B 35 -13.49 7.47 13.75
CA ALA B 35 -13.79 7.12 15.14
C ALA B 35 -13.62 8.40 15.94
N LYS B 36 -14.23 8.45 17.11
CA LYS B 36 -14.10 9.61 17.94
C LYS B 36 -12.67 9.82 18.43
N HIS B 37 -12.05 8.75 18.89
CA HIS B 37 -10.83 8.92 19.65
C HIS B 37 -9.63 8.62 18.81
N ALA B 38 -8.51 9.24 19.17
CA ALA B 38 -7.21 8.89 18.63
C ALA B 38 -6.72 7.55 19.16
N LEU B 39 -5.73 6.99 18.46
CA LEU B 39 -5.07 5.74 18.85
C LEU B 39 -3.59 6.00 19.00
N GLU B 40 -2.88 5.16 19.76
CA GLU B 40 -1.41 5.27 19.88
C GLU B 40 -0.81 5.05 18.55
N PRO B 41 0.32 5.73 18.24
CA PRO B 41 0.94 5.49 16.95
C PRO B 41 1.23 3.99 16.62
N ARG B 42 1.66 3.22 17.58
CA ARG B 42 1.95 1.81 17.37
C ARG B 42 0.71 0.97 17.03
N GLU B 43 -0.42 1.34 17.62
CA GLU B 43 -1.65 0.65 17.35
C GLU B 43 -2.16 0.97 15.91
N ALA B 44 -2.26 2.25 15.59
CA ALA B 44 -2.69 2.69 14.21
C ALA B 44 -1.78 2.05 13.12
N ASP B 45 -0.50 2.12 13.38
CA ASP B 45 0.50 1.56 12.51
C ASP B 45 0.26 0.07 12.25
N ARG B 46 0.12 -0.70 13.32
CA ARG B 46 -0.10 -2.12 13.19
C ARG B 46 -1.41 -2.42 12.50
N LEU B 47 -2.47 -1.69 12.80
CA LEU B 47 -3.70 -1.93 12.10
C LEU B 47 -3.68 -1.61 10.61
N VAL B 48 -3.12 -0.48 10.25
CA VAL B 48 -3.03 -0.17 8.81
C VAL B 48 -2.15 -1.17 8.05
N ARG B 49 -0.97 -1.49 8.58
CA ARG B 49 -0.07 -2.46 7.93
C ARG B 49 -0.73 -3.83 7.76
N ASP B 50 -1.47 -4.23 8.80
CA ASP B 50 -2.24 -5.46 8.74
C ASP B 50 -3.33 -5.55 7.72
N GLN B 51 -4.04 -4.46 7.50
CA GLN B 51 -4.97 -4.42 6.36
C GLN B 51 -4.23 -4.68 5.04
N LEU B 52 -3.01 -4.21 4.91
CA LEU B 52 -2.24 -4.43 3.69
C LEU B 52 -1.53 -5.78 3.55
N LEU B 53 -1.59 -6.66 4.53
CA LEU B 53 -0.76 -7.87 4.43
C LEU B 53 -1.07 -8.70 3.22
N ASP B 54 -2.35 -8.87 2.99
CA ASP B 54 -2.81 -9.84 2.06
C ASP B 54 -3.08 -9.22 0.70
N GLU B 55 -2.05 -8.61 0.12
CA GLU B 55 -2.12 -8.31 -1.29
C GLU B 55 -0.80 -8.75 -1.89
N GLY B 56 -0.84 -8.93 -3.22
CA GLY B 56 0.28 -9.54 -3.93
C GLY B 56 1.58 -8.81 -3.58
N ASN B 57 2.59 -9.58 -3.22
CA ASN B 57 3.92 -9.09 -3.16
C ASN B 57 4.28 -8.54 -4.58
N SER B 58 4.66 -7.26 -4.62
CA SER B 58 4.80 -6.51 -5.89
C SER B 58 5.82 -7.11 -6.85
N ARG B 59 6.86 -7.71 -6.29
CA ARG B 59 7.93 -8.35 -7.07
C ARG B 59 7.40 -9.53 -7.95
N LEU B 60 6.35 -10.21 -7.48
CA LEU B 60 5.75 -11.32 -8.23
C LEU B 60 4.58 -10.90 -9.12
N ASN B 61 4.34 -9.60 -9.19
CA ASN B 61 3.33 -9.06 -10.04
C ASN B 61 3.93 -8.94 -11.41
N LEU B 62 3.54 -9.84 -12.30
CA LEU B 62 4.04 -9.82 -13.66
C LEU B 62 3.12 -9.14 -14.66
N ALA B 63 2.11 -8.46 -14.14
CA ALA B 63 1.08 -7.85 -15.00
C ALA B 63 1.39 -6.40 -15.33
N THR B 64 2.39 -5.82 -14.71
CA THR B 64 2.59 -4.40 -14.81
C THR B 64 3.94 -4.01 -15.37
N PHE B 65 3.97 -2.84 -16.02
CA PHE B 65 5.16 -2.14 -16.34
C PHE B 65 5.73 -1.40 -15.13
N CYS B 66 4.89 -1.09 -14.14
CA CYS B 66 5.33 -0.23 -13.04
C CYS B 66 6.37 -0.88 -12.13
N GLN B 67 7.31 -0.09 -11.72
CA GLN B 67 8.49 -0.59 -11.01
C GLN B 67 8.18 -0.99 -9.58
N THR B 68 8.78 -2.09 -9.21
CA THR B 68 8.51 -2.75 -7.96
C THR B 68 9.81 -2.94 -7.16
N TYR B 69 10.90 -2.35 -7.62
CA TYR B 69 12.14 -2.29 -6.83
C TYR B 69 12.91 -1.04 -7.14
N MET B 70 13.49 -0.42 -6.13
CA MET B 70 14.58 0.57 -6.34
C MET B 70 15.65 0.28 -5.28
N GLU B 71 16.87 0.75 -5.47
CA GLU B 71 17.95 0.54 -4.48
C GLU B 71 17.64 1.21 -3.12
N PRO B 72 18.22 0.69 -2.03
CA PRO B 72 17.83 1.26 -0.73
C PRO B 72 18.16 2.78 -0.65
N GLU B 73 19.29 3.18 -1.25
CA GLU B 73 19.66 4.61 -1.22
C GLU B 73 18.60 5.51 -1.83
N ALA B 74 18.05 5.10 -2.94
CA ALA B 74 16.97 5.85 -3.62
C ALA B 74 15.68 5.81 -2.82
N VAL B 75 15.40 4.67 -2.17
CA VAL B 75 14.19 4.56 -1.32
C VAL B 75 14.33 5.56 -0.18
N GLU B 76 15.51 5.58 0.47
CA GLU B 76 15.74 6.46 1.58
C GLU B 76 15.68 7.95 1.13
N LEU B 77 16.21 8.21 -0.07
CA LEU B 77 16.19 9.51 -0.60
C LEU B 77 14.73 9.99 -0.86
N MET B 78 13.94 9.13 -1.51
CA MET B 78 12.55 9.42 -1.76
C MET B 78 11.81 9.72 -0.43
N LYS B 79 12.09 8.91 0.56
CA LYS B 79 11.48 9.11 1.83
C LYS B 79 11.79 10.45 2.39
N ASP B 80 13.08 10.87 2.29
CA ASP B 80 13.50 12.12 2.88
C ASP B 80 13.04 13.33 2.12
N THR B 81 12.49 13.20 0.90
CA THR B 81 12.02 14.32 0.13
C THR B 81 10.48 14.33 -0.13
N LEU B 82 9.73 13.50 0.59
CA LEU B 82 8.28 13.43 0.50
C LEU B 82 7.59 14.77 0.77
N GLU B 83 8.19 15.64 1.60
CA GLU B 83 7.62 16.96 1.87
C GLU B 83 7.77 17.90 0.69
N LYS B 84 8.71 17.63 -0.21
CA LYS B 84 8.95 18.54 -1.30
C LYS B 84 7.73 18.58 -2.24
N ASN B 85 7.40 19.78 -2.72
CA ASN B 85 6.26 19.97 -3.56
C ASN B 85 6.71 20.32 -4.93
N ALA B 86 6.51 19.37 -5.85
CA ALA B 86 7.00 19.50 -7.19
C ALA B 86 6.46 20.66 -7.98
N ILE B 87 5.27 21.17 -7.66
CA ILE B 87 4.75 22.37 -8.38
C ILE B 87 5.30 23.71 -7.95
N ASP B 88 5.88 23.76 -6.75
CA ASP B 88 6.19 25.03 -6.10
C ASP B 88 7.65 25.39 -6.43
N LYS B 89 7.83 25.88 -7.63
CA LYS B 89 9.16 26.27 -8.13
C LYS B 89 9.88 27.37 -7.34
N SER B 90 9.15 28.32 -6.82
CA SER B 90 9.81 29.42 -6.13
C SER B 90 10.24 28.99 -4.73
N GLU B 91 9.48 28.14 -4.06
CA GLU B 91 9.87 27.66 -2.77
C GLU B 91 10.83 26.49 -2.78
N TYR B 92 10.84 25.70 -3.86
CA TYR B 92 11.79 24.57 -4.03
C TYR B 92 12.57 24.74 -5.33
N PRO B 93 13.40 25.83 -5.44
CA PRO B 93 14.11 26.09 -6.68
C PRO B 93 15.17 25.05 -7.02
N ARG B 94 15.68 24.34 -6.03
CA ARG B 94 16.67 23.31 -6.25
C ARG B 94 16.04 22.00 -6.86
N THR B 95 14.85 21.66 -6.38
CA THR B 95 14.05 20.58 -6.96
C THR B 95 13.65 20.91 -8.38
N ALA B 96 13.24 22.16 -8.59
CA ALA B 96 12.89 22.68 -9.90
C ALA B 96 14.10 22.63 -10.87
N GLU B 97 15.29 22.93 -10.38
CA GLU B 97 16.52 22.73 -11.17
C GLU B 97 16.74 21.26 -11.55
N ILE B 98 16.54 20.33 -10.61
CA ILE B 98 16.65 18.95 -10.91
C ILE B 98 15.68 18.54 -12.02
N GLU B 99 14.44 18.94 -11.90
CA GLU B 99 13.41 18.66 -12.89
C GLU B 99 13.87 19.14 -14.26
N ASN B 100 14.39 20.38 -14.33
CA ASN B 100 14.91 20.96 -15.55
C ASN B 100 16.06 20.15 -16.09
N ARG B 101 16.94 19.69 -15.21
CA ARG B 101 18.02 18.83 -15.67
C ARG B 101 17.47 17.52 -16.26
N CYS B 102 16.54 16.88 -15.56
CA CYS B 102 15.90 15.71 -16.11
C CYS B 102 15.30 15.92 -17.51
N VAL B 103 14.61 17.04 -17.69
CA VAL B 103 13.98 17.34 -18.97
C VAL B 103 15.08 17.47 -20.05
N ASN B 104 16.18 18.14 -19.71
CA ASN B 104 17.26 18.28 -20.67
C ASN B 104 17.83 16.95 -21.01
N ILE B 105 18.05 16.13 -20.00
CA ILE B 105 18.72 14.84 -20.16
C ILE B 105 17.91 13.90 -21.08
N ILE B 106 16.62 13.91 -20.88
CA ILE B 106 15.68 13.05 -21.59
C ILE B 106 15.57 13.58 -23.04
N ALA B 107 15.49 14.90 -23.18
CA ALA B 107 15.53 15.53 -24.51
C ALA B 107 16.71 15.15 -25.33
N ASN B 108 17.89 15.14 -24.72
CA ASN B 108 19.09 14.68 -25.40
C ASN B 108 19.02 13.18 -25.70
N LEU B 109 18.46 12.41 -24.79
CA LEU B 109 18.33 11.00 -25.03
C LEU B 109 17.44 10.76 -26.30
N TRP B 110 16.45 11.63 -26.52
CA TRP B 110 15.50 11.52 -27.62
C TRP B 110 15.85 12.36 -28.84
N HIS B 111 17.08 12.92 -28.85
CA HIS B 111 17.72 13.59 -29.99
C HIS B 111 16.96 14.85 -30.37
N ALA B 112 16.48 15.59 -29.37
CA ALA B 112 15.87 16.87 -29.56
C ALA B 112 16.92 17.77 -30.26
N PRO B 113 16.58 18.41 -31.40
CA PRO B 113 17.64 19.13 -32.12
C PRO B 113 17.94 20.48 -31.47
N GLU B 114 19.21 20.80 -31.43
CA GLU B 114 19.68 22.02 -30.80
C GLU B 114 19.24 23.26 -31.50
N ALA B 115 18.92 23.16 -32.79
CA ALA B 115 18.34 24.26 -33.59
C ALA B 115 16.91 24.72 -33.23
N GLU B 116 16.24 23.97 -32.36
CA GLU B 116 14.88 24.27 -31.92
C GLU B 116 14.98 24.28 -30.38
N SER B 117 14.07 24.98 -29.72
CA SER B 117 14.08 25.11 -28.26
C SER B 117 13.02 24.17 -27.62
N PHE B 118 13.42 22.96 -27.31
CA PHE B 118 12.49 21.97 -26.70
C PHE B 118 12.00 22.53 -25.36
N THR B 119 10.78 22.18 -24.96
CA THR B 119 10.30 22.49 -23.60
C THR B 119 9.68 21.19 -23.12
N GLY B 120 9.73 20.95 -21.83
CA GLY B 120 8.99 19.84 -21.27
C GLY B 120 8.90 19.94 -19.78
N THR B 121 8.35 18.88 -19.21
CA THR B 121 7.95 18.88 -17.86
C THR B 121 7.81 17.46 -17.40
N SER B 122 8.08 17.28 -16.10
CA SER B 122 7.60 16.13 -15.41
C SER B 122 6.07 16.18 -15.29
N THR B 123 5.49 15.03 -15.20
CA THR B 123 4.06 14.84 -14.93
C THR B 123 3.95 13.74 -13.88
N ILE B 124 2.74 13.38 -13.49
CA ILE B 124 2.56 12.24 -12.57
C ILE B 124 2.81 10.90 -13.30
N GLY B 125 2.40 10.87 -14.56
CA GLY B 125 2.67 9.72 -15.43
C GLY B 125 2.40 10.07 -16.88
N SER B 126 2.45 9.05 -17.72
CA SER B 126 2.22 9.25 -19.13
C SER B 126 0.81 9.66 -19.43
N SER B 127 -0.17 9.39 -18.54
CA SER B 127 -1.54 9.81 -18.82
C SER B 127 -1.68 11.30 -18.87
N GLU B 128 -1.20 11.98 -17.82
CA GLU B 128 -1.19 13.44 -17.81
C GLU B 128 -0.39 13.98 -19.03
N ALA B 129 0.73 13.35 -19.32
CA ALA B 129 1.59 13.80 -20.41
C ALA B 129 0.90 13.67 -21.78
N CYS B 130 0.24 12.51 -22.02
CA CYS B 130 -0.49 12.29 -23.26
C CYS B 130 -1.62 13.30 -23.40
N MET B 131 -2.34 13.58 -22.30
CA MET B 131 -3.39 14.54 -22.36
C MET B 131 -2.89 15.97 -22.70
N LEU B 132 -1.75 16.37 -22.15
CA LEU B 132 -1.16 17.68 -22.42
C LEU B 132 -0.72 17.77 -23.88
N ALA B 133 -0.04 16.75 -24.35
CA ALA B 133 0.38 16.66 -25.74
C ALA B 133 -0.81 16.76 -26.74
N GLY B 134 -1.88 16.04 -26.42
CA GLY B 134 -3.14 16.04 -27.18
C GLY B 134 -3.85 17.35 -27.16
N LEU B 135 -3.82 17.99 -26.02
CA LEU B 135 -4.41 19.30 -25.91
C LEU B 135 -3.59 20.31 -26.73
N ALA B 136 -2.27 20.18 -26.70
CA ALA B 136 -1.39 21.04 -27.54
C ALA B 136 -1.77 20.85 -29.03
N MET B 137 -1.88 19.61 -29.46
CA MET B 137 -2.34 19.34 -30.84
C MET B 137 -3.70 19.95 -31.14
N LYS B 138 -4.66 19.79 -30.22
CA LYS B 138 -6.00 20.30 -30.45
C LYS B 138 -6.01 21.80 -30.65
N PHE B 139 -5.26 22.51 -29.82
CA PHE B 139 -5.26 23.95 -29.84
C PHE B 139 -4.52 24.49 -31.05
N ALA B 140 -3.43 23.85 -31.43
CA ALA B 140 -2.67 24.25 -32.62
C ALA B 140 -3.54 23.97 -33.85
N TRP B 141 -4.25 22.82 -33.85
CA TRP B 141 -5.10 22.47 -34.99
C TRP B 141 -6.24 23.48 -35.17
N ARG B 142 -6.86 23.83 -34.07
CA ARG B 142 -7.96 24.76 -34.11
C ARG B 142 -7.56 26.11 -34.73
N LYS B 143 -6.39 26.65 -34.38
CA LYS B 143 -5.88 27.91 -35.03
C LYS B 143 -5.68 27.78 -36.52
N ARG B 144 -5.14 26.66 -36.99
CA ARG B 144 -5.02 26.36 -38.42
C ARG B 144 -6.40 26.33 -39.09
N ALA B 145 -7.29 25.55 -38.51
CA ALA B 145 -8.65 25.38 -38.99
C ALA B 145 -9.46 26.70 -39.14
N LYS B 146 -9.45 27.55 -38.12
CA LYS B 146 -10.02 28.89 -38.17
C LYS B 146 -9.43 29.71 -39.31
N ALA B 147 -8.12 29.67 -39.46
CA ALA B 147 -7.43 30.49 -40.46
C ALA B 147 -7.70 30.00 -41.89
N ASN B 148 -7.96 28.70 -42.08
CA ASN B 148 -8.38 28.10 -43.37
C ASN B 148 -9.91 27.98 -43.54
N GLY B 149 -10.68 28.72 -42.74
CA GLY B 149 -12.15 28.75 -42.84
C GLY B 149 -12.87 27.41 -42.82
N LEU B 150 -12.35 26.46 -42.05
CA LEU B 150 -12.97 25.15 -41.90
C LEU B 150 -14.11 25.30 -40.94
N ASP B 151 -15.19 24.55 -41.18
CA ASP B 151 -16.41 24.69 -40.43
C ASP B 151 -16.30 23.80 -39.22
N LEU B 152 -16.19 24.42 -38.05
CA LEU B 152 -15.94 23.69 -36.79
C LEU B 152 -17.15 23.01 -36.20
N THR B 153 -18.35 23.23 -36.76
CA THR B 153 -19.61 22.57 -36.28
C THR B 153 -19.95 21.24 -36.99
N ALA B 154 -19.40 21.05 -38.19
CA ALA B 154 -19.65 19.87 -39.05
C ALA B 154 -19.15 18.52 -38.49
N HIS B 155 -17.95 18.53 -37.91
CA HIS B 155 -17.40 17.31 -37.27
C HIS B 155 -16.57 17.70 -36.06
N GLN B 156 -16.36 16.73 -35.19
CA GLN B 156 -15.45 16.87 -34.07
C GLN B 156 -13.99 16.78 -34.58
N PRO B 157 -13.03 17.45 -33.90
CA PRO B 157 -11.65 17.10 -34.29
C PRO B 157 -11.44 15.58 -34.09
N ASN B 158 -10.42 14.99 -34.70
CA ASN B 158 -10.09 13.58 -34.46
C ASN B 158 -8.59 13.41 -34.27
N ILE B 159 -8.22 12.23 -33.76
CA ILE B 159 -6.84 11.81 -33.72
C ILE B 159 -6.85 10.44 -34.29
N VAL B 160 -5.74 10.07 -34.86
CA VAL B 160 -5.52 8.80 -35.47
C VAL B 160 -4.57 8.07 -34.56
N ILE B 161 -4.87 6.80 -34.30
CA ILE B 161 -4.09 5.98 -33.39
C ILE B 161 -4.41 4.53 -33.64
N SER B 162 -3.45 3.67 -33.35
CA SER B 162 -3.62 2.25 -33.39
C SER B 162 -4.61 1.79 -32.33
N ALA B 163 -5.28 0.66 -32.60
CA ALA B 163 -6.20 0.06 -31.65
C ALA B 163 -5.52 -0.49 -30.39
N GLY B 164 -4.21 -0.67 -30.41
CA GLY B 164 -3.46 -0.87 -29.16
C GLY B 164 -3.34 0.27 -28.14
N TYR B 165 -4.04 1.38 -28.36
CA TYR B 165 -3.99 2.53 -27.47
C TYR B 165 -4.27 2.14 -25.97
N GLN B 166 -3.58 2.79 -25.06
CA GLN B 166 -3.82 2.62 -23.64
C GLN B 166 -5.01 3.51 -23.35
N VAL B 167 -5.69 3.27 -22.23
CA VAL B 167 -6.97 3.90 -21.91
C VAL B 167 -6.89 5.40 -21.74
N CYS B 168 -5.68 5.94 -21.50
CA CYS B 168 -5.57 7.39 -21.36
C CYS B 168 -5.96 8.15 -22.64
N TRP B 169 -5.74 7.54 -23.78
CA TRP B 169 -6.15 8.14 -25.10
C TRP B 169 -7.68 8.15 -25.30
N GLU B 170 -8.35 7.09 -24.82
CA GLU B 170 -9.81 7.06 -24.72
C GLU B 170 -10.31 8.10 -23.77
N LYS B 171 -9.69 8.25 -22.60
CA LYS B 171 -10.08 9.34 -21.69
C LYS B 171 -9.87 10.69 -22.36
N PHE B 172 -8.73 10.91 -23.01
CA PHE B 172 -8.46 12.16 -23.72
C PHE B 172 -9.59 12.46 -24.70
N CYS B 173 -9.96 11.48 -25.51
CA CYS B 173 -11.03 11.70 -26.48
C CYS B 173 -12.42 11.99 -25.92
N VAL B 174 -12.82 11.25 -24.89
CA VAL B 174 -14.12 11.50 -24.24
C VAL B 174 -14.08 12.81 -23.55
N TYR B 175 -13.07 13.05 -22.71
CA TYR B 175 -13.02 14.31 -21.96
C TYR B 175 -13.04 15.55 -22.88
N TRP B 176 -12.27 15.54 -23.97
CA TRP B 176 -12.16 16.77 -24.79
C TRP B 176 -12.95 16.69 -26.17
N ASP B 177 -13.93 15.80 -26.30
CA ASP B 177 -14.83 15.78 -27.47
C ASP B 177 -14.04 15.62 -28.79
N ILE B 178 -13.19 14.58 -28.84
CA ILE B 178 -12.34 14.25 -29.97
C ILE B 178 -12.79 12.89 -30.50
N ASP B 179 -12.99 12.74 -31.82
CA ASP B 179 -13.29 11.38 -32.34
C ASP B 179 -12.01 10.65 -32.41
N MET B 180 -12.07 9.37 -32.12
CA MET B 180 -10.99 8.46 -32.29
C MET B 180 -11.10 7.79 -33.65
N HIS B 181 -10.12 8.02 -34.52
CA HIS B 181 -9.99 7.27 -35.77
C HIS B 181 -9.03 6.11 -35.48
N VAL B 182 -9.61 4.93 -35.16
CA VAL B 182 -8.89 3.80 -34.70
C VAL B 182 -8.50 2.91 -35.87
N VAL B 183 -7.19 2.64 -36.01
CA VAL B 183 -6.63 1.80 -37.02
C VAL B 183 -6.54 0.37 -36.45
N PRO B 184 -7.40 -0.54 -36.94
CA PRO B 184 -7.48 -1.80 -36.20
C PRO B 184 -6.20 -2.67 -36.37
N MET B 185 -5.95 -3.56 -35.41
CA MET B 185 -4.93 -4.61 -35.56
C MET B 185 -5.50 -5.88 -36.28
N ASP B 186 -4.61 -6.62 -36.91
CA ASP B 186 -4.88 -7.97 -37.50
C ASP B 186 -3.62 -8.83 -37.29
N ASP B 187 -3.68 -10.10 -37.73
CA ASP B 187 -2.64 -11.09 -37.44
C ASP B 187 -1.22 -10.68 -37.90
N ASP B 188 -1.15 -9.91 -38.98
CA ASP B 188 0.13 -9.40 -39.50
C ASP B 188 0.49 -8.01 -38.96
N HIS B 189 -0.53 -7.17 -38.74
CA HIS B 189 -0.35 -5.82 -38.13
C HIS B 189 -0.82 -5.74 -36.66
N MET B 190 0.10 -6.15 -35.78
CA MET B 190 -0.01 -6.02 -34.31
C MET B 190 0.67 -4.72 -33.78
N SER B 191 0.94 -3.83 -34.74
CA SER B 191 1.32 -2.45 -34.49
C SER B 191 0.58 -1.68 -35.58
N LEU B 192 0.64 -0.35 -35.49
CA LEU B 192 -0.07 0.55 -36.39
C LEU B 192 0.12 0.14 -37.84
N ASN B 193 -0.95 0.03 -38.57
CA ASN B 193 -0.83 -0.29 -40.03
C ASN B 193 -0.50 1.02 -40.75
N VAL B 194 0.77 1.32 -40.87
CA VAL B 194 1.15 2.61 -41.45
C VAL B 194 0.79 2.76 -42.94
N ASP B 195 0.92 1.69 -43.71
CA ASP B 195 0.43 1.65 -45.10
C ASP B 195 -0.99 2.19 -45.32
N HIS B 196 -1.88 2.07 -44.33
CA HIS B 196 -3.25 2.56 -44.48
C HIS B 196 -3.52 3.85 -43.72
N VAL B 197 -2.51 4.45 -43.09
CA VAL B 197 -2.82 5.56 -42.15
C VAL B 197 -3.52 6.78 -42.81
N LEU B 198 -3.24 7.04 -44.07
CA LEU B 198 -3.87 8.15 -44.78
C LEU B 198 -5.36 7.96 -45.02
N ASP B 199 -5.85 6.73 -44.88
CA ASP B 199 -7.30 6.54 -44.93
C ASP B 199 -8.02 7.06 -43.71
N TYR B 200 -7.30 7.36 -42.63
CA TYR B 200 -7.95 7.83 -41.40
C TYR B 200 -7.72 9.28 -41.15
N VAL B 201 -6.93 9.94 -41.99
CA VAL B 201 -6.56 11.36 -41.85
C VAL B 201 -7.46 12.22 -42.73
N ASP B 202 -7.89 13.35 -42.22
CA ASP B 202 -8.72 14.28 -42.97
C ASP B 202 -8.46 15.68 -42.39
N ASP B 203 -9.19 16.68 -42.83
CA ASP B 203 -9.00 18.06 -42.34
C ASP B 203 -9.12 18.32 -40.79
N TYR B 204 -9.87 17.47 -40.12
CA TYR B 204 -10.17 17.56 -38.71
C TYR B 204 -9.21 16.77 -37.80
N THR B 205 -8.25 16.10 -38.43
CA THR B 205 -7.24 15.36 -37.72
C THR B 205 -6.25 16.30 -37.02
N ILE B 206 -6.17 16.19 -35.71
CA ILE B 206 -5.24 17.04 -34.92
C ILE B 206 -3.85 16.52 -34.86
N GLY B 207 -3.68 15.25 -35.19
CA GLY B 207 -2.38 14.58 -35.11
C GLY B 207 -2.57 13.09 -35.15
N ILE B 208 -1.46 12.40 -35.31
CA ILE B 208 -1.38 11.00 -35.27
C ILE B 208 -0.49 10.60 -34.12
N VAL B 209 -0.95 9.64 -33.31
CA VAL B 209 -0.16 9.10 -32.22
C VAL B 209 0.52 7.82 -32.67
N GLY B 210 1.83 7.79 -32.58
CA GLY B 210 2.61 6.55 -32.70
C GLY B 210 2.99 6.00 -31.31
N ILE B 211 2.83 4.68 -31.13
CA ILE B 211 3.03 4.07 -29.84
C ILE B 211 4.29 3.29 -29.93
N MET B 212 5.30 3.71 -29.15
CA MET B 212 6.60 3.05 -29.10
C MET B 212 6.68 2.07 -27.94
N GLY B 213 5.92 1.00 -28.07
CA GLY B 213 5.80 0.02 -27.04
C GLY B 213 4.35 -0.08 -26.67
N ILE B 214 3.67 -1.02 -27.33
CA ILE B 214 2.22 -1.17 -27.21
C ILE B 214 1.94 -1.99 -25.99
N THR B 215 1.09 -1.47 -25.12
CA THR B 215 0.85 -2.09 -23.80
C THR B 215 0.35 -3.56 -23.90
N TYR B 216 -0.50 -3.84 -24.89
CA TYR B 216 -1.10 -5.17 -25.07
C TYR B 216 -0.16 -6.12 -25.75
N THR B 217 0.72 -5.65 -26.65
CA THR B 217 1.54 -6.59 -27.47
C THR B 217 3.04 -6.47 -27.39
N GLY B 218 3.56 -5.42 -26.76
CA GLY B 218 5.01 -5.31 -26.64
C GLY B 218 5.71 -4.78 -27.87
N GLN B 219 4.96 -4.31 -28.86
CA GLN B 219 5.58 -3.99 -30.16
C GLN B 219 5.63 -2.50 -30.42
N TYR B 220 6.61 -2.11 -31.25
CA TYR B 220 6.81 -0.77 -31.72
C TYR B 220 6.02 -0.49 -32.97
N ASP B 221 5.33 0.65 -33.00
CA ASP B 221 4.87 1.21 -34.22
C ASP B 221 6.10 1.62 -35.09
N ASP B 222 5.97 1.54 -36.41
CA ASP B 222 7.04 1.89 -37.31
C ASP B 222 6.99 3.38 -37.52
N LEU B 223 7.60 4.09 -36.57
CA LEU B 223 7.59 5.51 -36.50
C LEU B 223 8.31 6.17 -37.66
N ALA B 224 9.46 5.60 -38.06
CA ALA B 224 10.23 6.06 -39.24
C ALA B 224 9.40 6.07 -40.58
N ARG B 225 8.58 5.04 -40.76
CA ARG B 225 7.73 4.93 -41.94
C ARG B 225 6.58 5.91 -41.82
N LEU B 226 5.97 6.00 -40.65
CA LEU B 226 4.94 6.98 -40.44
C LEU B 226 5.45 8.38 -40.73
N ASP B 227 6.63 8.72 -40.22
CA ASP B 227 7.25 10.02 -40.46
C ASP B 227 7.43 10.31 -41.97
N ALA B 228 7.83 9.31 -42.73
CA ALA B 228 8.01 9.49 -44.18
C ALA B 228 6.66 9.79 -44.91
N VAL B 229 5.64 9.05 -44.55
CA VAL B 229 4.31 9.24 -45.05
C VAL B 229 3.76 10.59 -44.69
N VAL B 230 3.93 10.98 -43.43
CA VAL B 230 3.46 12.27 -42.98
C VAL B 230 4.20 13.43 -43.69
N GLU B 231 5.52 13.33 -43.82
CA GLU B 231 6.32 14.36 -44.56
C GLU B 231 5.72 14.59 -45.98
N ARG B 232 5.35 13.51 -46.66
CA ARG B 232 4.78 13.57 -48.04
C ARG B 232 3.37 14.05 -48.02
N TYR B 233 2.57 13.60 -47.05
CA TYR B 233 1.21 14.09 -46.95
C TYR B 233 1.16 15.57 -46.69
N ASN B 234 2.04 16.08 -45.84
CA ASN B 234 2.03 17.51 -45.52
C ASN B 234 2.37 18.51 -46.69
N ARG B 235 3.02 18.04 -47.75
CA ARG B 235 3.21 18.86 -48.97
C ARG B 235 1.89 19.04 -49.75
N THR B 236 0.89 18.18 -49.50
CA THR B 236 -0.36 18.16 -50.34
C THR B 236 -1.54 18.92 -49.77
N THR B 237 -1.40 19.53 -48.58
CA THR B 237 -2.55 20.09 -47.88
C THR B 237 -2.15 21.36 -47.10
N LYS B 238 -3.15 22.13 -46.79
CA LYS B 238 -2.99 23.29 -45.89
C LYS B 238 -3.42 22.87 -44.48
N PHE B 239 -3.75 21.59 -44.28
CA PHE B 239 -4.05 20.99 -42.97
C PHE B 239 -3.01 19.92 -42.61
N PRO B 240 -1.79 20.32 -42.41
CA PRO B 240 -0.78 19.38 -42.07
C PRO B 240 -1.04 18.74 -40.70
N VAL B 241 -0.30 17.67 -40.44
CA VAL B 241 -0.57 16.75 -39.40
C VAL B 241 0.82 16.28 -38.94
N TYR B 242 0.97 16.18 -37.62
CA TYR B 242 2.21 15.77 -36.96
C TYR B 242 2.01 14.56 -36.00
N ILE B 243 3.15 14.02 -35.60
CA ILE B 243 3.21 12.83 -34.82
C ILE B 243 3.54 13.14 -33.34
N HIS B 244 2.71 12.59 -32.45
CA HIS B 244 3.04 12.43 -31.08
C HIS B 244 3.44 11.01 -30.78
N VAL B 245 4.57 10.81 -30.12
CA VAL B 245 4.99 9.47 -29.72
C VAL B 245 4.63 9.19 -28.24
N ASP B 246 3.77 8.20 -28.05
CA ASP B 246 3.50 7.57 -26.76
C ASP B 246 4.55 6.54 -26.47
N ALA B 247 5.64 6.96 -25.86
CA ALA B 247 6.68 6.04 -25.55
C ALA B 247 6.67 5.78 -24.02
N ALA B 248 5.45 5.70 -23.45
CA ALA B 248 5.26 5.33 -22.03
C ALA B 248 6.30 4.33 -21.59
N SER B 249 6.39 3.21 -22.30
CA SER B 249 7.35 2.18 -21.95
C SER B 249 8.61 2.24 -22.81
N GLY B 250 8.51 2.44 -24.13
CA GLY B 250 9.72 2.44 -24.93
C GLY B 250 10.76 3.51 -24.67
N GLY B 251 10.28 4.65 -24.18
CA GLY B 251 11.11 5.83 -24.07
C GLY B 251 12.36 5.73 -23.21
N PHE B 252 12.30 4.87 -22.17
CA PHE B 252 13.44 4.59 -21.34
C PHE B 252 14.08 3.24 -21.60
N TYR B 253 13.60 2.54 -22.59
CA TYR B 253 14.12 1.22 -22.86
C TYR B 253 14.90 1.28 -24.17
N THR B 254 14.19 1.69 -25.24
CA THR B 254 14.74 1.53 -26.58
C THR B 254 16.05 2.33 -26.93
N PRO B 255 16.26 3.49 -26.31
CA PRO B 255 17.51 4.19 -26.60
C PRO B 255 18.77 3.47 -26.12
N PHE B 256 18.64 2.64 -25.09
CA PHE B 256 19.77 1.90 -24.55
C PHE B 256 20.03 0.58 -25.25
N ILE B 257 19.02 -0.08 -25.83
CA ILE B 257 19.30 -1.32 -26.52
C ILE B 257 19.25 -1.24 -28.07
N GLU B 258 18.44 -0.36 -28.67
CA GLU B 258 18.50 -0.12 -30.13
C GLU B 258 18.72 1.35 -30.42
N PRO B 259 19.90 1.87 -30.12
CA PRO B 259 20.09 3.32 -30.27
C PRO B 259 19.98 3.86 -31.71
N GLU B 260 20.10 2.98 -32.73
CA GLU B 260 20.05 3.40 -34.16
C GLU B 260 18.65 3.34 -34.71
N LEU B 261 17.70 2.73 -33.99
CA LEU B 261 16.31 2.80 -34.41
C LEU B 261 15.81 4.24 -34.32
N LYS B 262 15.44 4.80 -35.44
CA LYS B 262 14.92 6.13 -35.49
C LYS B 262 13.42 6.13 -35.20
N TRP B 263 13.03 6.57 -33.98
CA TRP B 263 11.63 6.68 -33.51
C TRP B 263 11.30 8.05 -32.85
N ASP B 264 12.32 8.87 -32.62
CA ASP B 264 12.25 9.98 -31.72
C ASP B 264 12.40 11.30 -32.46
N PHE B 265 13.01 12.33 -31.84
CA PHE B 265 13.04 13.63 -32.48
C PHE B 265 13.98 13.66 -33.70
N ARG B 266 14.71 12.57 -33.96
CA ARG B 266 15.44 12.44 -35.19
C ARG B 266 14.44 12.49 -36.39
N LEU B 267 13.18 12.17 -36.17
CA LEU B 267 12.17 12.19 -37.19
C LEU B 267 11.58 13.60 -37.14
N ASN B 268 11.69 14.29 -38.27
CA ASN B 268 11.27 15.66 -38.47
C ASN B 268 9.85 15.93 -38.00
N ASN B 269 8.94 14.98 -38.21
CA ASN B 269 7.54 15.27 -37.84
C ASN B 269 7.09 14.77 -36.46
N VAL B 270 8.02 14.23 -35.68
CA VAL B 270 7.72 13.89 -34.30
C VAL B 270 7.81 15.18 -33.50
N ILE B 271 6.70 15.70 -33.01
CA ILE B 271 6.66 17.01 -32.38
C ILE B 271 6.63 16.94 -30.83
N SER B 272 6.19 15.83 -30.30
CA SER B 272 6.14 15.66 -28.87
C SER B 272 6.25 14.16 -28.56
N ILE B 273 6.79 13.86 -27.38
CA ILE B 273 7.05 12.53 -26.91
C ILE B 273 6.77 12.49 -25.37
N ASN B 274 6.16 11.40 -24.89
CA ASN B 274 5.98 11.14 -23.46
C ASN B 274 6.59 9.79 -23.11
N ALA B 275 6.97 9.65 -21.84
CA ALA B 275 7.36 8.37 -21.28
C ALA B 275 7.05 8.39 -19.81
N SER B 276 6.93 7.19 -19.25
CA SER B 276 6.70 7.02 -17.82
C SER B 276 8.08 6.67 -17.17
N GLY B 277 8.53 7.52 -16.27
CA GLY B 277 9.67 7.22 -15.36
C GLY B 277 9.45 5.96 -14.59
N HIS B 278 8.20 5.68 -14.22
CA HIS B 278 7.90 4.56 -13.42
C HIS B 278 7.60 3.32 -14.23
N LYS B 279 7.82 3.36 -15.54
CA LYS B 279 7.90 2.12 -16.36
C LYS B 279 9.40 1.83 -16.51
N TYR B 280 10.01 1.93 -17.70
CA TYR B 280 11.38 1.50 -17.81
C TYR B 280 12.36 2.60 -17.41
N GLY B 281 11.85 3.75 -16.93
CA GLY B 281 12.68 4.71 -16.25
C GLY B 281 13.25 4.33 -14.86
N LEU B 282 12.75 3.24 -14.31
CA LEU B 282 13.25 2.59 -13.09
C LEU B 282 12.87 3.26 -11.78
N VAL B 283 11.81 4.06 -11.83
CA VAL B 283 11.38 4.80 -10.65
C VAL B 283 10.05 4.17 -10.17
N TYR B 284 9.82 4.18 -8.86
CA TYR B 284 8.52 3.78 -8.32
C TYR B 284 7.44 4.71 -8.83
N PRO B 285 6.19 4.28 -8.76
CA PRO B 285 5.11 5.10 -9.36
C PRO B 285 4.96 6.50 -8.88
N GLY B 286 4.65 7.34 -9.85
CA GLY B 286 4.44 8.74 -9.64
C GLY B 286 5.18 9.73 -10.48
N VAL B 287 5.87 9.33 -11.55
CA VAL B 287 6.49 10.30 -12.49
C VAL B 287 6.43 9.86 -13.93
N GLY B 288 6.11 10.81 -14.79
CA GLY B 288 6.23 10.71 -16.21
C GLY B 288 6.85 11.98 -16.74
N TRP B 289 7.00 12.04 -18.09
CA TRP B 289 7.73 13.13 -18.74
C TRP B 289 7.13 13.38 -20.08
N VAL B 290 6.97 14.66 -20.40
CA VAL B 290 6.57 15.05 -21.74
C VAL B 290 7.50 16.13 -22.27
N ILE B 291 7.89 15.99 -23.54
CA ILE B 291 8.77 16.92 -24.23
C ILE B 291 8.26 17.29 -25.61
N TRP B 292 8.24 18.59 -25.91
CA TRP B 292 7.88 19.17 -27.22
C TRP B 292 9.21 19.59 -27.87
N ARG B 293 9.40 19.21 -29.17
CA ARG B 293 10.60 19.55 -29.90
C ARG B 293 10.85 21.05 -29.93
N ASP B 294 9.81 21.86 -29.90
CA ASP B 294 10.00 23.28 -30.02
C ASP B 294 8.89 24.06 -29.37
N GLN B 295 9.24 25.05 -28.56
CA GLN B 295 8.31 26.06 -28.01
C GLN B 295 7.12 26.50 -28.88
N GLN B 296 7.19 26.45 -30.22
CA GLN B 296 5.99 26.68 -31.07
C GLN B 296 4.89 25.58 -31.08
N TYR B 297 5.25 24.30 -30.89
CA TYR B 297 4.24 23.21 -30.82
C TYR B 297 3.47 23.14 -29.49
N LEU B 298 3.67 24.18 -28.66
CA LEU B 298 2.93 24.42 -27.44
C LEU B 298 2.22 25.78 -27.51
N PRO B 299 0.91 25.80 -27.80
CA PRO B 299 0.16 27.04 -27.81
C PRO B 299 0.21 27.80 -26.47
N LYS B 300 0.31 29.13 -26.53
CA LYS B 300 0.61 29.93 -25.33
C LYS B 300 -0.55 29.89 -24.33
N GLU B 301 -1.79 29.80 -24.80
CA GLU B 301 -2.93 29.72 -23.87
C GLU B 301 -2.98 28.46 -22.96
N LEU B 302 -2.22 27.42 -23.30
CA LEU B 302 -2.02 26.31 -22.41
C LEU B 302 -0.91 26.50 -21.41
N VAL B 303 -0.04 27.49 -21.59
CA VAL B 303 1.06 27.72 -20.68
C VAL B 303 0.66 28.69 -19.57
N PHE B 304 0.75 28.24 -18.32
CA PHE B 304 0.53 29.09 -17.14
C PHE B 304 1.90 29.37 -16.57
N LYS B 305 2.17 30.64 -16.32
CA LYS B 305 3.51 31.12 -15.93
C LYS B 305 3.55 31.18 -14.44
N VAL B 306 4.69 30.77 -13.85
CA VAL B 306 4.85 30.76 -12.36
C VAL B 306 6.02 31.65 -11.90
N SER B 307 6.04 32.02 -10.62
CA SER B 307 7.16 32.76 -9.99
C SER B 307 8.41 31.90 -9.91
N TYR B 308 9.55 32.40 -10.41
CA TYR B 308 10.90 31.80 -10.19
C TYR B 308 12.01 32.84 -10.35
N LEU B 309 12.87 32.86 -9.37
CA LEU B 309 13.93 33.82 -9.32
C LEU B 309 13.21 35.12 -9.49
N GLY B 310 12.23 35.34 -8.62
CA GLY B 310 11.43 36.58 -8.70
C GLY B 310 11.31 37.07 -10.14
N GLY B 311 10.91 36.15 -11.02
CA GLY B 311 10.79 36.37 -12.48
C GLY B 311 9.69 35.45 -12.98
N GLU B 312 9.97 34.62 -13.99
CA GLU B 312 8.94 33.73 -14.58
C GLU B 312 9.47 32.46 -15.29
N LEU B 313 8.74 31.35 -15.10
CA LEU B 313 8.95 30.12 -15.90
C LEU B 313 7.62 29.60 -16.44
N PRO B 314 7.64 29.11 -17.70
CA PRO B 314 6.47 28.48 -18.32
C PRO B 314 6.24 27.04 -17.78
N THR B 315 4.95 26.68 -17.61
CA THR B 315 4.51 25.34 -17.11
C THR B 315 3.26 24.81 -17.88
N MET B 316 3.25 23.50 -18.06
CA MET B 316 2.20 22.83 -18.74
C MET B 316 1.89 21.77 -17.70
N ALA B 317 0.71 21.79 -17.16
CA ALA B 317 0.45 20.93 -16.00
C ALA B 317 -1.03 20.76 -15.87
N ILE B 318 -1.48 19.53 -15.69
CA ILE B 318 -2.86 19.32 -15.25
C ILE B 318 -2.96 19.30 -13.72
N ASN B 319 -2.09 18.51 -13.09
CA ASN B 319 -1.99 18.51 -11.62
C ASN B 319 -1.34 19.81 -11.09
N PHE B 320 -1.62 20.16 -9.85
CA PHE B 320 -0.94 21.26 -9.13
C PHE B 320 -0.02 20.60 -8.09
N SER B 321 -0.23 20.70 -6.79
CA SER B 321 0.67 20.12 -5.81
C SER B 321 0.75 18.64 -5.86
N HIS B 322 1.96 18.12 -5.77
CA HIS B 322 2.21 16.67 -5.65
C HIS B 322 3.67 16.44 -5.21
N SER B 323 4.01 15.20 -4.91
CA SER B 323 5.35 14.85 -4.39
C SER B 323 6.39 14.99 -5.48
N ALA B 324 7.50 15.60 -5.14
CA ALA B 324 8.71 15.55 -5.92
C ALA B 324 9.58 14.33 -5.73
N SER B 325 9.21 13.43 -4.82
CA SER B 325 10.06 12.31 -4.50
C SER B 325 10.45 11.57 -5.77
N GLN B 326 9.45 11.34 -6.66
CA GLN B 326 9.68 10.49 -7.81
C GLN B 326 10.55 11.13 -8.86
N LEU B 327 10.41 12.41 -9.04
CA LEU B 327 11.30 13.14 -9.98
C LEU B 327 12.73 13.20 -9.46
N ILE B 328 12.89 13.34 -8.15
CA ILE B 328 14.23 13.32 -7.53
C ILE B 328 14.84 11.93 -7.76
N GLY B 329 14.02 10.90 -7.57
CA GLY B 329 14.39 9.51 -7.78
C GLY B 329 14.84 9.30 -9.19
N GLN B 330 14.13 9.94 -10.10
CA GLN B 330 14.54 9.85 -11.52
C GLN B 330 15.96 10.42 -11.74
N TYR B 331 16.24 11.59 -11.16
CA TYR B 331 17.56 12.18 -11.25
C TYR B 331 18.60 11.28 -10.57
N TYR B 332 18.22 10.72 -9.41
CA TYR B 332 19.11 9.76 -8.73
C TYR B 332 19.48 8.63 -9.68
N ASN B 333 18.47 8.03 -10.31
CA ASN B 333 18.76 6.98 -11.31
C ASN B 333 19.68 7.43 -12.42
N PHE B 334 19.46 8.63 -12.92
CA PHE B 334 20.25 9.10 -14.07
C PHE B 334 21.77 9.18 -13.72
N ILE B 335 22.04 9.76 -12.57
CA ILE B 335 23.38 10.01 -12.03
C ILE B 335 24.00 8.68 -11.60
N ARG B 336 23.19 7.82 -10.97
CA ARG B 336 23.63 6.55 -10.42
C ARG B 336 24.00 5.56 -11.53
N PHE B 337 23.18 5.42 -12.55
CA PHE B 337 23.38 4.39 -13.54
C PHE B 337 24.10 4.89 -14.83
N GLY B 338 23.77 6.11 -15.26
CA GLY B 338 24.31 6.73 -16.45
C GLY B 338 23.82 5.99 -17.63
N PHE B 339 24.44 6.21 -18.78
CA PHE B 339 24.05 5.46 -19.96
C PHE B 339 24.39 3.98 -19.88
N ASP B 340 25.60 3.65 -19.40
CA ASP B 340 26.01 2.24 -19.40
C ASP B 340 25.28 1.41 -18.35
N GLY B 341 25.00 2.04 -17.21
CA GLY B 341 24.19 1.38 -16.22
C GLY B 341 22.80 1.08 -16.70
N TYR B 342 22.08 2.07 -17.24
CA TYR B 342 20.77 1.82 -17.87
C TYR B 342 20.79 0.69 -18.85
N ARG B 343 21.78 0.74 -19.74
CA ARG B 343 21.90 -0.24 -20.83
C ARG B 343 22.08 -1.68 -20.31
N GLU B 344 22.99 -1.84 -19.35
CA GLU B 344 23.20 -3.11 -18.64
C GLU B 344 21.89 -3.60 -18.03
N ILE B 345 21.14 -2.73 -17.36
CA ILE B 345 19.85 -3.14 -16.78
C ILE B 345 18.84 -3.56 -17.85
N GLN B 346 18.70 -2.75 -18.90
CA GLN B 346 17.76 -3.09 -19.94
C GLN B 346 18.17 -4.36 -20.70
N GLU B 347 19.46 -4.51 -20.95
CA GLU B 347 19.96 -5.76 -21.57
C GLU B 347 19.64 -7.00 -20.75
N LYS B 348 19.88 -6.99 -19.44
CA LYS B 348 19.53 -8.16 -18.60
C LYS B 348 18.01 -8.40 -18.63
N THR B 349 17.25 -7.30 -18.59
CA THR B 349 15.78 -7.42 -18.69
C THR B 349 15.35 -8.05 -19.98
N HIS B 350 15.93 -7.57 -21.07
CA HIS B 350 15.74 -8.19 -22.39
C HIS B 350 16.08 -9.70 -22.31
N ASP B 351 17.20 -10.01 -21.70
CA ASP B 351 17.66 -11.42 -21.66
C ASP B 351 16.66 -12.34 -20.90
N VAL B 352 16.16 -11.88 -19.75
CA VAL B 352 15.14 -12.65 -19.00
C VAL B 352 13.89 -12.83 -19.85
N ALA B 353 13.51 -11.81 -20.62
CA ALA B 353 12.32 -11.94 -21.47
C ALA B 353 12.51 -12.98 -22.56
N ARG B 354 13.72 -13.08 -23.10
CA ARG B 354 14.00 -14.05 -24.13
C ARG B 354 14.07 -15.45 -23.54
N TYR B 355 14.75 -15.64 -22.41
CA TYR B 355 14.69 -16.91 -21.66
C TYR B 355 13.24 -17.39 -21.40
N LEU B 356 12.35 -16.46 -21.07
CA LEU B 356 10.97 -16.77 -20.82
C LEU B 356 10.25 -17.19 -22.08
N ALA B 357 10.53 -16.53 -23.19
CA ALA B 357 9.77 -16.84 -24.42
C ALA B 357 10.18 -18.23 -24.93
N LYS B 358 11.48 -18.49 -24.90
CA LYS B 358 12.06 -19.81 -25.21
C LYS B 358 11.59 -20.90 -24.27
N SER B 359 11.44 -20.60 -22.97
CA SER B 359 10.93 -21.57 -22.01
C SER B 359 9.50 -21.94 -22.33
N LEU B 360 8.66 -20.99 -22.74
CA LEU B 360 7.24 -21.27 -23.07
C LEU B 360 7.00 -22.08 -24.37
N THR B 361 7.90 -21.94 -25.34
CA THR B 361 7.87 -22.77 -26.57
C THR B 361 8.38 -24.19 -26.27
N LYS B 362 9.40 -24.27 -25.42
CA LYS B 362 9.93 -25.55 -24.92
C LYS B 362 8.88 -26.38 -24.13
N LEU B 363 7.91 -25.72 -23.49
CA LEU B 363 6.83 -26.41 -22.76
C LEU B 363 5.68 -26.85 -23.65
N GLY B 364 5.54 -26.22 -24.81
CA GLY B 364 4.42 -26.52 -25.69
C GLY B 364 3.07 -26.18 -25.08
N GLY B 365 2.06 -26.13 -25.94
CA GLY B 365 0.72 -25.78 -25.52
C GLY B 365 0.50 -24.30 -25.52
N PHE B 366 1.58 -23.57 -25.82
CA PHE B 366 1.57 -22.14 -25.88
C PHE B 366 2.03 -21.71 -27.23
N SER B 367 1.23 -20.82 -27.80
CA SER B 367 1.57 -20.11 -29.01
C SER B 367 1.87 -18.62 -28.67
N LEU B 368 3.12 -18.22 -28.91
CA LEU B 368 3.61 -16.85 -28.70
C LEU B 368 3.11 -15.82 -29.70
N ILE B 369 2.31 -14.84 -29.24
CA ILE B 369 1.95 -13.65 -30.04
C ILE B 369 3.12 -12.67 -30.09
N ASN B 370 3.85 -12.56 -29.00
CA ASN B 370 5.02 -11.73 -29.02
C ASN B 370 6.09 -12.36 -28.17
N ASP B 371 7.31 -12.45 -28.70
CA ASP B 371 8.38 -13.26 -28.09
C ASP B 371 9.46 -12.43 -27.43
N GLY B 372 9.20 -11.12 -27.23
CA GLY B 372 10.09 -10.28 -26.47
C GLY B 372 11.30 -9.76 -27.22
N HIS B 373 11.16 -9.60 -28.54
CA HIS B 373 12.21 -9.01 -29.39
C HIS B 373 12.26 -7.51 -29.24
N GLU B 374 11.11 -6.88 -29.02
CA GLU B 374 11.05 -5.45 -28.86
C GLU B 374 11.04 -5.12 -27.33
N LEU B 375 9.94 -4.62 -26.80
CA LEU B 375 9.84 -4.47 -25.36
C LEU B 375 10.02 -5.83 -24.68
N PRO B 376 10.44 -5.86 -23.41
CA PRO B 376 10.55 -7.09 -22.69
C PRO B 376 9.20 -7.54 -22.12
N LEU B 377 8.37 -8.03 -23.01
CA LEU B 377 7.07 -8.44 -22.69
C LEU B 377 6.79 -9.61 -23.60
N ILE B 378 6.20 -10.66 -23.04
CA ILE B 378 5.80 -11.85 -23.79
C ILE B 378 4.27 -11.93 -23.74
N CYS B 379 3.67 -12.17 -24.89
CA CYS B 379 2.24 -12.38 -25.06
C CYS B 379 2.04 -13.72 -25.65
N TYR B 380 1.06 -14.46 -25.14
CA TYR B 380 0.77 -15.81 -25.63
C TYR B 380 -0.68 -16.18 -25.45
N GLU B 381 -1.13 -17.15 -26.25
CA GLU B 381 -2.44 -17.75 -26.02
C GLU B 381 -2.24 -19.25 -25.95
N LEU B 382 -3.28 -19.93 -25.50
CA LEU B 382 -3.33 -21.38 -25.57
C LEU B 382 -3.53 -21.80 -27.00
N THR B 383 -2.75 -22.79 -27.44
CA THR B 383 -2.97 -23.45 -28.74
C THR B 383 -4.27 -24.24 -28.57
N ALA B 384 -5.26 -24.08 -29.46
CA ALA B 384 -6.50 -24.87 -29.34
C ALA B 384 -6.26 -26.44 -29.17
N ASP B 385 -6.83 -27.03 -28.11
CA ASP B 385 -6.75 -28.48 -27.83
C ASP B 385 -8.11 -28.87 -27.25
N SER B 386 -8.80 -29.77 -27.94
CA SER B 386 -10.19 -30.19 -27.60
C SER B 386 -10.27 -30.93 -26.26
N ASP B 387 -9.17 -31.62 -25.89
CA ASP B 387 -9.05 -32.32 -24.58
C ASP B 387 -8.53 -31.43 -23.39
N ARG B 388 -8.83 -30.12 -23.43
CA ARG B 388 -8.52 -29.20 -22.31
C ARG B 388 -9.77 -28.43 -21.90
N GLU B 389 -10.23 -28.72 -20.70
CA GLU B 389 -11.35 -28.00 -20.08
C GLU B 389 -10.97 -26.52 -19.78
N TRP B 390 -9.73 -26.34 -19.34
CA TRP B 390 -9.31 -25.10 -18.70
C TRP B 390 -8.86 -23.99 -19.64
N THR B 391 -9.11 -22.72 -19.23
CA THR B 391 -8.67 -21.54 -19.99
C THR B 391 -7.48 -20.82 -19.31
N LEU B 392 -7.04 -19.73 -19.93
CA LEU B 392 -5.96 -18.93 -19.33
C LEU B 392 -6.43 -18.30 -18.01
N TYR B 393 -7.75 -18.04 -17.91
CA TYR B 393 -8.31 -17.62 -16.66
C TYR B 393 -8.00 -18.63 -15.55
N ASP B 394 -8.17 -19.93 -15.84
CA ASP B 394 -7.83 -20.95 -14.85
C ASP B 394 -6.35 -20.95 -14.51
N LEU B 395 -5.51 -20.75 -15.52
CA LEU B 395 -4.06 -20.68 -15.31
C LEU B 395 -3.65 -19.50 -14.40
N SER B 396 -4.27 -18.34 -14.58
CA SER B 396 -4.02 -17.13 -13.75
C SER B 396 -4.35 -17.40 -12.32
N ASP B 397 -5.50 -18.07 -12.09
CA ASP B 397 -5.90 -18.55 -10.74
C ASP B 397 -4.87 -19.45 -10.13
N ARG B 398 -4.45 -20.48 -10.86
CA ARG B 398 -3.46 -21.40 -10.27
C ARG B 398 -2.18 -20.71 -9.94
N LEU B 399 -1.68 -19.86 -10.88
CA LEU B 399 -0.42 -19.12 -10.64
C LEU B 399 -0.50 -18.20 -9.42
N LEU B 400 -1.67 -17.59 -9.13
CA LEU B 400 -1.89 -16.84 -7.85
C LEU B 400 -1.60 -17.65 -6.58
N MET B 401 -1.85 -18.96 -6.63
CA MET B 401 -1.57 -19.87 -5.48
C MET B 401 -0.10 -19.85 -5.08
N LYS B 402 0.76 -19.54 -6.05
CA LYS B 402 2.18 -19.53 -5.80
C LYS B 402 2.73 -18.12 -5.80
N GLY B 403 1.88 -17.12 -5.62
CA GLY B 403 2.25 -15.72 -5.52
C GLY B 403 2.18 -14.89 -6.80
N TRP B 404 2.24 -15.54 -7.96
CA TRP B 404 2.44 -14.84 -9.22
C TRP B 404 1.13 -14.23 -9.69
N GLN B 405 1.16 -12.98 -10.12
CA GLN B 405 0.02 -12.40 -10.79
C GLN B 405 0.31 -12.29 -12.29
N VAL B 406 -0.51 -13.00 -13.03
CA VAL B 406 -0.43 -12.96 -14.48
C VAL B 406 -1.88 -12.73 -14.95
N PRO B 407 -2.17 -11.56 -15.55
CA PRO B 407 -3.54 -11.25 -15.94
C PRO B 407 -3.93 -11.99 -17.23
N THR B 408 -5.22 -12.26 -17.40
CA THR B 408 -5.74 -12.77 -18.68
C THR B 408 -6.66 -11.69 -19.29
N TYR B 409 -6.55 -11.44 -20.60
CA TYR B 409 -7.39 -10.43 -21.24
C TYR B 409 -7.63 -10.65 -22.71
N PRO B 410 -8.70 -10.02 -23.28
CA PRO B 410 -8.94 -10.03 -24.74
C PRO B 410 -8.11 -8.99 -25.51
N LEU B 411 -7.66 -9.33 -26.72
CA LEU B 411 -7.04 -8.37 -27.62
C LEU B 411 -8.00 -7.26 -28.09
N PRO B 412 -7.41 -6.15 -28.63
CA PRO B 412 -8.28 -5.03 -29.03
C PRO B 412 -8.84 -5.30 -30.43
N LYS B 413 -9.70 -4.36 -30.86
CA LYS B 413 -10.56 -4.60 -32.01
C LYS B 413 -9.84 -5.06 -33.24
N ASN B 414 -10.67 -5.89 -33.91
CA ASN B 414 -10.41 -6.94 -34.94
C ASN B 414 -9.67 -8.22 -34.50
N MET B 415 -9.21 -8.27 -33.25
CA MET B 415 -8.80 -9.52 -32.60
C MET B 415 -9.42 -9.69 -31.22
N THR B 416 -10.66 -9.20 -31.02
CA THR B 416 -11.38 -9.39 -29.73
C THR B 416 -11.82 -10.87 -29.40
N ASP B 417 -11.68 -11.79 -30.38
CA ASP B 417 -11.86 -13.25 -30.16
C ASP B 417 -10.57 -13.95 -29.64
N ARG B 418 -9.49 -13.21 -29.43
CA ARG B 418 -8.22 -13.80 -29.04
C ARG B 418 -7.95 -13.44 -27.58
N VAL B 419 -7.83 -14.47 -26.75
CA VAL B 419 -7.66 -14.28 -25.32
C VAL B 419 -6.23 -14.59 -25.00
N ILE B 420 -5.55 -13.67 -24.33
CA ILE B 420 -4.12 -13.86 -24.11
C ILE B 420 -3.72 -13.62 -22.67
N GLN B 421 -2.49 -14.03 -22.39
CA GLN B 421 -1.76 -13.68 -21.20
C GLN B 421 -0.46 -12.96 -21.58
N ARG B 422 -0.14 -11.91 -20.80
CA ARG B 422 1.09 -11.13 -20.89
C ARG B 422 1.95 -11.31 -19.61
N ILE B 423 3.24 -11.48 -19.80
CA ILE B 423 4.21 -11.40 -18.78
C ILE B 423 5.10 -10.19 -19.12
N VAL B 424 5.12 -9.20 -18.23
CA VAL B 424 6.03 -8.10 -18.41
C VAL B 424 7.20 -8.27 -17.45
N VAL B 425 8.41 -8.12 -18.01
CA VAL B 425 9.63 -8.36 -17.29
C VAL B 425 10.26 -7.01 -17.01
N ARG B 426 10.50 -6.79 -15.72
CA ARG B 426 11.09 -5.64 -15.16
C ARG B 426 12.48 -5.96 -14.63
N ALA B 427 13.21 -4.92 -14.25
CA ALA B 427 14.62 -4.97 -13.70
C ALA B 427 14.82 -5.85 -12.53
N ASP B 428 13.78 -6.07 -11.76
CA ASP B 428 13.88 -6.93 -10.55
C ASP B 428 13.37 -8.35 -10.73
N PHE B 429 12.99 -8.74 -11.95
CA PHE B 429 12.72 -10.10 -12.30
C PHE B 429 13.99 -10.81 -12.77
N GLY B 430 14.75 -11.30 -11.81
CA GLY B 430 16.07 -11.89 -12.10
C GLY B 430 15.97 -13.24 -12.84
N MET B 431 17.10 -13.68 -13.40
CA MET B 431 17.16 -14.97 -14.11
C MET B 431 16.78 -16.12 -13.19
N SER B 432 17.29 -16.13 -11.96
CA SER B 432 16.92 -17.21 -11.01
C SER B 432 15.42 -17.28 -10.73
N MET B 433 14.82 -16.10 -10.48
CA MET B 433 13.37 -16.02 -10.21
C MET B 433 12.60 -16.44 -11.44
N ALA B 434 13.18 -16.24 -12.63
CA ALA B 434 12.51 -16.67 -13.85
C ALA B 434 12.55 -18.19 -14.07
N HIS B 435 13.62 -18.84 -13.63
CA HIS B 435 13.68 -20.31 -13.61
C HIS B 435 12.58 -20.85 -12.61
N ASP B 436 12.50 -20.22 -11.41
CA ASP B 436 11.50 -20.57 -10.40
C ASP B 436 10.09 -20.39 -10.93
N PHE B 437 9.87 -19.31 -11.68
CA PHE B 437 8.56 -19.09 -12.26
C PHE B 437 8.20 -20.19 -13.22
N ILE B 438 9.14 -20.54 -14.10
CA ILE B 438 8.86 -21.61 -15.08
C ILE B 438 8.58 -22.98 -14.35
N ASP B 439 9.27 -23.25 -13.25
CA ASP B 439 8.92 -24.44 -12.39
C ASP B 439 7.49 -24.33 -11.86
N ASP B 440 7.19 -23.23 -11.17
CA ASP B 440 5.83 -22.99 -10.70
C ASP B 440 4.87 -23.12 -11.87
N LEU B 441 5.18 -22.57 -13.03
CA LEU B 441 4.22 -22.67 -14.17
C LEU B 441 3.99 -24.07 -14.70
N THR B 442 5.07 -24.84 -14.73
CA THR B 442 5.06 -26.25 -15.15
C THR B 442 4.14 -27.07 -14.22
N GLN B 443 4.27 -26.84 -12.91
CA GLN B 443 3.46 -27.54 -11.92
C GLN B 443 1.97 -27.15 -12.06
N ALA B 444 1.68 -25.88 -12.33
CA ALA B 444 0.31 -25.42 -12.57
C ALA B 444 -0.35 -26.11 -13.72
N ILE B 445 0.36 -26.22 -14.84
CA ILE B 445 -0.15 -26.93 -16.03
C ILE B 445 -0.43 -28.41 -15.68
N HIS B 446 0.48 -29.05 -14.97
CA HIS B 446 0.29 -30.42 -14.49
C HIS B 446 -0.96 -30.52 -13.56
N ASP B 447 -1.07 -29.66 -12.55
CA ASP B 447 -2.26 -29.62 -11.68
C ASP B 447 -3.62 -29.36 -12.40
N LEU B 448 -3.62 -28.54 -13.44
CA LEU B 448 -4.86 -28.23 -14.17
C LEU B 448 -5.20 -29.32 -15.17
N ASP B 449 -4.18 -30.01 -15.68
CA ASP B 449 -4.39 -31.12 -16.61
C ASP B 449 -5.16 -32.28 -15.95
N GLN B 450 -5.03 -32.43 -14.63
CA GLN B 450 -5.77 -33.43 -13.88
C GLN B 450 -6.77 -32.83 -12.89
N ALA B 451 -7.30 -31.65 -13.22
CA ALA B 451 -8.29 -30.98 -12.38
C ALA B 451 -9.65 -31.60 -12.65
N HIS B 452 -10.51 -31.59 -11.64
CA HIS B 452 -11.88 -32.03 -11.78
C HIS B 452 -12.92 -30.89 -11.67
N ILE B 453 -12.50 -29.65 -11.34
CA ILE B 453 -13.46 -28.50 -11.21
C ILE B 453 -13.16 -27.42 -12.25
N VAL B 454 -14.22 -26.81 -12.83
CA VAL B 454 -14.16 -25.79 -13.91
C VAL B 454 -12.79 -25.49 -14.53
N ASP C 28 23.03 -18.46 -11.24
CA ASP C 28 22.16 -18.97 -10.15
C ASP C 28 22.89 -18.86 -8.80
N LEU C 29 22.23 -19.31 -7.72
CA LEU C 29 22.84 -19.47 -6.37
C LEU C 29 23.39 -20.93 -6.23
N PRO C 30 24.52 -21.14 -5.52
CA PRO C 30 24.96 -22.49 -5.14
C PRO C 30 23.85 -23.44 -4.55
N LYS C 31 23.61 -24.55 -5.25
CA LYS C 31 22.64 -25.57 -4.85
C LYS C 31 23.26 -26.97 -4.56
N TYR C 32 24.52 -27.12 -4.94
CA TYR C 32 25.19 -28.38 -4.76
C TYR C 32 26.49 -28.24 -4.00
N LYS C 33 27.28 -27.22 -4.31
CA LYS C 33 28.64 -27.06 -3.82
C LYS C 33 28.87 -25.63 -3.46
N LEU C 34 29.84 -25.39 -2.61
CA LEU C 34 30.31 -24.02 -2.37
C LEU C 34 30.89 -23.43 -3.67
N ALA C 35 30.58 -22.19 -3.99
CA ALA C 35 31.27 -21.43 -5.05
C ALA C 35 32.67 -21.17 -4.62
N LYS C 36 33.54 -20.98 -5.59
CA LYS C 36 34.93 -20.70 -5.30
C LYS C 36 35.08 -19.31 -4.68
N HIS C 37 34.38 -18.32 -5.23
CA HIS C 37 34.62 -16.94 -4.90
C HIS C 37 33.50 -16.39 -4.00
N ALA C 38 33.88 -15.52 -3.09
CA ALA C 38 32.96 -14.64 -2.36
C ALA C 38 32.10 -13.72 -3.26
N LEU C 39 30.99 -13.24 -2.67
CA LEU C 39 30.15 -12.26 -3.29
C LEU C 39 30.13 -10.99 -2.43
N GLU C 40 29.82 -9.86 -3.08
CA GLU C 40 29.48 -8.62 -2.39
C GLU C 40 28.34 -8.85 -1.37
N PRO C 41 28.42 -8.25 -0.17
CA PRO C 41 27.33 -8.25 0.80
C PRO C 41 25.92 -7.98 0.24
N ARG C 42 25.77 -6.95 -0.57
CA ARG C 42 24.44 -6.56 -1.07
C ARG C 42 23.98 -7.57 -2.07
N GLU C 43 24.94 -8.11 -2.79
CA GLU C 43 24.63 -9.12 -3.77
C GLU C 43 24.18 -10.40 -3.02
N ALA C 44 24.97 -10.85 -2.03
CA ALA C 44 24.61 -12.07 -1.26
C ALA C 44 23.24 -11.87 -0.58
N ASP C 45 23.07 -10.71 0.05
CA ASP C 45 21.83 -10.35 0.70
C ASP C 45 20.70 -10.44 -0.28
N ARG C 46 20.84 -9.78 -1.44
CA ARG C 46 19.77 -9.78 -2.46
C ARG C 46 19.46 -11.19 -2.91
N LEU C 47 20.50 -11.98 -3.17
CA LEU C 47 20.25 -13.34 -3.67
C LEU C 47 19.50 -14.25 -2.66
N VAL C 48 19.81 -14.13 -1.38
CA VAL C 48 19.13 -14.96 -0.40
C VAL C 48 17.69 -14.49 -0.24
N ARG C 49 17.53 -13.20 0.01
CA ARG C 49 16.21 -12.61 0.15
C ARG C 49 15.30 -12.86 -1.06
N ASP C 50 15.84 -12.78 -2.27
CA ASP C 50 15.02 -13.13 -3.46
C ASP C 50 14.57 -14.58 -3.51
N GLN C 51 15.49 -15.49 -3.21
CA GLN C 51 15.11 -16.90 -3.04
C GLN C 51 13.96 -17.04 -2.04
N LEU C 52 14.00 -16.28 -0.95
CA LEU C 52 12.93 -16.29 0.06
C LEU C 52 11.57 -15.65 -0.34
N LEU C 53 11.57 -14.79 -1.37
CA LEU C 53 10.37 -14.06 -1.83
C LEU C 53 9.09 -14.84 -1.82
N ASP C 54 9.10 -15.92 -2.58
CA ASP C 54 7.92 -16.60 -2.99
C ASP C 54 7.40 -17.69 -1.96
N GLU C 55 7.64 -17.51 -0.66
CA GLU C 55 6.96 -18.35 0.35
C GLU C 55 6.00 -17.47 1.12
N GLY C 56 5.02 -18.11 1.76
CA GLY C 56 3.82 -17.40 2.22
C GLY C 56 4.17 -16.34 3.26
N ASN C 57 3.56 -15.15 3.17
CA ASN C 57 3.59 -14.28 4.34
C ASN C 57 3.10 -15.09 5.55
N SER C 58 3.98 -15.23 6.52
CA SER C 58 3.80 -16.09 7.67
C SER C 58 2.55 -15.78 8.43
N ARG C 59 2.22 -14.50 8.52
CA ARG C 59 1.10 -14.05 9.30
C ARG C 59 -0.27 -14.49 8.75
N LEU C 60 -0.34 -14.90 7.49
CA LEU C 60 -1.56 -15.34 6.82
C LEU C 60 -1.62 -16.89 6.76
N ASN C 61 -0.72 -17.54 7.48
CA ASN C 61 -0.74 -18.97 7.62
C ASN C 61 -1.58 -19.20 8.84
N LEU C 62 -2.73 -19.85 8.61
CA LEU C 62 -3.68 -20.19 9.68
C LEU C 62 -3.65 -21.68 10.05
N ALA C 63 -2.58 -22.36 9.64
CA ALA C 63 -2.40 -23.76 9.92
C ALA C 63 -1.44 -24.06 11.05
N THR C 64 -0.92 -23.09 11.78
CA THR C 64 0.10 -23.43 12.77
C THR C 64 -0.18 -22.71 14.08
N PHE C 65 0.31 -23.21 15.21
CA PHE C 65 0.27 -22.43 16.44
C PHE C 65 1.47 -21.55 16.63
N CYS C 66 2.51 -21.75 15.82
CA CYS C 66 3.78 -21.03 16.01
C CYS C 66 3.63 -19.53 15.78
N GLN C 67 4.16 -18.75 16.69
CA GLN C 67 4.03 -17.31 16.59
C GLN C 67 4.66 -16.71 15.36
N THR C 68 3.96 -15.72 14.79
CA THR C 68 4.40 -15.06 13.61
C THR C 68 4.53 -13.56 13.83
N TYR C 69 4.53 -13.14 15.11
CA TYR C 69 4.64 -11.74 15.44
C TYR C 69 5.11 -11.58 16.86
N MET C 70 5.96 -10.58 17.07
CA MET C 70 6.32 -10.10 18.37
C MET C 70 6.40 -8.57 18.29
N GLU C 71 6.26 -7.92 19.42
CA GLU C 71 6.35 -6.46 19.47
C GLU C 71 7.78 -5.98 19.12
N PRO C 72 7.93 -4.68 18.73
CA PRO C 72 9.25 -4.27 18.18
C PRO C 72 10.36 -4.30 19.18
N GLU C 73 10.07 -4.00 20.44
CA GLU C 73 11.07 -4.06 21.48
C GLU C 73 11.59 -5.51 21.62
N ALA C 74 10.71 -6.50 21.55
CA ALA C 74 11.12 -7.87 21.72
C ALA C 74 12.00 -8.28 20.51
N VAL C 75 11.60 -7.91 19.31
CA VAL C 75 12.34 -8.33 18.11
C VAL C 75 13.77 -7.79 18.23
N GLU C 76 13.89 -6.53 18.66
CA GLU C 76 15.19 -5.87 18.72
C GLU C 76 16.03 -6.41 19.86
N LEU C 77 15.41 -6.80 20.99
CA LEU C 77 16.11 -7.48 22.07
C LEU C 77 16.63 -8.85 21.59
N MET C 78 15.79 -9.54 20.85
CA MET C 78 16.21 -10.83 20.28
C MET C 78 17.44 -10.77 19.39
N LYS C 79 17.37 -9.85 18.44
CA LYS C 79 18.47 -9.52 17.54
C LYS C 79 19.75 -9.16 18.34
N ASP C 80 19.63 -8.36 19.39
CA ASP C 80 20.81 -7.95 20.18
C ASP C 80 21.40 -9.02 21.08
N THR C 81 20.72 -10.15 21.33
CA THR C 81 21.23 -11.24 22.13
C THR C 81 21.37 -12.55 21.32
N LEU C 82 21.34 -12.48 19.99
CA LEU C 82 21.59 -13.59 19.10
C LEU C 82 22.90 -14.33 19.41
N GLU C 83 23.88 -13.61 19.91
CA GLU C 83 25.17 -14.21 20.19
C GLU C 83 25.24 -14.94 21.50
N LYS C 84 24.27 -14.75 22.37
CA LYS C 84 24.35 -15.35 23.69
C LYS C 84 24.07 -16.85 23.54
N ASN C 85 24.65 -17.66 24.43
CA ASN C 85 24.50 -19.11 24.36
C ASN C 85 23.68 -19.54 25.60
N ALA C 86 22.46 -19.97 25.36
CA ALA C 86 21.60 -20.38 26.45
C ALA C 86 22.16 -21.47 27.37
N ILE C 87 23.05 -22.36 26.87
CA ILE C 87 23.57 -23.50 27.68
C ILE C 87 24.70 -23.06 28.60
N ASP C 88 25.33 -21.93 28.29
CA ASP C 88 26.59 -21.58 28.89
C ASP C 88 26.39 -20.71 30.17
N LYS C 89 26.23 -21.38 31.29
CA LYS C 89 25.84 -20.71 32.53
C LYS C 89 26.97 -19.86 33.15
N SER C 90 28.20 -20.33 33.17
CA SER C 90 29.23 -19.53 33.86
C SER C 90 29.55 -18.28 33.05
N GLU C 91 29.30 -18.32 31.75
CA GLU C 91 29.66 -17.24 30.88
C GLU C 91 28.48 -16.28 30.71
N TYR C 92 27.24 -16.77 30.90
CA TYR C 92 26.05 -15.88 30.86
C TYR C 92 25.18 -16.04 32.08
N PRO C 93 25.70 -15.63 33.27
CA PRO C 93 25.00 -15.91 34.50
C PRO C 93 23.72 -15.12 34.62
N ARG C 94 23.63 -13.98 33.94
CA ARG C 94 22.41 -13.15 34.03
C ARG C 94 21.32 -13.79 33.14
N THR C 95 21.70 -14.28 31.97
CA THR C 95 20.77 -15.05 31.15
C THR C 95 20.32 -16.29 31.87
N ALA C 96 21.21 -17.00 32.56
CA ALA C 96 20.80 -18.15 33.39
C ALA C 96 19.82 -17.78 34.52
N GLU C 97 20.05 -16.66 35.18
CA GLU C 97 19.12 -16.17 36.20
C GLU C 97 17.75 -15.93 35.56
N ILE C 98 17.73 -15.34 34.38
CA ILE C 98 16.48 -15.14 33.67
C ILE C 98 15.79 -16.45 33.39
N GLU C 99 16.53 -17.48 32.99
CA GLU C 99 15.92 -18.78 32.82
C GLU C 99 15.26 -19.28 34.09
N ASN C 100 15.97 -19.20 35.20
CA ASN C 100 15.44 -19.64 36.45
C ASN C 100 14.19 -18.85 36.89
N ARG C 101 14.22 -17.55 36.68
CA ARG C 101 12.99 -16.75 36.81
C ARG C 101 11.86 -17.23 35.99
N CYS C 102 12.07 -17.52 34.71
CA CYS C 102 10.97 -18.01 33.89
C CYS C 102 10.47 -19.33 34.45
N VAL C 103 11.37 -20.22 34.86
CA VAL C 103 10.94 -21.53 35.41
C VAL C 103 10.00 -21.31 36.61
N ASN C 104 10.39 -20.37 37.49
CA ASN C 104 9.62 -20.02 38.70
C ASN C 104 8.24 -19.48 38.35
N ILE C 105 8.23 -18.57 37.39
CA ILE C 105 7.01 -17.97 36.88
C ILE C 105 6.05 -18.98 36.28
N ILE C 106 6.59 -19.90 35.49
CA ILE C 106 5.78 -20.92 34.85
C ILE C 106 5.31 -21.93 35.92
N ALA C 107 6.21 -22.42 36.76
CA ALA C 107 5.76 -23.26 37.91
C ALA C 107 4.59 -22.70 38.67
N ASN C 108 4.65 -21.39 39.03
CA ASN C 108 3.59 -20.74 39.82
C ASN C 108 2.31 -20.60 39.02
N LEU C 109 2.41 -20.30 37.73
CA LEU C 109 1.26 -20.22 36.88
C LEU C 109 0.50 -21.52 36.81
N TRP C 110 1.23 -22.62 36.85
CA TRP C 110 0.63 -23.95 36.79
C TRP C 110 0.44 -24.54 38.21
N HIS C 111 0.55 -23.70 39.25
CA HIS C 111 0.21 -24.02 40.62
C HIS C 111 1.06 -25.12 41.17
N ALA C 112 2.37 -25.09 40.88
CA ALA C 112 3.28 -26.07 41.50
C ALA C 112 3.15 -25.90 43.03
N PRO C 113 2.95 -26.99 43.76
CA PRO C 113 2.69 -26.77 45.19
C PRO C 113 3.93 -26.25 45.96
N GLU C 114 3.71 -25.37 46.94
CA GLU C 114 4.83 -24.81 47.72
C GLU C 114 5.39 -25.86 48.69
N ALA C 115 4.51 -26.75 49.18
CA ALA C 115 4.88 -27.95 49.97
C ALA C 115 5.93 -28.91 49.33
N GLU C 116 6.01 -28.90 47.99
CA GLU C 116 6.93 -29.73 47.18
C GLU C 116 7.98 -28.79 46.55
N SER C 117 8.95 -29.37 45.84
CA SER C 117 10.15 -28.71 45.35
C SER C 117 10.28 -28.84 43.78
N PHE C 118 9.49 -28.06 43.05
CA PHE C 118 9.52 -28.11 41.57
C PHE C 118 10.94 -27.82 40.96
N THR C 119 11.26 -28.45 39.83
CA THR C 119 12.38 -28.09 38.99
C THR C 119 11.86 -28.05 37.60
N GLY C 120 12.66 -27.41 36.74
CA GLY C 120 12.31 -27.21 35.36
C GLY C 120 13.42 -26.63 34.56
N THR C 121 13.16 -26.53 33.26
CA THR C 121 14.12 -25.93 32.36
C THR C 121 13.44 -25.44 31.12
N SER C 122 14.08 -24.49 30.44
CA SER C 122 13.70 -24.14 29.08
C SER C 122 14.18 -25.31 28.22
N THR C 123 13.63 -25.39 27.03
CA THR C 123 13.98 -26.32 26.01
C THR C 123 13.85 -25.56 24.67
N ILE C 124 14.15 -26.22 23.56
CA ILE C 124 13.94 -25.64 22.21
C ILE C 124 12.44 -25.57 21.91
N GLY C 125 11.71 -26.59 22.38
CA GLY C 125 10.29 -26.70 22.09
C GLY C 125 9.65 -27.76 22.95
N SER C 126 8.37 -27.98 22.73
CA SER C 126 7.68 -29.04 23.48
C SER C 126 8.24 -30.41 23.14
N SER C 127 8.82 -30.62 21.94
CA SER C 127 9.36 -31.94 21.63
C SER C 127 10.38 -32.41 22.65
N GLU C 128 11.40 -31.61 22.82
CA GLU C 128 12.47 -31.92 23.76
C GLU C 128 11.94 -32.03 25.17
N ALA C 129 11.01 -31.16 25.53
CA ALA C 129 10.36 -31.20 26.86
C ALA C 129 9.59 -32.50 27.10
N CYS C 130 8.84 -32.95 26.08
CA CYS C 130 8.06 -34.22 26.08
C CYS C 130 9.01 -35.33 26.23
N MET C 131 10.12 -35.25 25.46
CA MET C 131 11.10 -36.31 25.53
C MET C 131 11.75 -36.46 26.89
N LEU C 132 12.13 -35.35 27.50
CA LEU C 132 12.75 -35.33 28.79
C LEU C 132 11.74 -35.84 29.87
N ALA C 133 10.48 -35.45 29.76
CA ALA C 133 9.52 -35.90 30.72
C ALA C 133 9.23 -37.38 30.51
N GLY C 134 9.13 -37.81 29.26
CA GLY C 134 8.94 -39.24 28.98
C GLY C 134 10.08 -40.11 29.51
N LEU C 135 11.27 -39.57 29.40
CA LEU C 135 12.47 -40.28 29.86
C LEU C 135 12.54 -40.35 31.38
N ALA C 136 12.12 -39.28 32.06
CA ALA C 136 11.99 -39.30 33.50
C ALA C 136 10.99 -40.40 33.88
N MET C 137 9.88 -40.47 33.18
CA MET C 137 8.89 -41.49 33.49
C MET C 137 9.46 -42.89 33.22
N LYS C 138 10.13 -43.07 32.10
CA LYS C 138 10.70 -44.39 31.80
C LYS C 138 11.65 -44.87 32.91
N PHE C 139 12.59 -44.02 33.30
CA PHE C 139 13.57 -44.32 34.31
C PHE C 139 12.95 -44.55 35.70
N ALA C 140 11.93 -43.77 36.04
CA ALA C 140 11.23 -43.99 37.31
C ALA C 140 10.43 -45.28 37.30
N TRP C 141 9.75 -45.59 36.19
CA TRP C 141 9.06 -46.85 36.05
C TRP C 141 10.00 -48.06 36.17
N ARG C 142 11.11 -48.01 35.46
CA ARG C 142 12.06 -49.12 35.49
C ARG C 142 12.58 -49.50 36.90
N LYS C 143 12.80 -48.53 37.78
CA LYS C 143 13.19 -48.79 39.18
C LYS C 143 12.08 -49.46 39.95
N ARG C 144 10.86 -48.96 39.75
CA ARG C 144 9.66 -49.52 40.37
C ARG C 144 9.55 -50.97 39.92
N ALA C 145 9.63 -51.16 38.61
CA ALA C 145 9.53 -52.45 37.98
C ALA C 145 10.59 -53.51 38.43
N LYS C 146 11.84 -53.09 38.54
CA LYS C 146 12.90 -53.95 39.09
C LYS C 146 12.55 -54.31 40.52
N ALA C 147 12.29 -53.31 41.36
CA ALA C 147 11.90 -53.54 42.74
C ALA C 147 10.78 -54.56 42.91
N ASN C 148 9.82 -54.64 41.98
CA ASN C 148 8.71 -55.61 42.05
C ASN C 148 8.92 -56.91 41.33
N GLY C 149 10.13 -57.16 40.86
CA GLY C 149 10.43 -58.37 40.11
C GLY C 149 9.79 -58.54 38.75
N LEU C 150 9.38 -57.45 38.08
CA LEU C 150 8.73 -57.58 36.76
C LEU C 150 9.74 -58.05 35.69
N ASP C 151 9.32 -58.96 34.84
CA ASP C 151 10.20 -59.45 33.81
C ASP C 151 10.32 -58.38 32.71
N LEU C 152 11.42 -57.63 32.76
CA LEU C 152 11.75 -56.58 31.75
C LEU C 152 11.99 -57.11 30.35
N THR C 153 12.22 -58.42 30.17
CA THR C 153 12.54 -58.94 28.83
C THR C 153 11.26 -59.33 28.10
N ALA C 154 10.12 -59.41 28.78
CA ALA C 154 8.90 -60.00 28.16
C ALA C 154 8.12 -58.99 27.27
N HIS C 155 8.15 -57.71 27.65
CA HIS C 155 7.50 -56.63 26.87
C HIS C 155 8.29 -55.36 27.00
N GLN C 156 8.20 -54.51 25.99
CA GLN C 156 8.72 -53.16 26.11
C GLN C 156 7.89 -52.38 27.16
N PRO C 157 8.47 -51.32 27.76
CA PRO C 157 7.61 -50.37 28.47
C PRO C 157 6.61 -49.75 27.49
N ASN C 158 5.48 -49.22 27.99
CA ASN C 158 4.61 -48.48 27.11
C ASN C 158 4.14 -47.16 27.68
N ILE C 159 3.57 -46.31 26.80
CA ILE C 159 2.89 -45.11 27.28
C ILE C 159 1.53 -45.13 26.70
N VAL C 160 0.61 -44.47 27.37
CA VAL C 160 -0.77 -44.42 26.95
C VAL C 160 -1.10 -42.99 26.61
N ILE C 161 -1.69 -42.81 25.46
CA ILE C 161 -2.02 -41.49 24.96
C ILE C 161 -3.15 -41.59 23.98
N SER C 162 -3.87 -40.49 23.88
CA SER C 162 -4.89 -40.30 22.89
C SER C 162 -4.32 -40.36 21.50
N ALA C 163 -5.16 -40.82 20.57
CA ALA C 163 -4.83 -40.80 19.15
C ALA C 163 -4.61 -39.43 18.49
N GLY C 164 -4.97 -38.33 19.11
CA GLY C 164 -4.55 -37.04 18.52
C GLY C 164 -3.17 -36.57 18.99
N TYR C 165 -2.31 -37.48 19.42
CA TYR C 165 -0.94 -37.12 19.84
C TYR C 165 -0.18 -36.40 18.78
N GLN C 166 0.67 -35.47 19.16
CA GLN C 166 1.56 -34.84 18.19
C GLN C 166 2.75 -35.78 17.87
N VAL C 167 3.28 -35.67 16.67
CA VAL C 167 4.37 -36.54 16.17
C VAL C 167 5.55 -36.75 17.22
N CYS C 168 5.85 -35.76 18.03
CA CYS C 168 6.98 -35.89 18.96
C CYS C 168 6.80 -37.14 19.89
N TRP C 169 5.57 -37.53 20.21
CA TRP C 169 5.33 -38.71 21.04
C TRP C 169 5.63 -39.98 20.31
N GLU C 170 5.33 -40.04 19.04
CA GLU C 170 5.73 -41.18 18.24
C GLU C 170 7.31 -41.28 18.06
N LYS C 171 8.00 -40.17 17.81
CA LYS C 171 9.47 -40.15 17.82
C LYS C 171 9.98 -40.59 19.19
N PHE C 172 9.38 -40.10 20.29
CA PHE C 172 9.81 -40.56 21.64
C PHE C 172 9.76 -42.09 21.78
N CYS C 173 8.63 -42.63 21.39
CA CYS C 173 8.46 -44.08 21.41
C CYS C 173 9.39 -44.88 20.53
N VAL C 174 9.57 -44.46 19.30
CA VAL C 174 10.54 -45.10 18.43
C VAL C 174 11.94 -44.91 18.99
N TYR C 175 12.31 -43.73 19.42
CA TYR C 175 13.71 -43.53 19.80
C TYR C 175 14.14 -44.29 21.02
N TRP C 176 13.24 -44.40 21.97
CA TRP C 176 13.51 -44.99 23.24
C TRP C 176 12.85 -46.42 23.47
N ASP C 177 12.36 -47.02 22.41
CA ASP C 177 11.84 -48.38 22.45
C ASP C 177 10.66 -48.55 23.41
N ILE C 178 9.65 -47.70 23.26
CA ILE C 178 8.44 -47.70 24.10
C ILE C 178 7.26 -48.02 23.16
N ASP C 179 6.39 -48.94 23.55
CA ASP C 179 5.22 -49.21 22.74
C ASP C 179 4.24 -48.10 23.00
N MET C 180 3.52 -47.73 21.94
CA MET C 180 2.55 -46.64 22.04
C MET C 180 1.21 -47.29 22.19
N HIS C 181 0.58 -47.14 23.35
CA HIS C 181 -0.76 -47.71 23.53
C HIS C 181 -1.70 -46.54 23.23
N VAL C 182 -2.31 -46.56 22.03
CA VAL C 182 -3.07 -45.42 21.51
C VAL C 182 -4.57 -45.56 21.74
N VAL C 183 -5.18 -44.60 22.40
CA VAL C 183 -6.62 -44.60 22.69
C VAL C 183 -7.34 -43.95 21.50
N PRO C 184 -8.10 -44.73 20.70
CA PRO C 184 -8.68 -44.09 19.54
C PRO C 184 -9.73 -43.00 19.82
N MET C 185 -9.90 -42.12 18.85
CA MET C 185 -10.95 -41.09 18.94
C MET C 185 -12.17 -41.65 18.24
N ASP C 186 -13.37 -41.12 18.52
CA ASP C 186 -14.58 -41.36 17.66
C ASP C 186 -15.52 -40.13 17.74
N ASP C 187 -16.71 -40.16 17.10
CA ASP C 187 -17.60 -38.97 17.07
C ASP C 187 -17.95 -38.44 18.45
N ASP C 188 -18.05 -39.29 19.45
CA ASP C 188 -18.39 -38.82 20.82
C ASP C 188 -17.15 -38.40 21.66
N HIS C 189 -15.95 -38.75 21.17
CA HIS C 189 -14.65 -38.47 21.85
C HIS C 189 -13.57 -37.94 20.88
N MET C 190 -13.58 -36.63 20.71
CA MET C 190 -12.56 -35.86 19.99
C MET C 190 -11.39 -35.41 20.88
N SER C 191 -11.27 -36.10 22.03
CA SER C 191 -10.21 -35.94 23.00
C SER C 191 -10.08 -37.30 23.68
N LEU C 192 -9.17 -37.42 24.65
CA LEU C 192 -8.89 -38.70 25.29
C LEU C 192 -10.21 -39.32 25.81
N ASN C 193 -10.43 -40.55 25.45
CA ASN C 193 -11.54 -41.31 26.03
C ASN C 193 -11.20 -41.86 27.45
N VAL C 194 -11.60 -41.12 28.44
CA VAL C 194 -11.28 -41.45 29.80
C VAL C 194 -12.04 -42.65 30.33
N ASP C 195 -13.17 -42.95 29.70
CA ASP C 195 -13.99 -44.13 30.00
C ASP C 195 -13.20 -45.40 29.78
N HIS C 196 -12.27 -45.39 28.82
CA HIS C 196 -11.53 -46.59 28.44
C HIS C 196 -10.02 -46.54 28.55
N VAL C 197 -9.47 -45.43 29.00
CA VAL C 197 -8.03 -45.26 29.03
C VAL C 197 -7.34 -46.39 29.83
N LEU C 198 -7.94 -46.79 30.94
CA LEU C 198 -7.35 -47.89 31.74
C LEU C 198 -7.31 -49.23 31.04
N ASP C 199 -8.16 -49.47 30.04
CA ASP C 199 -8.02 -50.67 29.18
C ASP C 199 -6.57 -50.83 28.56
N TYR C 200 -5.88 -49.71 28.34
CA TYR C 200 -4.56 -49.66 27.72
C TYR C 200 -3.45 -49.67 28.75
N VAL C 201 -3.77 -49.50 30.03
CA VAL C 201 -2.76 -49.46 31.06
C VAL C 201 -2.41 -50.88 31.60
N ASP C 202 -1.13 -51.15 31.80
CA ASP C 202 -0.72 -52.42 32.41
C ASP C 202 0.58 -52.22 33.19
N ASP C 203 1.22 -53.30 33.65
CA ASP C 203 2.40 -53.23 34.54
C ASP C 203 3.58 -52.51 33.88
N TYR C 204 3.57 -52.50 32.55
CA TYR C 204 4.62 -51.93 31.77
C TYR C 204 4.42 -50.46 31.40
N THR C 205 3.31 -49.89 31.84
CA THR C 205 2.98 -48.53 31.54
C THR C 205 3.82 -47.56 32.33
N ILE C 206 4.51 -46.66 31.64
CA ILE C 206 5.37 -45.68 32.33
C ILE C 206 4.63 -44.40 32.72
N GLY C 207 3.46 -44.20 32.12
CA GLY C 207 2.64 -43.03 32.35
C GLY C 207 1.51 -42.84 31.34
N ILE C 208 0.69 -41.85 31.65
CA ILE C 208 -0.36 -41.43 30.77
C ILE C 208 -0.12 -40.01 30.39
N VAL C 209 -0.22 -39.73 29.11
CA VAL C 209 -0.02 -38.35 28.66
C VAL C 209 -1.41 -37.77 28.45
N GLY C 210 -1.74 -36.67 29.11
CA GLY C 210 -3.01 -35.98 28.81
C GLY C 210 -2.64 -34.73 28.07
N ILE C 211 -3.38 -34.46 27.00
CA ILE C 211 -3.08 -33.34 26.06
C ILE C 211 -3.99 -32.15 26.31
N MET C 212 -3.44 -31.07 26.81
CA MET C 212 -4.21 -29.88 27.10
C MET C 212 -4.27 -29.00 25.88
N GLY C 213 -4.93 -29.51 24.85
CA GLY C 213 -5.03 -28.81 23.61
C GLY C 213 -4.51 -29.65 22.51
N ILE C 214 -5.42 -30.37 21.87
CA ILE C 214 -5.00 -31.36 20.89
C ILE C 214 -4.77 -30.62 19.59
N THR C 215 -3.69 -30.96 18.90
CA THR C 215 -3.30 -30.23 17.66
C THR C 215 -4.39 -30.29 16.54
N TYR C 216 -4.94 -31.47 16.29
CA TYR C 216 -5.92 -31.73 15.22
C TYR C 216 -7.28 -31.11 15.49
N THR C 217 -7.73 -31.10 16.75
CA THR C 217 -9.12 -30.75 17.13
C THR C 217 -9.29 -29.53 18.04
N GLY C 218 -8.22 -29.01 18.62
CA GLY C 218 -8.27 -27.94 19.56
C GLY C 218 -8.89 -28.27 20.93
N GLN C 219 -9.23 -29.51 21.19
CA GLN C 219 -9.94 -29.82 22.44
C GLN C 219 -8.97 -30.16 23.58
N TYR C 220 -9.46 -29.99 24.79
CA TYR C 220 -8.76 -30.35 25.95
C TYR C 220 -9.13 -31.76 26.35
N ASP C 221 -8.17 -32.57 26.68
CA ASP C 221 -8.44 -33.80 27.41
C ASP C 221 -9.00 -33.41 28.77
N ASP C 222 -9.88 -34.28 29.28
CA ASP C 222 -10.50 -34.02 30.54
C ASP C 222 -9.48 -34.41 31.62
N LEU C 223 -8.54 -33.51 31.91
CA LEU C 223 -7.46 -33.85 32.86
C LEU C 223 -8.01 -34.14 34.30
N ALA C 224 -9.03 -33.41 34.76
CA ALA C 224 -9.52 -33.53 36.14
C ALA C 224 -10.13 -34.90 36.34
N ARG C 225 -10.86 -35.36 35.34
CA ARG C 225 -11.38 -36.70 35.35
C ARG C 225 -10.30 -37.77 35.29
N LEU C 226 -9.36 -37.63 34.37
CA LEU C 226 -8.23 -38.59 34.28
C LEU C 226 -7.45 -38.71 35.61
N ASP C 227 -7.25 -37.60 36.25
CA ASP C 227 -6.63 -37.55 37.55
C ASP C 227 -7.41 -38.40 38.57
N ALA C 228 -8.72 -38.28 38.61
CA ALA C 228 -9.53 -39.06 39.60
C ALA C 228 -9.43 -40.58 39.27
N VAL C 229 -9.50 -40.91 37.99
CA VAL C 229 -9.44 -42.27 37.51
C VAL C 229 -8.11 -42.90 37.90
N VAL C 230 -6.99 -42.19 37.64
CA VAL C 230 -5.70 -42.64 37.98
C VAL C 230 -5.60 -42.83 39.49
N GLU C 231 -6.11 -41.90 40.31
CA GLU C 231 -6.05 -42.00 41.79
C GLU C 231 -6.72 -43.34 42.21
N ARG C 232 -7.83 -43.68 41.57
CA ARG C 232 -8.56 -44.93 41.90
C ARG C 232 -7.77 -46.13 41.48
N TYR C 233 -7.24 -46.10 40.25
CA TYR C 233 -6.40 -47.16 39.71
C TYR C 233 -5.21 -47.46 40.63
N ASN C 234 -4.50 -46.41 40.99
CA ASN C 234 -3.29 -46.51 41.77
C ASN C 234 -3.49 -47.10 43.16
N ARG C 235 -4.69 -47.02 43.70
CA ARG C 235 -4.98 -47.58 45.02
C ARG C 235 -4.97 -49.07 45.02
N THR C 236 -5.07 -49.74 43.88
CA THR C 236 -5.16 -51.19 43.88
C THR C 236 -4.04 -51.94 43.17
N THR C 237 -2.90 -51.30 42.97
CA THR C 237 -1.74 -51.93 42.27
C THR C 237 -0.46 -51.41 42.89
N LYS C 238 0.61 -52.17 42.76
CA LYS C 238 1.97 -51.70 43.12
C LYS C 238 2.72 -51.20 41.88
N PHE C 239 2.01 -51.15 40.74
CA PHE C 239 2.47 -50.50 39.51
C PHE C 239 1.66 -49.24 39.23
N PRO C 240 1.82 -48.23 40.08
CA PRO C 240 1.07 -47.00 39.81
C PRO C 240 1.58 -46.26 38.54
N VAL C 241 0.69 -45.41 38.07
CA VAL C 241 0.80 -44.69 36.84
C VAL C 241 0.46 -43.23 37.16
N TYR C 242 1.23 -42.27 36.60
CA TYR C 242 1.04 -40.85 36.82
C TYR C 242 0.89 -40.16 35.47
N ILE C 243 0.51 -38.91 35.53
CA ILE C 243 0.09 -38.16 34.36
C ILE C 243 1.12 -37.12 34.02
N HIS C 244 1.47 -37.09 32.76
CA HIS C 244 2.22 -36.00 32.18
C HIS C 244 1.31 -35.17 31.30
N VAL C 245 1.31 -33.84 31.48
CA VAL C 245 0.43 -32.99 30.62
C VAL C 245 1.19 -32.33 29.51
N ASP C 246 0.83 -32.67 28.29
CA ASP C 246 1.36 -32.01 27.10
C ASP C 246 0.50 -30.81 26.87
N ALA C 247 0.88 -29.71 27.51
CA ALA C 247 0.16 -28.46 27.34
C ALA C 247 0.91 -27.58 26.35
N ALA C 248 1.50 -28.20 25.33
CA ALA C 248 2.24 -27.44 24.27
C ALA C 248 1.51 -26.09 23.95
N SER C 249 0.20 -26.18 23.66
CA SER C 249 -0.63 -25.01 23.35
C SER C 249 -1.33 -24.42 24.60
N GLY C 250 -2.11 -25.27 25.32
CA GLY C 250 -2.93 -24.80 26.40
C GLY C 250 -2.19 -24.17 27.57
N GLY C 251 -0.91 -24.50 27.75
CA GLY C 251 -0.21 -24.10 28.93
C GLY C 251 -0.09 -22.63 29.16
N PHE C 252 -0.04 -21.88 28.04
CA PHE C 252 0.15 -20.43 28.12
C PHE C 252 -1.14 -19.73 27.72
N TYR C 253 -2.21 -20.49 27.58
CA TYR C 253 -3.48 -19.95 27.16
C TYR C 253 -4.48 -20.16 28.29
N THR C 254 -4.75 -21.43 28.62
CA THR C 254 -5.78 -21.73 29.61
C THR C 254 -5.65 -21.05 30.99
N PRO C 255 -4.44 -20.79 31.47
CA PRO C 255 -4.44 -20.10 32.76
C PRO C 255 -4.99 -18.67 32.78
N PHE C 256 -4.98 -17.99 31.63
CA PHE C 256 -5.44 -16.62 31.54
C PHE C 256 -6.95 -16.53 31.19
N ILE C 257 -7.55 -17.49 30.50
CA ILE C 257 -8.98 -17.33 30.26
C ILE C 257 -9.90 -18.29 31.05
N GLU C 258 -9.39 -19.43 31.56
CA GLU C 258 -10.15 -20.35 32.41
C GLU C 258 -9.35 -20.71 33.61
N PRO C 259 -9.06 -19.72 34.46
CA PRO C 259 -8.19 -20.04 35.56
C PRO C 259 -8.76 -21.06 36.59
N GLU C 260 -10.09 -21.28 36.61
CA GLU C 260 -10.75 -22.20 37.51
C GLU C 260 -10.68 -23.64 36.97
N LEU C 261 -10.39 -23.83 35.68
CA LEU C 261 -10.24 -25.20 35.18
C LEU C 261 -9.01 -25.90 35.76
N LYS C 262 -9.23 -26.98 36.51
CA LYS C 262 -8.12 -27.76 37.07
C LYS C 262 -7.58 -28.72 36.02
N TRP C 263 -6.37 -28.41 35.53
CA TRP C 263 -5.67 -29.25 34.54
C TRP C 263 -4.18 -29.45 34.93
N ASP C 264 -3.70 -28.76 35.95
CA ASP C 264 -2.26 -28.57 36.11
C ASP C 264 -1.85 -29.22 37.43
N PHE C 265 -0.88 -28.65 38.15
CA PHE C 265 -0.39 -29.27 39.34
C PHE C 265 -1.39 -29.22 40.52
N ARG C 266 -2.53 -28.52 40.41
CA ARG C 266 -3.61 -28.67 41.36
C ARG C 266 -4.12 -30.11 41.36
N LEU C 267 -3.95 -30.83 40.26
CA LEU C 267 -4.22 -32.26 40.22
C LEU C 267 -3.02 -33.07 40.80
N ASN C 268 -3.31 -33.90 41.79
CA ASN C 268 -2.25 -34.61 42.58
C ASN C 268 -1.40 -35.57 41.72
N ASN C 269 -2.02 -36.20 40.72
CA ASN C 269 -1.30 -37.16 39.89
C ASN C 269 -0.70 -36.57 38.61
N VAL C 270 -0.79 -35.25 38.42
CA VAL C 270 0.02 -34.54 37.41
C VAL C 270 1.44 -34.33 37.96
N ILE C 271 2.38 -35.05 37.41
CA ILE C 271 3.77 -34.98 37.87
C ILE C 271 4.68 -34.06 37.04
N SER C 272 4.32 -33.83 35.79
CA SER C 272 5.08 -32.93 34.95
C SER C 272 4.20 -32.40 33.85
N ILE C 273 4.61 -31.26 33.32
CA ILE C 273 3.89 -30.48 32.34
C ILE C 273 4.91 -29.85 31.38
N ASN C 274 4.59 -29.86 30.08
CA ASN C 274 5.30 -29.09 29.10
C ASN C 274 4.40 -28.07 28.41
N ALA C 275 5.03 -27.02 27.88
CA ALA C 275 4.33 -26.04 27.00
C ALA C 275 5.36 -25.39 26.06
N SER C 276 4.90 -24.95 24.89
CA SER C 276 5.71 -24.31 23.88
C SER C 276 5.56 -22.81 24.06
N GLY C 277 6.67 -22.12 24.35
CA GLY C 277 6.63 -20.66 24.48
C GLY C 277 6.37 -20.05 23.13
N HIS C 278 6.77 -20.73 22.05
CA HIS C 278 6.49 -20.20 20.70
C HIS C 278 5.12 -20.58 20.17
N LYS C 279 4.29 -21.14 21.05
CA LYS C 279 2.88 -21.42 20.78
C LYS C 279 2.13 -20.27 21.53
N TYR C 280 1.26 -20.47 22.51
CA TYR C 280 0.51 -19.34 23.12
C TYR C 280 1.33 -18.62 24.10
N GLY C 281 2.58 -19.02 24.26
CA GLY C 281 3.53 -18.19 25.05
C GLY C 281 4.00 -16.89 24.34
N LEU C 282 3.73 -16.76 23.05
CA LEU C 282 3.88 -15.51 22.30
C LEU C 282 5.32 -15.18 21.84
N VAL C 283 6.17 -16.21 21.74
CA VAL C 283 7.56 -16.03 21.36
C VAL C 283 7.75 -16.58 19.98
N TYR C 284 8.65 -16.03 19.19
CA TYR C 284 8.98 -16.63 17.91
C TYR C 284 9.60 -18.03 18.11
N PRO C 285 9.61 -18.88 17.07
CA PRO C 285 10.08 -20.24 17.25
C PRO C 285 11.41 -20.43 17.91
N GLY C 286 11.44 -21.35 18.90
CA GLY C 286 12.69 -21.79 19.55
C GLY C 286 12.79 -21.81 21.07
N VAL C 287 11.64 -21.75 21.78
CA VAL C 287 11.57 -22.03 23.17
C VAL C 287 10.31 -22.83 23.62
N GLY C 288 10.56 -23.84 24.46
CA GLY C 288 9.57 -24.61 25.20
C GLY C 288 9.99 -24.68 26.66
N TRP C 289 9.18 -25.30 27.47
CA TRP C 289 9.39 -25.36 28.91
C TRP C 289 8.87 -26.71 29.45
N VAL C 290 9.58 -27.28 30.42
CA VAL C 290 9.12 -28.48 31.11
C VAL C 290 9.33 -28.26 32.59
N ILE C 291 8.27 -28.55 33.35
CA ILE C 291 8.33 -28.46 34.78
C ILE C 291 7.86 -29.78 35.41
N TRP C 292 8.60 -30.23 36.43
CA TRP C 292 8.29 -31.35 37.37
C TRP C 292 7.72 -30.82 38.69
N ARG C 293 6.69 -31.48 39.24
CA ARG C 293 6.03 -30.94 40.43
C ARG C 293 6.96 -30.99 41.63
N ASP C 294 7.94 -31.89 41.57
CA ASP C 294 8.85 -32.09 42.67
C ASP C 294 10.13 -32.79 42.19
N GLN C 295 11.24 -32.50 42.83
CA GLN C 295 12.51 -33.20 42.56
C GLN C 295 12.47 -34.74 42.51
N GLN C 296 11.60 -35.41 43.27
CA GLN C 296 11.60 -36.86 43.23
C GLN C 296 11.10 -37.43 41.91
N TYR C 297 10.41 -36.65 41.07
CA TYR C 297 9.92 -37.19 39.78
C TYR C 297 10.93 -37.07 38.64
N LEU C 298 12.12 -36.60 38.99
CA LEU C 298 13.17 -36.44 38.06
C LEU C 298 14.38 -37.31 38.45
N PRO C 299 14.52 -38.49 37.84
CA PRO C 299 15.65 -39.32 38.21
C PRO C 299 17.02 -38.59 38.06
N LYS C 300 17.82 -38.66 39.11
CA LYS C 300 19.15 -38.11 39.19
C LYS C 300 20.10 -38.50 38.01
N GLU C 301 19.98 -39.70 37.45
CA GLU C 301 20.80 -40.03 36.27
C GLU C 301 20.53 -39.13 35.05
N LEU C 302 19.37 -38.46 34.99
CA LEU C 302 19.07 -37.54 33.89
C LEU C 302 19.58 -36.15 34.13
N VAL C 303 20.13 -35.92 35.33
CA VAL C 303 20.60 -34.60 35.70
C VAL C 303 22.10 -34.50 35.50
N PHE C 304 22.52 -33.57 34.67
CA PHE C 304 23.92 -33.31 34.46
C PHE C 304 24.17 -31.97 35.13
N LYS C 305 25.05 -31.95 36.11
CA LYS C 305 25.37 -30.74 36.88
C LYS C 305 26.45 -29.86 36.22
N VAL C 306 26.38 -28.55 36.45
CA VAL C 306 27.33 -27.56 35.90
C VAL C 306 27.90 -26.52 36.88
N SER C 307 28.90 -25.77 36.43
CA SER C 307 29.67 -24.76 37.21
C SER C 307 29.19 -23.34 37.65
N TYR C 308 27.98 -22.92 37.39
CA TYR C 308 27.54 -21.53 37.74
C TYR C 308 27.63 -20.90 39.16
N LEU C 309 28.15 -19.68 39.20
CA LEU C 309 28.35 -18.86 40.42
C LEU C 309 29.19 -19.55 41.50
N GLY C 310 28.79 -19.55 42.75
CA GLY C 310 29.60 -20.34 43.66
C GLY C 310 29.60 -21.85 43.44
N GLY C 311 28.42 -22.40 43.23
CA GLY C 311 28.23 -23.81 43.14
C GLY C 311 28.00 -24.52 41.85
N GLU C 312 27.14 -25.50 41.92
CA GLU C 312 26.80 -26.28 40.76
C GLU C 312 25.31 -26.38 40.51
N LEU C 313 24.90 -26.08 39.30
CA LEU C 313 23.53 -26.12 38.92
C LEU C 313 23.11 -27.37 38.12
N PRO C 314 21.98 -27.95 38.50
CA PRO C 314 21.44 -29.11 37.81
C PRO C 314 20.81 -28.72 36.48
N THR C 315 21.04 -29.54 35.46
CA THR C 315 20.52 -29.33 34.11
C THR C 315 19.89 -30.60 33.54
N MET C 316 18.86 -30.44 32.72
CA MET C 316 18.15 -31.50 32.06
C MET C 316 18.01 -30.94 30.65
N ALA C 317 18.49 -31.63 29.67
CA ALA C 317 18.69 -30.97 28.35
C ALA C 317 19.14 -32.00 27.39
N ILE C 318 18.53 -32.04 26.22
CA ILE C 318 19.01 -32.89 25.17
C ILE C 318 19.99 -32.10 24.29
N ASN C 319 19.60 -30.88 23.91
CA ASN C 319 20.45 -29.95 23.16
C ASN C 319 21.54 -29.42 24.03
N PHE C 320 22.62 -28.90 23.42
CA PHE C 320 23.68 -28.18 24.15
C PHE C 320 23.63 -26.71 23.71
N SER C 321 24.65 -26.15 23.02
CA SER C 321 24.59 -24.74 22.59
C SER C 321 23.39 -24.46 21.71
N HIS C 322 22.78 -23.33 21.94
CA HIS C 322 21.68 -22.79 21.14
C HIS C 322 21.37 -21.33 21.53
N SER C 323 20.60 -20.66 20.74
CA SER C 323 20.27 -19.27 21.03
C SER C 323 19.52 -19.11 22.33
N ALA C 324 19.91 -18.11 23.10
CA ALA C 324 19.16 -17.57 24.23
C ALA C 324 18.12 -16.50 23.84
N SER C 325 18.06 -16.12 22.57
CA SER C 325 17.16 -15.06 22.13
C SER C 325 15.69 -15.33 22.54
N GLN C 326 15.22 -16.56 22.30
CA GLN C 326 13.80 -16.90 22.52
C GLN C 326 13.52 -16.94 24.02
N LEU C 327 14.45 -17.48 24.78
CA LEU C 327 14.35 -17.45 26.22
C LEU C 327 14.20 -16.03 26.79
N ILE C 328 15.06 -15.15 26.32
CA ILE C 328 15.04 -13.78 26.73
C ILE C 328 13.76 -13.10 26.23
N GLY C 329 13.33 -13.40 24.99
CA GLY C 329 12.04 -13.03 24.46
C GLY C 329 10.85 -13.39 25.41
N GLN C 330 10.88 -14.62 25.95
CA GLN C 330 9.84 -15.09 26.84
C GLN C 330 9.84 -14.24 28.11
N TYR C 331 11.00 -13.98 28.71
CA TYR C 331 11.07 -13.17 29.92
C TYR C 331 10.63 -11.74 29.60
N TYR C 332 11.06 -11.21 28.43
CA TYR C 332 10.56 -9.93 28.01
C TYR C 332 9.05 -9.93 28.01
N ASN C 333 8.46 -10.95 27.44
CA ASN C 333 7.01 -10.98 27.34
C ASN C 333 6.35 -10.99 28.71
N PHE C 334 6.86 -11.81 29.62
CA PHE C 334 6.36 -11.89 30.98
C PHE C 334 6.42 -10.56 31.75
N ILE C 335 7.53 -9.82 31.58
CA ILE C 335 7.76 -8.51 32.24
C ILE C 335 6.89 -7.44 31.60
N ARG C 336 6.85 -7.45 30.28
CA ARG C 336 6.09 -6.47 29.51
C ARG C 336 4.59 -6.61 29.71
N PHE C 337 4.04 -7.81 29.52
CA PHE C 337 2.59 -8.00 29.55
C PHE C 337 2.04 -8.28 30.96
N GLY C 338 2.81 -8.99 31.76
CA GLY C 338 2.31 -9.55 33.02
C GLY C 338 0.99 -10.33 32.88
N PHE C 339 0.31 -10.55 34.02
CA PHE C 339 -0.92 -11.33 33.96
C PHE C 339 -1.98 -10.69 33.10
N ASP C 340 -2.26 -9.43 33.38
CA ASP C 340 -3.35 -8.71 32.71
C ASP C 340 -3.12 -8.60 31.22
N GLY C 341 -1.87 -8.35 30.83
CA GLY C 341 -1.51 -8.25 29.42
C GLY C 341 -1.69 -9.56 28.70
N TYR C 342 -1.15 -10.64 29.27
CA TYR C 342 -1.42 -11.97 28.67
C TYR C 342 -2.90 -12.23 28.54
N ARG C 343 -3.64 -11.96 29.61
CA ARG C 343 -5.08 -12.19 29.57
C ARG C 343 -5.77 -11.39 28.44
N GLU C 344 -5.41 -10.12 28.33
CA GLU C 344 -6.01 -9.26 27.28
C GLU C 344 -5.72 -9.82 25.88
N ILE C 345 -4.49 -10.31 25.66
CA ILE C 345 -4.11 -10.90 24.38
C ILE C 345 -4.89 -12.16 24.10
N GLN C 346 -4.92 -13.06 25.07
CA GLN C 346 -5.64 -14.31 24.92
C GLN C 346 -7.19 -14.14 24.81
N GLU C 347 -7.76 -13.17 25.52
CA GLU C 347 -9.22 -12.90 25.40
C GLU C 347 -9.55 -12.37 24.03
N LYS C 348 -8.66 -11.56 23.49
CA LYS C 348 -8.82 -11.00 22.16
C LYS C 348 -8.77 -12.13 21.13
N THR C 349 -7.74 -12.95 21.26
CA THR C 349 -7.60 -14.12 20.47
C THR C 349 -8.84 -14.98 20.59
N HIS C 350 -9.27 -15.29 21.82
CA HIS C 350 -10.61 -15.99 22.03
C HIS C 350 -11.81 -15.37 21.24
N ASP C 351 -11.86 -14.06 21.25
CA ASP C 351 -13.01 -13.34 20.60
C ASP C 351 -12.91 -13.51 19.08
N VAL C 352 -11.67 -13.50 18.55
CA VAL C 352 -11.57 -13.65 17.10
C VAL C 352 -12.02 -15.05 16.69
N ALA C 353 -11.58 -16.04 17.44
CA ALA C 353 -11.95 -17.44 17.19
C ALA C 353 -13.50 -17.63 17.19
N ARG C 354 -14.12 -16.98 18.16
CA ARG C 354 -15.61 -17.05 18.34
C ARG C 354 -16.31 -16.34 17.19
N TYR C 355 -15.79 -15.17 16.82
CA TYR C 355 -16.25 -14.48 15.63
C TYR C 355 -16.18 -15.37 14.40
N LEU C 356 -15.07 -16.12 14.24
CA LEU C 356 -14.98 -16.98 13.08
C LEU C 356 -15.98 -18.14 13.15
N ALA C 357 -16.06 -18.81 14.28
CA ALA C 357 -17.07 -19.87 14.41
C ALA C 357 -18.50 -19.36 14.08
N LYS C 358 -18.84 -18.20 14.62
CA LYS C 358 -20.19 -17.67 14.34
C LYS C 358 -20.30 -17.27 12.86
N SER C 359 -19.20 -16.83 12.21
CA SER C 359 -19.28 -16.42 10.80
C SER C 359 -19.47 -17.62 9.91
N LEU C 360 -18.77 -18.74 10.20
CA LEU C 360 -19.01 -19.95 9.47
C LEU C 360 -20.46 -20.48 9.67
N THR C 361 -20.99 -20.38 10.89
CA THR C 361 -22.38 -20.90 11.10
C THR C 361 -23.38 -20.06 10.32
N LYS C 362 -23.16 -18.74 10.30
CA LYS C 362 -23.92 -17.75 9.47
C LYS C 362 -23.90 -18.07 8.01
N LEU C 363 -22.74 -18.47 7.49
CA LEU C 363 -22.67 -18.91 6.09
C LEU C 363 -23.40 -20.22 5.87
N GLY C 364 -23.48 -21.09 6.86
CA GLY C 364 -24.10 -22.40 6.62
C GLY C 364 -23.25 -23.30 5.75
N GLY C 365 -23.53 -24.60 5.82
CA GLY C 365 -22.78 -25.56 5.01
C GLY C 365 -21.58 -26.16 5.75
N PHE C 366 -21.27 -25.68 6.96
CA PHE C 366 -20.20 -26.26 7.74
C PHE C 366 -20.71 -26.92 9.00
N SER C 367 -20.05 -28.02 9.39
CA SER C 367 -20.27 -28.66 10.65
C SER C 367 -19.05 -28.47 11.51
N LEU C 368 -19.19 -27.72 12.60
CA LEU C 368 -18.10 -27.46 13.52
C LEU C 368 -17.70 -28.66 14.42
N ILE C 369 -16.48 -29.20 14.24
CA ILE C 369 -15.90 -30.11 15.23
C ILE C 369 -15.44 -29.38 16.45
N ASN C 370 -14.83 -28.20 16.28
CA ASN C 370 -14.51 -27.37 17.43
C ASN C 370 -14.88 -25.94 17.14
N ASP C 371 -15.51 -25.29 18.09
CA ASP C 371 -16.11 -24.01 17.82
C ASP C 371 -15.40 -22.89 18.54
N GLY C 372 -14.18 -23.20 19.04
CA GLY C 372 -13.39 -22.18 19.77
C GLY C 372 -13.73 -21.81 21.16
N HIS C 373 -14.48 -22.66 21.86
CA HIS C 373 -14.71 -22.39 23.27
C HIS C 373 -13.43 -22.78 24.05
N GLU C 374 -12.71 -23.82 23.65
CA GLU C 374 -11.53 -24.27 24.41
C GLU C 374 -10.32 -23.47 23.85
N LEU C 375 -9.35 -24.13 23.19
CA LEU C 375 -8.34 -23.42 22.43
C LEU C 375 -8.95 -22.52 21.31
N PRO C 376 -8.26 -21.43 20.94
CA PRO C 376 -8.75 -20.62 19.82
C PRO C 376 -8.43 -21.25 18.49
N LEU C 377 -9.04 -22.39 18.25
CA LEU C 377 -8.93 -23.10 17.03
C LEU C 377 -10.34 -23.46 16.55
N ILE C 378 -10.66 -23.25 15.28
CA ILE C 378 -11.92 -23.71 14.76
C ILE C 378 -11.61 -24.81 13.84
N CYS C 379 -12.42 -25.84 13.92
CA CYS C 379 -12.22 -27.06 13.23
C CYS C 379 -13.54 -27.46 12.63
N TYR C 380 -13.56 -27.77 11.35
CA TYR C 380 -14.80 -28.03 10.67
C TYR C 380 -14.69 -28.99 9.49
N GLU C 381 -15.84 -29.54 9.07
CA GLU C 381 -15.99 -30.33 7.85
C GLU C 381 -17.16 -29.78 7.10
N LEU C 382 -17.32 -30.14 5.85
CA LEU C 382 -18.46 -29.76 5.09
C LEU C 382 -19.64 -30.68 5.44
N THR C 383 -20.83 -30.10 5.58
CA THR C 383 -21.99 -30.92 5.95
C THR C 383 -22.39 -31.61 4.68
N ALA C 384 -22.75 -32.88 4.81
CA ALA C 384 -23.33 -33.69 3.72
C ALA C 384 -24.25 -32.88 2.78
N ASP C 385 -23.98 -32.96 1.48
CA ASP C 385 -24.77 -32.31 0.42
C ASP C 385 -24.37 -32.93 -0.93
N SER C 386 -25.27 -33.72 -1.50
CA SER C 386 -24.99 -34.41 -2.78
C SER C 386 -24.84 -33.47 -3.98
N ASP C 387 -25.46 -32.29 -3.95
CA ASP C 387 -25.32 -31.32 -5.04
C ASP C 387 -24.13 -30.34 -4.90
N ARG C 388 -23.14 -30.72 -4.10
CA ARG C 388 -21.90 -29.97 -4.01
C ARG C 388 -20.76 -30.75 -4.65
N GLU C 389 -20.30 -30.22 -5.77
CA GLU C 389 -19.22 -30.84 -6.56
C GLU C 389 -17.82 -30.72 -5.89
N TRP C 390 -17.57 -29.62 -5.18
CA TRP C 390 -16.25 -29.29 -4.60
C TRP C 390 -16.03 -29.80 -3.17
N THR C 391 -14.78 -29.95 -2.76
CA THR C 391 -14.43 -30.41 -1.41
C THR C 391 -13.66 -29.35 -0.59
N LEU C 392 -13.26 -29.70 0.62
CA LEU C 392 -12.41 -28.86 1.43
C LEU C 392 -11.02 -28.59 0.78
N TYR C 393 -10.51 -29.54 0.00
CA TYR C 393 -9.26 -29.40 -0.75
C TYR C 393 -9.35 -28.26 -1.76
N ASP C 394 -10.44 -28.23 -2.51
CA ASP C 394 -10.74 -27.11 -3.38
C ASP C 394 -10.92 -25.80 -2.64
N LEU C 395 -11.48 -25.84 -1.44
CA LEU C 395 -11.64 -24.60 -0.67
C LEU C 395 -10.24 -24.10 -0.23
N SER C 396 -9.35 -24.98 0.19
CA SER C 396 -7.98 -24.61 0.58
C SER C 396 -7.31 -23.88 -0.55
N ASP C 397 -7.48 -24.44 -1.76
CA ASP C 397 -6.95 -23.86 -2.97
C ASP C 397 -7.43 -22.44 -3.21
N ARG C 398 -8.75 -22.19 -3.12
CA ARG C 398 -9.26 -20.84 -3.39
C ARG C 398 -8.82 -19.85 -2.31
N LEU C 399 -8.75 -20.28 -1.05
CA LEU C 399 -8.27 -19.40 0.02
C LEU C 399 -6.81 -19.02 -0.22
N LEU C 400 -6.02 -19.98 -0.73
CA LEU C 400 -4.56 -19.79 -0.99
C LEU C 400 -4.38 -18.73 -2.10
N MET C 401 -5.22 -18.81 -3.14
CA MET C 401 -5.32 -17.76 -4.18
C MET C 401 -5.59 -16.39 -3.62
N LYS C 402 -6.40 -16.33 -2.57
CA LYS C 402 -6.69 -15.08 -1.89
C LYS C 402 -5.70 -14.81 -0.77
N GLY C 403 -4.57 -15.55 -0.71
CA GLY C 403 -3.49 -15.30 0.25
C GLY C 403 -3.50 -16.04 1.60
N TRP C 404 -4.48 -16.89 1.87
CA TRP C 404 -4.57 -17.50 3.23
C TRP C 404 -4.17 -18.98 3.13
N GLN C 405 -3.33 -19.45 4.03
CA GLN C 405 -3.04 -20.89 4.07
C GLN C 405 -3.99 -21.56 5.04
N VAL C 406 -4.88 -22.35 4.52
CA VAL C 406 -5.86 -23.06 5.38
C VAL C 406 -5.96 -24.46 4.84
N PRO C 407 -5.10 -25.34 5.29
CA PRO C 407 -5.05 -26.61 4.66
C PRO C 407 -6.07 -27.64 5.28
N THR C 408 -6.23 -28.71 4.51
CA THR C 408 -7.09 -29.82 4.77
C THR C 408 -6.33 -31.10 5.18
N TYR C 409 -6.84 -31.85 6.15
CA TYR C 409 -6.19 -33.11 6.54
C TYR C 409 -7.23 -34.07 7.17
N PRO C 410 -6.93 -35.42 7.20
CA PRO C 410 -7.75 -36.39 7.91
C PRO C 410 -7.60 -36.40 9.43
N LEU C 411 -8.68 -36.79 10.08
CA LEU C 411 -8.64 -37.07 11.47
C LEU C 411 -7.77 -38.31 11.82
N PRO C 412 -7.28 -38.36 13.10
CA PRO C 412 -6.58 -39.54 13.60
C PRO C 412 -7.43 -40.84 13.65
N LYS C 413 -6.67 -41.90 13.94
CA LYS C 413 -7.17 -43.26 13.99
C LYS C 413 -8.50 -43.35 14.67
N ASN C 414 -9.30 -44.07 13.89
CA ASN C 414 -10.74 -44.39 13.96
C ASN C 414 -11.62 -43.42 13.21
N MET C 415 -11.11 -42.23 12.88
CA MET C 415 -11.81 -41.28 11.96
C MET C 415 -10.97 -40.86 10.75
N THR C 416 -10.10 -41.76 10.27
CA THR C 416 -9.16 -41.45 9.19
C THR C 416 -9.86 -41.12 7.85
N ASP C 417 -11.11 -41.57 7.70
CA ASP C 417 -11.95 -41.20 6.56
C ASP C 417 -12.58 -39.79 6.67
N ARG C 418 -12.55 -39.15 7.86
CA ARG C 418 -13.07 -37.76 8.03
C ARG C 418 -12.07 -36.65 7.69
N VAL C 419 -12.47 -35.80 6.74
CA VAL C 419 -11.63 -34.75 6.17
C VAL C 419 -12.05 -33.44 6.81
N ILE C 420 -11.10 -32.77 7.46
CA ILE C 420 -11.42 -31.48 8.12
C ILE C 420 -10.48 -30.34 7.71
N GLN C 421 -10.88 -29.12 8.03
CA GLN C 421 -10.07 -27.93 7.89
C GLN C 421 -10.01 -27.33 9.24
N ARG C 422 -8.97 -26.58 9.45
CA ARG C 422 -8.65 -26.02 10.75
C ARG C 422 -8.19 -24.58 10.58
N ILE C 423 -8.53 -23.69 11.51
CA ILE C 423 -8.07 -22.32 11.51
C ILE C 423 -7.57 -22.16 12.89
N VAL C 424 -6.30 -21.88 13.04
CA VAL C 424 -5.83 -21.62 14.36
C VAL C 424 -5.60 -20.18 14.46
N VAL C 425 -6.16 -19.60 15.50
CA VAL C 425 -6.04 -18.22 15.71
C VAL C 425 -4.99 -17.93 16.74
N ARG C 426 -4.09 -17.07 16.31
CA ARG C 426 -2.97 -16.64 17.15
C ARG C 426 -3.18 -15.18 17.47
N ALA C 427 -2.29 -14.69 18.35
CA ALA C 427 -2.32 -13.35 18.89
C ALA C 427 -2.36 -12.23 17.85
N ASP C 428 -1.64 -12.43 16.73
CA ASP C 428 -1.53 -11.45 15.62
C ASP C 428 -2.60 -11.57 14.54
N PHE C 429 -3.67 -12.37 14.76
CA PHE C 429 -4.80 -12.42 13.89
C PHE C 429 -5.86 -11.49 14.53
N GLY C 430 -5.79 -10.23 14.19
CA GLY C 430 -6.70 -9.24 14.78
C GLY C 430 -8.09 -9.28 14.15
N MET C 431 -9.01 -8.62 14.83
CA MET C 431 -10.40 -8.74 14.45
C MET C 431 -10.64 -8.16 13.02
N SER C 432 -10.00 -7.04 12.67
CA SER C 432 -10.10 -6.48 11.28
C SER C 432 -9.61 -7.46 10.25
N MET C 433 -8.46 -8.10 10.53
CA MET C 433 -7.96 -9.13 9.63
C MET C 433 -8.94 -10.26 9.50
N ALA C 434 -9.60 -10.65 10.59
CA ALA C 434 -10.59 -11.75 10.52
C ALA C 434 -11.83 -11.45 9.72
N HIS C 435 -12.33 -10.23 9.80
CA HIS C 435 -13.41 -9.80 8.86
C HIS C 435 -12.99 -9.87 7.42
N ASP C 436 -11.77 -9.46 7.11
CA ASP C 436 -11.26 -9.63 5.74
C ASP C 436 -11.20 -11.09 5.37
N PHE C 437 -10.65 -11.93 6.26
CA PHE C 437 -10.68 -13.39 5.98
C PHE C 437 -12.12 -13.90 5.65
N ILE C 438 -13.11 -13.49 6.44
CA ILE C 438 -14.46 -14.01 6.24
C ILE C 438 -15.02 -13.54 4.88
N ASP C 439 -14.68 -12.33 4.47
CA ASP C 439 -15.11 -11.82 3.12
C ASP C 439 -14.43 -12.59 2.00
N ASP C 440 -13.15 -12.85 2.18
CA ASP C 440 -12.46 -13.83 1.29
C ASP C 440 -13.11 -15.20 1.29
N LEU C 441 -13.40 -15.74 2.46
CA LEU C 441 -14.02 -17.08 2.51
C LEU C 441 -15.38 -17.08 1.84
N THR C 442 -16.20 -16.08 2.14
CA THR C 442 -17.52 -15.90 1.51
C THR C 442 -17.46 -15.89 0.00
N GLN C 443 -16.54 -15.09 -0.55
CA GLN C 443 -16.33 -15.02 -2.02
C GLN C 443 -15.83 -16.35 -2.64
N ALA C 444 -14.89 -17.02 -1.98
CA ALA C 444 -14.41 -18.31 -2.43
C ALA C 444 -15.57 -19.35 -2.56
N ILE C 445 -16.38 -19.47 -1.51
CA ILE C 445 -17.59 -20.32 -1.54
C ILE C 445 -18.44 -20.01 -2.81
N HIS C 446 -18.81 -18.75 -2.99
CA HIS C 446 -19.55 -18.26 -4.17
C HIS C 446 -18.85 -18.72 -5.45
N ASP C 447 -17.55 -18.48 -5.59
CA ASP C 447 -16.83 -18.89 -6.81
C ASP C 447 -16.96 -20.39 -7.04
N LEU C 448 -16.74 -21.17 -5.97
CA LEU C 448 -16.77 -22.63 -6.01
C LEU C 448 -18.15 -23.15 -6.42
N ASP C 449 -19.23 -22.48 -5.97
CA ASP C 449 -20.61 -22.86 -6.31
C ASP C 449 -20.98 -22.58 -7.77
N GLN C 450 -20.11 -21.91 -8.51
CA GLN C 450 -20.32 -21.64 -9.94
C GLN C 450 -19.28 -22.35 -10.82
N ALA C 451 -18.51 -23.26 -10.23
CA ALA C 451 -17.32 -23.78 -10.88
C ALA C 451 -17.61 -24.97 -11.82
#